data_2IFB
# 
_entry.id   2IFB 
# 
_audit_conform.dict_name       mmcif_pdbx.dic 
_audit_conform.dict_version    5.387 
_audit_conform.dict_location   http://mmcif.pdb.org/dictionaries/ascii/mmcif_pdbx.dic 
# 
loop_
_database_2.database_id 
_database_2.database_code 
_database_2.pdbx_database_accession 
_database_2.pdbx_DOI 
PDB   2IFB         pdb_00002ifb 10.2210/pdb2ifb/pdb 
WWPDB D_1000178241 ?            ?                   
# 
loop_
_pdbx_audit_revision_history.ordinal 
_pdbx_audit_revision_history.data_content_type 
_pdbx_audit_revision_history.major_revision 
_pdbx_audit_revision_history.minor_revision 
_pdbx_audit_revision_history.revision_date 
1 'Structure model' 1 0 1992-01-15 
2 'Structure model' 1 1 2008-03-24 
3 'Structure model' 1 2 2011-07-13 
4 'Structure model' 1 3 2024-02-21 
# 
_pdbx_audit_revision_details.ordinal             1 
_pdbx_audit_revision_details.revision_ordinal    1 
_pdbx_audit_revision_details.data_content_type   'Structure model' 
_pdbx_audit_revision_details.provider            repository 
_pdbx_audit_revision_details.type                'Initial release' 
_pdbx_audit_revision_details.description         ? 
_pdbx_audit_revision_details.details             ? 
# 
loop_
_pdbx_audit_revision_group.ordinal 
_pdbx_audit_revision_group.revision_ordinal 
_pdbx_audit_revision_group.data_content_type 
_pdbx_audit_revision_group.group 
1 2 'Structure model' 'Version format compliance' 
2 3 'Structure model' 'Version format compliance' 
3 4 'Structure model' 'Data collection'           
4 4 'Structure model' 'Database references'       
5 4 'Structure model' 'Derived calculations'      
6 4 'Structure model' Other                       
# 
loop_
_pdbx_audit_revision_category.ordinal 
_pdbx_audit_revision_category.revision_ordinal 
_pdbx_audit_revision_category.data_content_type 
_pdbx_audit_revision_category.category 
1 4 'Structure model' chem_comp_atom       
2 4 'Structure model' chem_comp_bond       
3 4 'Structure model' database_2           
4 4 'Structure model' pdbx_database_status 
5 4 'Structure model' struct_site          
# 
loop_
_pdbx_audit_revision_item.ordinal 
_pdbx_audit_revision_item.revision_ordinal 
_pdbx_audit_revision_item.data_content_type 
_pdbx_audit_revision_item.item 
1 4 'Structure model' '_database_2.pdbx_DOI'                
2 4 'Structure model' '_database_2.pdbx_database_accession' 
3 4 'Structure model' '_pdbx_database_status.process_site'  
4 4 'Structure model' '_struct_site.pdbx_auth_asym_id'      
5 4 'Structure model' '_struct_site.pdbx_auth_comp_id'      
6 4 'Structure model' '_struct_site.pdbx_auth_seq_id'       
# 
_pdbx_database_status.status_code                     REL 
_pdbx_database_status.entry_id                        2IFB 
_pdbx_database_status.recvd_initial_deposition_date   1990-12-05 
_pdbx_database_status.deposit_site                    ? 
_pdbx_database_status.process_site                    BNL 
_pdbx_database_status.SG_entry                        . 
_pdbx_database_status.pdb_format_compatible           Y 
_pdbx_database_status.status_code_mr                  ? 
_pdbx_database_status.status_code_sf                  ? 
_pdbx_database_status.status_code_cs                  ? 
_pdbx_database_status.status_code_nmr_data            ? 
_pdbx_database_status.methods_development_category    ? 
# 
loop_
_audit_author.name 
_audit_author.pdbx_ordinal 
'Sacchettini, J.C.' 1 
'Gordon, J.I.'      2 
'Banaszak, L.J.'    3 
# 
_citation.id                        primary 
_citation.title                     
;Crystal structure of rat intestinal fatty-acid-binding protein. Refinement and analysis of the Escherichia coli-derived protein with bound palmitate.
;
_citation.journal_abbrev            J.Mol.Biol. 
_citation.journal_volume            208 
_citation.page_first                327 
_citation.page_last                 339 
_citation.year                      1989 
_citation.journal_id_ASTM           JMOBAK 
_citation.country                   UK 
_citation.journal_id_ISSN           0022-2836 
_citation.journal_id_CSD            0070 
_citation.book_publisher            ? 
_citation.pdbx_database_id_PubMed   2671390 
_citation.pdbx_database_id_DOI      '10.1016/0022-2836(89)90392-6' 
# 
loop_
_citation_author.citation_id 
_citation_author.name 
_citation_author.ordinal 
_citation_author.identifier_ORCID 
primary 'Sacchettini, J.C.' 1 ? 
primary 'Gordon, J.I.'      2 ? 
primary 'Banaszak, L.J.'    3 ? 
# 
loop_
_entity.id 
_entity.type 
_entity.src_method 
_entity.pdbx_description 
_entity.formula_weight 
_entity.pdbx_number_of_molecules 
_entity.pdbx_ec 
_entity.pdbx_mutation 
_entity.pdbx_fragment 
_entity.details 
1 polymer     man 'INTESTINAL FATTY ACID BINDING PROTEIN' 15015.015 1  ? ? ? ? 
2 non-polymer syn 'PALMITIC ACID'                         256.424   1  ? ? ? ? 
3 water       nat water                                   18.015    61 ? ? ? ? 
# 
_entity_poly.entity_id                      1 
_entity_poly.type                           'polypeptide(L)' 
_entity_poly.nstd_linkage                   no 
_entity_poly.nstd_monomer                   no 
_entity_poly.pdbx_seq_one_letter_code       
;AFDGTWKVDRNENYEKFMEKMGINVVKRKLGAHDNLKLTITQEGNKFTVKESSNFRNIDVVFELGVDFAYSLADGTELTG
TWTMEGNKLVGKFKRVDNGKELIAVREISGNELIQTYTYEGVEAKRIFKKE
;
_entity_poly.pdbx_seq_one_letter_code_can   
;AFDGTWKVDRNENYEKFMEKMGINVVKRKLGAHDNLKLTITQEGNKFTVKESSNFRNIDVVFELGVDFAYSLADGTELTG
TWTMEGNKLVGKFKRVDNGKELIAVREISGNELIQTYTYEGVEAKRIFKKE
;
_entity_poly.pdbx_strand_id                 A 
_entity_poly.pdbx_target_identifier         ? 
# 
loop_
_pdbx_entity_nonpoly.entity_id 
_pdbx_entity_nonpoly.name 
_pdbx_entity_nonpoly.comp_id 
2 'PALMITIC ACID' PLM 
3 water           HOH 
# 
loop_
_entity_poly_seq.entity_id 
_entity_poly_seq.num 
_entity_poly_seq.mon_id 
_entity_poly_seq.hetero 
1 1   ALA n 
1 2   PHE n 
1 3   ASP n 
1 4   GLY n 
1 5   THR n 
1 6   TRP n 
1 7   LYS n 
1 8   VAL n 
1 9   ASP n 
1 10  ARG n 
1 11  ASN n 
1 12  GLU n 
1 13  ASN n 
1 14  TYR n 
1 15  GLU n 
1 16  LYS n 
1 17  PHE n 
1 18  MET n 
1 19  GLU n 
1 20  LYS n 
1 21  MET n 
1 22  GLY n 
1 23  ILE n 
1 24  ASN n 
1 25  VAL n 
1 26  VAL n 
1 27  LYS n 
1 28  ARG n 
1 29  LYS n 
1 30  LEU n 
1 31  GLY n 
1 32  ALA n 
1 33  HIS n 
1 34  ASP n 
1 35  ASN n 
1 36  LEU n 
1 37  LYS n 
1 38  LEU n 
1 39  THR n 
1 40  ILE n 
1 41  THR n 
1 42  GLN n 
1 43  GLU n 
1 44  GLY n 
1 45  ASN n 
1 46  LYS n 
1 47  PHE n 
1 48  THR n 
1 49  VAL n 
1 50  LYS n 
1 51  GLU n 
1 52  SER n 
1 53  SER n 
1 54  ASN n 
1 55  PHE n 
1 56  ARG n 
1 57  ASN n 
1 58  ILE n 
1 59  ASP n 
1 60  VAL n 
1 61  VAL n 
1 62  PHE n 
1 63  GLU n 
1 64  LEU n 
1 65  GLY n 
1 66  VAL n 
1 67  ASP n 
1 68  PHE n 
1 69  ALA n 
1 70  TYR n 
1 71  SER n 
1 72  LEU n 
1 73  ALA n 
1 74  ASP n 
1 75  GLY n 
1 76  THR n 
1 77  GLU n 
1 78  LEU n 
1 79  THR n 
1 80  GLY n 
1 81  THR n 
1 82  TRP n 
1 83  THR n 
1 84  MET n 
1 85  GLU n 
1 86  GLY n 
1 87  ASN n 
1 88  LYS n 
1 89  LEU n 
1 90  VAL n 
1 91  GLY n 
1 92  LYS n 
1 93  PHE n 
1 94  LYS n 
1 95  ARG n 
1 96  VAL n 
1 97  ASP n 
1 98  ASN n 
1 99  GLY n 
1 100 LYS n 
1 101 GLU n 
1 102 LEU n 
1 103 ILE n 
1 104 ALA n 
1 105 VAL n 
1 106 ARG n 
1 107 GLU n 
1 108 ILE n 
1 109 SER n 
1 110 GLY n 
1 111 ASN n 
1 112 GLU n 
1 113 LEU n 
1 114 ILE n 
1 115 GLN n 
1 116 THR n 
1 117 TYR n 
1 118 THR n 
1 119 TYR n 
1 120 GLU n 
1 121 GLY n 
1 122 VAL n 
1 123 GLU n 
1 124 ALA n 
1 125 LYS n 
1 126 ARG n 
1 127 ILE n 
1 128 PHE n 
1 129 LYS n 
1 130 LYS n 
1 131 GLU n 
# 
_entity_src_gen.entity_id                          1 
_entity_src_gen.pdbx_src_id                        1 
_entity_src_gen.pdbx_alt_source_flag               sample 
_entity_src_gen.pdbx_seq_type                      ? 
_entity_src_gen.pdbx_beg_seq_num                   ? 
_entity_src_gen.pdbx_end_seq_num                   ? 
_entity_src_gen.gene_src_common_name               'Norway rat' 
_entity_src_gen.gene_src_genus                     Rattus 
_entity_src_gen.pdbx_gene_src_gene                 ? 
_entity_src_gen.gene_src_species                   ? 
_entity_src_gen.gene_src_strain                    ? 
_entity_src_gen.gene_src_tissue                    ? 
_entity_src_gen.gene_src_tissue_fraction           ? 
_entity_src_gen.gene_src_details                   ? 
_entity_src_gen.pdbx_gene_src_fragment             ? 
_entity_src_gen.pdbx_gene_src_scientific_name      'Rattus norvegicus' 
_entity_src_gen.pdbx_gene_src_ncbi_taxonomy_id     10116 
_entity_src_gen.pdbx_gene_src_variant              ? 
_entity_src_gen.pdbx_gene_src_cell_line            ? 
_entity_src_gen.pdbx_gene_src_atcc                 ? 
_entity_src_gen.pdbx_gene_src_organ                ? 
_entity_src_gen.pdbx_gene_src_organelle            ? 
_entity_src_gen.pdbx_gene_src_cell                 ? 
_entity_src_gen.pdbx_gene_src_cellular_location    ? 
_entity_src_gen.host_org_common_name               ? 
_entity_src_gen.pdbx_host_org_scientific_name      ? 
_entity_src_gen.pdbx_host_org_ncbi_taxonomy_id     ? 
_entity_src_gen.host_org_genus                     ? 
_entity_src_gen.pdbx_host_org_gene                 ? 
_entity_src_gen.pdbx_host_org_organ                ? 
_entity_src_gen.host_org_species                   ? 
_entity_src_gen.pdbx_host_org_tissue               ? 
_entity_src_gen.pdbx_host_org_tissue_fraction      ? 
_entity_src_gen.pdbx_host_org_strain               ? 
_entity_src_gen.pdbx_host_org_variant              ? 
_entity_src_gen.pdbx_host_org_cell_line            ? 
_entity_src_gen.pdbx_host_org_atcc                 ? 
_entity_src_gen.pdbx_host_org_culture_collection   ? 
_entity_src_gen.pdbx_host_org_cell                 ? 
_entity_src_gen.pdbx_host_org_organelle            ? 
_entity_src_gen.pdbx_host_org_cellular_location    ? 
_entity_src_gen.pdbx_host_org_vector_type          ? 
_entity_src_gen.pdbx_host_org_vector               ? 
_entity_src_gen.host_org_details                   ? 
_entity_src_gen.expression_system_id               ? 
_entity_src_gen.plasmid_name                       ? 
_entity_src_gen.plasmid_details                    ? 
_entity_src_gen.pdbx_description                   ? 
# 
loop_
_chem_comp.id 
_chem_comp.type 
_chem_comp.mon_nstd_flag 
_chem_comp.name 
_chem_comp.pdbx_synonyms 
_chem_comp.formula 
_chem_comp.formula_weight 
ALA 'L-peptide linking' y ALANINE         ? 'C3 H7 N O2'     89.093  
ARG 'L-peptide linking' y ARGININE        ? 'C6 H15 N4 O2 1' 175.209 
ASN 'L-peptide linking' y ASPARAGINE      ? 'C4 H8 N2 O3'    132.118 
ASP 'L-peptide linking' y 'ASPARTIC ACID' ? 'C4 H7 N O4'     133.103 
GLN 'L-peptide linking' y GLUTAMINE       ? 'C5 H10 N2 O3'   146.144 
GLU 'L-peptide linking' y 'GLUTAMIC ACID' ? 'C5 H9 N O4'     147.129 
GLY 'peptide linking'   y GLYCINE         ? 'C2 H5 N O2'     75.067  
HIS 'L-peptide linking' y HISTIDINE       ? 'C6 H10 N3 O2 1' 156.162 
HOH non-polymer         . WATER           ? 'H2 O'           18.015  
ILE 'L-peptide linking' y ISOLEUCINE      ? 'C6 H13 N O2'    131.173 
LEU 'L-peptide linking' y LEUCINE         ? 'C6 H13 N O2'    131.173 
LYS 'L-peptide linking' y LYSINE          ? 'C6 H15 N2 O2 1' 147.195 
MET 'L-peptide linking' y METHIONINE      ? 'C5 H11 N O2 S'  149.211 
PHE 'L-peptide linking' y PHENYLALANINE   ? 'C9 H11 N O2'    165.189 
PLM non-polymer         . 'PALMITIC ACID' ? 'C16 H32 O2'     256.424 
SER 'L-peptide linking' y SERINE          ? 'C3 H7 N O3'     105.093 
THR 'L-peptide linking' y THREONINE       ? 'C4 H9 N O3'     119.119 
TRP 'L-peptide linking' y TRYPTOPHAN      ? 'C11 H12 N2 O2'  204.225 
TYR 'L-peptide linking' y TYROSINE        ? 'C9 H11 N O3'    181.189 
VAL 'L-peptide linking' y VALINE          ? 'C5 H11 N O2'    117.146 
# 
loop_
_pdbx_poly_seq_scheme.asym_id 
_pdbx_poly_seq_scheme.entity_id 
_pdbx_poly_seq_scheme.seq_id 
_pdbx_poly_seq_scheme.mon_id 
_pdbx_poly_seq_scheme.ndb_seq_num 
_pdbx_poly_seq_scheme.pdb_seq_num 
_pdbx_poly_seq_scheme.auth_seq_num 
_pdbx_poly_seq_scheme.pdb_mon_id 
_pdbx_poly_seq_scheme.auth_mon_id 
_pdbx_poly_seq_scheme.pdb_strand_id 
_pdbx_poly_seq_scheme.pdb_ins_code 
_pdbx_poly_seq_scheme.hetero 
A 1 1   ALA 1   1   1   ALA ALA A . n 
A 1 2   PHE 2   2   2   PHE PHE A . n 
A 1 3   ASP 3   3   3   ASP ASP A . n 
A 1 4   GLY 4   4   4   GLY GLY A . n 
A 1 5   THR 5   5   5   THR THR A . n 
A 1 6   TRP 6   6   6   TRP TRP A . n 
A 1 7   LYS 7   7   7   LYS LYS A . n 
A 1 8   VAL 8   8   8   VAL VAL A . n 
A 1 9   ASP 9   9   9   ASP ASP A . n 
A 1 10  ARG 10  10  10  ARG ARG A . n 
A 1 11  ASN 11  11  11  ASN ASN A . n 
A 1 12  GLU 12  12  12  GLU GLU A . n 
A 1 13  ASN 13  13  13  ASN ASN A . n 
A 1 14  TYR 14  14  14  TYR TYR A . n 
A 1 15  GLU 15  15  15  GLU GLU A . n 
A 1 16  LYS 16  16  16  LYS LYS A . n 
A 1 17  PHE 17  17  17  PHE PHE A . n 
A 1 18  MET 18  18  18  MET MET A . n 
A 1 19  GLU 19  19  19  GLU GLU A . n 
A 1 20  LYS 20  20  20  LYS LYS A . n 
A 1 21  MET 21  21  21  MET MET A . n 
A 1 22  GLY 22  22  22  GLY GLY A . n 
A 1 23  ILE 23  23  23  ILE ILE A . n 
A 1 24  ASN 24  24  24  ASN ASN A . n 
A 1 25  VAL 25  25  25  VAL VAL A . n 
A 1 26  VAL 26  26  26  VAL VAL A . n 
A 1 27  LYS 27  27  27  LYS LYS A . n 
A 1 28  ARG 28  28  28  ARG ARG A . n 
A 1 29  LYS 29  29  29  LYS LYS A . n 
A 1 30  LEU 30  30  30  LEU LEU A . n 
A 1 31  GLY 31  31  31  GLY GLY A . n 
A 1 32  ALA 32  32  32  ALA ALA A . n 
A 1 33  HIS 33  33  33  HIS HIS A . n 
A 1 34  ASP 34  34  34  ASP ASP A . n 
A 1 35  ASN 35  35  35  ASN ASN A . n 
A 1 36  LEU 36  36  36  LEU LEU A . n 
A 1 37  LYS 37  37  37  LYS LYS A . n 
A 1 38  LEU 38  38  38  LEU LEU A . n 
A 1 39  THR 39  39  39  THR THR A . n 
A 1 40  ILE 40  40  40  ILE ILE A . n 
A 1 41  THR 41  41  41  THR THR A . n 
A 1 42  GLN 42  42  42  GLN GLN A . n 
A 1 43  GLU 43  43  43  GLU GLU A . n 
A 1 44  GLY 44  44  44  GLY GLY A . n 
A 1 45  ASN 45  45  45  ASN ASN A . n 
A 1 46  LYS 46  46  46  LYS LYS A . n 
A 1 47  PHE 47  47  47  PHE PHE A . n 
A 1 48  THR 48  48  48  THR THR A . n 
A 1 49  VAL 49  49  49  VAL VAL A . n 
A 1 50  LYS 50  50  50  LYS LYS A . n 
A 1 51  GLU 51  51  51  GLU GLU A . n 
A 1 52  SER 52  52  52  SER SER A . n 
A 1 53  SER 53  53  53  SER SER A . n 
A 1 54  ASN 54  54  54  ASN ASN A . n 
A 1 55  PHE 55  55  55  PHE PHE A . n 
A 1 56  ARG 56  56  56  ARG ARG A . n 
A 1 57  ASN 57  57  57  ASN ASN A . n 
A 1 58  ILE 58  58  58  ILE ILE A . n 
A 1 59  ASP 59  59  59  ASP ASP A . n 
A 1 60  VAL 60  60  60  VAL VAL A . n 
A 1 61  VAL 61  61  61  VAL VAL A . n 
A 1 62  PHE 62  62  62  PHE PHE A . n 
A 1 63  GLU 63  63  63  GLU GLU A . n 
A 1 64  LEU 64  64  64  LEU LEU A . n 
A 1 65  GLY 65  65  65  GLY GLY A . n 
A 1 66  VAL 66  66  66  VAL VAL A . n 
A 1 67  ASP 67  67  67  ASP ASP A . n 
A 1 68  PHE 68  68  68  PHE PHE A . n 
A 1 69  ALA 69  69  69  ALA ALA A . n 
A 1 70  TYR 70  70  70  TYR TYR A . n 
A 1 71  SER 71  71  71  SER SER A . n 
A 1 72  LEU 72  72  72  LEU LEU A . n 
A 1 73  ALA 73  73  73  ALA ALA A . n 
A 1 74  ASP 74  74  74  ASP ASP A . n 
A 1 75  GLY 75  75  75  GLY GLY A . n 
A 1 76  THR 76  76  76  THR THR A . n 
A 1 77  GLU 77  77  77  GLU GLU A . n 
A 1 78  LEU 78  78  78  LEU LEU A . n 
A 1 79  THR 79  79  79  THR THR A . n 
A 1 80  GLY 80  80  80  GLY GLY A . n 
A 1 81  THR 81  81  81  THR THR A . n 
A 1 82  TRP 82  82  82  TRP TRP A . n 
A 1 83  THR 83  83  83  THR THR A . n 
A 1 84  MET 84  84  84  MET MET A . n 
A 1 85  GLU 85  85  85  GLU GLU A . n 
A 1 86  GLY 86  86  86  GLY GLY A . n 
A 1 87  ASN 87  87  87  ASN ASN A . n 
A 1 88  LYS 88  88  88  LYS LYS A . n 
A 1 89  LEU 89  89  89  LEU LEU A . n 
A 1 90  VAL 90  90  90  VAL VAL A . n 
A 1 91  GLY 91  91  91  GLY GLY A . n 
A 1 92  LYS 92  92  92  LYS LYS A . n 
A 1 93  PHE 93  93  93  PHE PHE A . n 
A 1 94  LYS 94  94  94  LYS LYS A . n 
A 1 95  ARG 95  95  95  ARG ARG A . n 
A 1 96  VAL 96  96  96  VAL VAL A . n 
A 1 97  ASP 97  97  97  ASP ASP A . n 
A 1 98  ASN 98  98  98  ASN ASN A . n 
A 1 99  GLY 99  99  99  GLY GLY A . n 
A 1 100 LYS 100 100 100 LYS LYS A . n 
A 1 101 GLU 101 101 101 GLU GLU A . n 
A 1 102 LEU 102 102 102 LEU LEU A . n 
A 1 103 ILE 103 103 103 ILE ILE A . n 
A 1 104 ALA 104 104 104 ALA ALA A . n 
A 1 105 VAL 105 105 105 VAL VAL A . n 
A 1 106 ARG 106 106 106 ARG ARG A . n 
A 1 107 GLU 107 107 107 GLU GLU A . n 
A 1 108 ILE 108 108 108 ILE ILE A . n 
A 1 109 SER 109 109 109 SER SER A . n 
A 1 110 GLY 110 110 110 GLY GLY A . n 
A 1 111 ASN 111 111 111 ASN ASN A . n 
A 1 112 GLU 112 112 112 GLU GLU A . n 
A 1 113 LEU 113 113 113 LEU LEU A . n 
A 1 114 ILE 114 114 114 ILE ILE A . n 
A 1 115 GLN 115 115 115 GLN GLN A . n 
A 1 116 THR 116 116 116 THR THR A . n 
A 1 117 TYR 117 117 117 TYR TYR A . n 
A 1 118 THR 118 118 118 THR THR A . n 
A 1 119 TYR 119 119 119 TYR TYR A . n 
A 1 120 GLU 120 120 120 GLU GLU A . n 
A 1 121 GLY 121 121 121 GLY GLY A . n 
A 1 122 VAL 122 122 122 VAL VAL A . n 
A 1 123 GLU 123 123 123 GLU GLU A . n 
A 1 124 ALA 124 124 124 ALA ALA A . n 
A 1 125 LYS 125 125 125 LYS LYS A . n 
A 1 126 ARG 126 126 126 ARG ARG A . n 
A 1 127 ILE 127 127 127 ILE ILE A . n 
A 1 128 PHE 128 128 128 PHE PHE A . n 
A 1 129 LYS 129 129 129 LYS LYS A . n 
A 1 130 LYS 130 130 130 LYS LYS A . n 
A 1 131 GLU 131 131 131 GLU GLU A . n 
# 
loop_
_pdbx_nonpoly_scheme.asym_id 
_pdbx_nonpoly_scheme.entity_id 
_pdbx_nonpoly_scheme.mon_id 
_pdbx_nonpoly_scheme.ndb_seq_num 
_pdbx_nonpoly_scheme.pdb_seq_num 
_pdbx_nonpoly_scheme.auth_seq_num 
_pdbx_nonpoly_scheme.pdb_mon_id 
_pdbx_nonpoly_scheme.auth_mon_id 
_pdbx_nonpoly_scheme.pdb_strand_id 
_pdbx_nonpoly_scheme.pdb_ins_code 
B 2 PLM 1  133 133 PLM PLM A . 
C 3 HOH 1  134 1   HOH HOH A . 
C 3 HOH 2  135 2   HOH HOH A . 
C 3 HOH 3  136 3   HOH HOH A . 
C 3 HOH 4  137 4   HOH HOH A . 
C 3 HOH 5  138 5   HOH HOH A . 
C 3 HOH 6  139 6   HOH HOH A . 
C 3 HOH 7  140 7   HOH HOH A . 
C 3 HOH 8  141 8   HOH HOH A . 
C 3 HOH 9  142 9   HOH HOH A . 
C 3 HOH 10 143 10  HOH HOH A . 
C 3 HOH 11 144 11  HOH HOH A . 
C 3 HOH 12 145 12  HOH HOH A . 
C 3 HOH 13 146 13  HOH HOH A . 
C 3 HOH 14 147 14  HOH HOH A . 
C 3 HOH 15 148 15  HOH HOH A . 
C 3 HOH 16 149 16  HOH HOH A . 
C 3 HOH 17 150 17  HOH HOH A . 
C 3 HOH 18 151 18  HOH HOH A . 
C 3 HOH 19 152 19  HOH HOH A . 
C 3 HOH 20 153 20  HOH HOH A . 
C 3 HOH 21 154 21  HOH HOH A . 
C 3 HOH 22 155 22  HOH HOH A . 
C 3 HOH 23 156 23  HOH HOH A . 
C 3 HOH 24 157 24  HOH HOH A . 
C 3 HOH 25 158 25  HOH HOH A . 
C 3 HOH 26 159 26  HOH HOH A . 
C 3 HOH 27 160 27  HOH HOH A . 
C 3 HOH 28 161 28  HOH HOH A . 
C 3 HOH 29 162 29  HOH HOH A . 
C 3 HOH 30 163 30  HOH HOH A . 
C 3 HOH 31 164 31  HOH HOH A . 
C 3 HOH 32 165 32  HOH HOH A . 
C 3 HOH 33 166 33  HOH HOH A . 
C 3 HOH 34 167 34  HOH HOH A . 
C 3 HOH 35 168 35  HOH HOH A . 
C 3 HOH 36 169 36  HOH HOH A . 
C 3 HOH 37 170 37  HOH HOH A . 
C 3 HOH 38 171 38  HOH HOH A . 
C 3 HOH 39 172 39  HOH HOH A . 
C 3 HOH 40 173 40  HOH HOH A . 
C 3 HOH 41 174 41  HOH HOH A . 
C 3 HOH 42 175 42  HOH HOH A . 
C 3 HOH 43 176 43  HOH HOH A . 
C 3 HOH 44 177 44  HOH HOH A . 
C 3 HOH 45 178 45  HOH HOH A . 
C 3 HOH 46 179 46  HOH HOH A . 
C 3 HOH 47 180 47  HOH HOH A . 
C 3 HOH 48 181 48  HOH HOH A . 
C 3 HOH 49 182 49  HOH HOH A . 
C 3 HOH 50 183 50  HOH HOH A . 
C 3 HOH 51 184 51  HOH HOH A . 
C 3 HOH 52 185 52  HOH HOH A . 
C 3 HOH 53 186 53  HOH HOH A . 
C 3 HOH 54 187 54  HOH HOH A . 
C 3 HOH 55 188 55  HOH HOH A . 
C 3 HOH 56 189 56  HOH HOH A . 
C 3 HOH 57 190 57  HOH HOH A . 
C 3 HOH 58 191 58  HOH HOH A . 
C 3 HOH 59 192 59  HOH HOH A . 
C 3 HOH 60 193 60  HOH HOH A . 
C 3 HOH 61 194 61  HOH HOH A . 
# 
_software.name             X-PLOR 
_software.classification   refinement 
_software.version          . 
_software.citation_id      ? 
_software.pdbx_ordinal     1 
# 
_cell.entry_id           2IFB 
_cell.length_a           36.800 
_cell.length_b           56.900 
_cell.length_c           31.900 
_cell.angle_alpha        90.00 
_cell.angle_beta         114.00 
_cell.angle_gamma        90.00 
_cell.Z_PDB              2 
_cell.pdbx_unique_axis   ? 
# 
_symmetry.entry_id                         2IFB 
_symmetry.space_group_name_H-M             'P 1 21 1' 
_symmetry.pdbx_full_space_group_name_H-M   ? 
_symmetry.cell_setting                     ? 
_symmetry.Int_Tables_number                4 
# 
_exptl.entry_id          2IFB 
_exptl.method            'X-RAY DIFFRACTION' 
_exptl.crystals_number   ? 
# 
_exptl_crystal.id                    1 
_exptl_crystal.density_meas          ? 
_exptl_crystal.density_Matthews      2.03 
_exptl_crystal.density_percent_sol   39.47 
_exptl_crystal.description           ? 
# 
_refine.entry_id                                 2IFB 
_refine.ls_number_reflns_obs                     ? 
_refine.ls_number_reflns_all                     ? 
_refine.pdbx_ls_sigma_I                          ? 
_refine.pdbx_ls_sigma_F                          ? 
_refine.pdbx_data_cutoff_high_absF               ? 
_refine.pdbx_data_cutoff_low_absF                ? 
_refine.pdbx_data_cutoff_high_rms_absF           ? 
_refine.ls_d_res_low                             ? 
_refine.ls_d_res_high                            2.0 
_refine.ls_percent_reflns_obs                    ? 
_refine.ls_R_factor_obs                          ? 
_refine.ls_R_factor_all                          ? 
_refine.ls_R_factor_R_work                       0.1780000 
_refine.ls_R_factor_R_free                       ? 
_refine.ls_R_factor_R_free_error                 ? 
_refine.ls_R_factor_R_free_error_details         ? 
_refine.ls_percent_reflns_R_free                 ? 
_refine.ls_number_reflns_R_free                  ? 
_refine.ls_number_parameters                     ? 
_refine.ls_number_restraints                     ? 
_refine.occupancy_min                            ? 
_refine.occupancy_max                            ? 
_refine.B_iso_mean                               ? 
_refine.aniso_B[1][1]                            ? 
_refine.aniso_B[2][2]                            ? 
_refine.aniso_B[3][3]                            ? 
_refine.aniso_B[1][2]                            ? 
_refine.aniso_B[1][3]                            ? 
_refine.aniso_B[2][3]                            ? 
_refine.solvent_model_details                    ? 
_refine.solvent_model_param_ksol                 ? 
_refine.solvent_model_param_bsol                 ? 
_refine.pdbx_ls_cross_valid_method               ? 
_refine.details                                  ? 
_refine.pdbx_starting_model                      ? 
_refine.pdbx_method_to_determine_struct          ? 
_refine.pdbx_isotropic_thermal_model             ? 
_refine.pdbx_stereochemistry_target_values       ? 
_refine.pdbx_stereochem_target_val_spec_case     ? 
_refine.pdbx_R_Free_selection_details            ? 
_refine.pdbx_overall_ESU_R                       ? 
_refine.pdbx_overall_ESU_R_Free                  ? 
_refine.overall_SU_ML                            ? 
_refine.overall_SU_B                             ? 
_refine.pdbx_refine_id                           'X-RAY DIFFRACTION' 
_refine.pdbx_diffrn_id                           1 
_refine.pdbx_TLS_residual_ADP_flag               ? 
_refine.correlation_coeff_Fo_to_Fc               ? 
_refine.correlation_coeff_Fo_to_Fc_free          ? 
_refine.pdbx_solvent_vdw_probe_radii             ? 
_refine.pdbx_solvent_ion_probe_radii             ? 
_refine.pdbx_solvent_shrinkage_radii             ? 
_refine.pdbx_overall_phase_error                 ? 
_refine.overall_SU_R_Cruickshank_DPI             ? 
_refine.pdbx_overall_SU_R_free_Cruickshank_DPI   ? 
_refine.pdbx_overall_SU_R_Blow_DPI               ? 
_refine.pdbx_overall_SU_R_free_Blow_DPI          ? 
# 
_refine_hist.pdbx_refine_id                   'X-RAY DIFFRACTION' 
_refine_hist.cycle_id                         LAST 
_refine_hist.pdbx_number_atoms_protein        1057 
_refine_hist.pdbx_number_atoms_nucleic_acid   0 
_refine_hist.pdbx_number_atoms_ligand         18 
_refine_hist.number_atoms_solvent             61 
_refine_hist.number_atoms_total               1136 
_refine_hist.d_res_high                       2.0 
_refine_hist.d_res_low                        . 
# 
loop_
_refine_ls_restr.type 
_refine_ls_restr.dev_ideal 
_refine_ls_restr.dev_ideal_target 
_refine_ls_restr.weight 
_refine_ls_restr.number 
_refine_ls_restr.pdbx_refine_id 
_refine_ls_restr.pdbx_restraint_function 
x_bond_d                0.009 ? ? ? 'X-RAY DIFFRACTION' ? 
x_bond_d_na             ?     ? ? ? 'X-RAY DIFFRACTION' ? 
x_bond_d_prot           ?     ? ? ? 'X-RAY DIFFRACTION' ? 
x_angle_d               ?     ? ? ? 'X-RAY DIFFRACTION' ? 
x_angle_d_na            ?     ? ? ? 'X-RAY DIFFRACTION' ? 
x_angle_d_prot          ?     ? ? ? 'X-RAY DIFFRACTION' ? 
x_angle_deg             2.85  ? ? ? 'X-RAY DIFFRACTION' ? 
x_angle_deg_na          ?     ? ? ? 'X-RAY DIFFRACTION' ? 
x_angle_deg_prot        ?     ? ? ? 'X-RAY DIFFRACTION' ? 
x_dihedral_angle_d      ?     ? ? ? 'X-RAY DIFFRACTION' ? 
x_dihedral_angle_d_na   ?     ? ? ? 'X-RAY DIFFRACTION' ? 
x_dihedral_angle_d_prot ?     ? ? ? 'X-RAY DIFFRACTION' ? 
x_improper_angle_d      ?     ? ? ? 'X-RAY DIFFRACTION' ? 
x_improper_angle_d_na   ?     ? ? ? 'X-RAY DIFFRACTION' ? 
x_improper_angle_d_prot ?     ? ? ? 'X-RAY DIFFRACTION' ? 
x_mcbond_it             ?     ? ? ? 'X-RAY DIFFRACTION' ? 
x_mcangle_it            ?     ? ? ? 'X-RAY DIFFRACTION' ? 
x_scbond_it             ?     ? ? ? 'X-RAY DIFFRACTION' ? 
x_scangle_it            ?     ? ? ? 'X-RAY DIFFRACTION' ? 
# 
_struct.entry_id                  2IFB 
_struct.title                     
;CRYSTAL STRUCTURE OF RAT INTESTINAL FATTY-ACID-BINDING PROTEIN. REFINEMENT AND ANALYSIS OF THE ESCHERICHIA COLI-DRIVED PROTEIN WITH BOUND PALMITATE
;
_struct.pdbx_model_details        ? 
_struct.pdbx_CASP_flag            ? 
_struct.pdbx_model_type_details   ? 
# 
_struct_keywords.entry_id        2IFB 
_struct_keywords.pdbx_keywords   'FATTY ACID-BINDING PROTEIN' 
_struct_keywords.text            'FATTY ACID-BINDING PROTEIN' 
# 
loop_
_struct_asym.id 
_struct_asym.pdbx_blank_PDB_chainid_flag 
_struct_asym.pdbx_modified 
_struct_asym.entity_id 
_struct_asym.details 
A N N 1 ? 
B N N 2 ? 
C N N 3 ? 
# 
_struct_ref.id                         1 
_struct_ref.db_name                    UNP 
_struct_ref.db_code                    FABPI_RAT 
_struct_ref.entity_id                  1 
_struct_ref.pdbx_db_accession          P02693 
_struct_ref.pdbx_align_begin           1 
_struct_ref.pdbx_seq_one_letter_code   
;AFDGTWKVDRNENYEKFMEKMGINVVKRKLGAHDNLKLTITQEGNKFTVKESSNFRNIDVVFELGVDFAYSLADGTELTG
TWTMEGNKLVGKFKRVDNGKELIAVREISGNELIQTYTYEGVEAKRIFKKE
;
_struct_ref.pdbx_db_isoform            ? 
# 
_struct_ref_seq.align_id                      1 
_struct_ref_seq.ref_id                        1 
_struct_ref_seq.pdbx_PDB_id_code              2IFB 
_struct_ref_seq.pdbx_strand_id                A 
_struct_ref_seq.seq_align_beg                 1 
_struct_ref_seq.pdbx_seq_align_beg_ins_code   ? 
_struct_ref_seq.seq_align_end                 131 
_struct_ref_seq.pdbx_seq_align_end_ins_code   ? 
_struct_ref_seq.pdbx_db_accession             P02693 
_struct_ref_seq.db_align_beg                  1 
_struct_ref_seq.pdbx_db_align_beg_ins_code    ? 
_struct_ref_seq.db_align_end                  131 
_struct_ref_seq.pdbx_db_align_end_ins_code    ? 
_struct_ref_seq.pdbx_auth_seq_align_beg       1 
_struct_ref_seq.pdbx_auth_seq_align_end       131 
# 
_pdbx_struct_assembly.id                   1 
_pdbx_struct_assembly.details              author_defined_assembly 
_pdbx_struct_assembly.method_details       ? 
_pdbx_struct_assembly.oligomeric_details   monomeric 
_pdbx_struct_assembly.oligomeric_count     1 
# 
_pdbx_struct_assembly_gen.assembly_id       1 
_pdbx_struct_assembly_gen.oper_expression   1 
_pdbx_struct_assembly_gen.asym_id_list      A,B,C 
# 
_pdbx_struct_oper_list.id                   1 
_pdbx_struct_oper_list.type                 'identity operation' 
_pdbx_struct_oper_list.name                 1_555 
_pdbx_struct_oper_list.symmetry_operation   x,y,z 
_pdbx_struct_oper_list.matrix[1][1]         1.0000000000 
_pdbx_struct_oper_list.matrix[1][2]         0.0000000000 
_pdbx_struct_oper_list.matrix[1][3]         0.0000000000 
_pdbx_struct_oper_list.vector[1]            0.0000000000 
_pdbx_struct_oper_list.matrix[2][1]         0.0000000000 
_pdbx_struct_oper_list.matrix[2][2]         1.0000000000 
_pdbx_struct_oper_list.matrix[2][3]         0.0000000000 
_pdbx_struct_oper_list.vector[2]            0.0000000000 
_pdbx_struct_oper_list.matrix[3][1]         0.0000000000 
_pdbx_struct_oper_list.matrix[3][2]         0.0000000000 
_pdbx_struct_oper_list.matrix[3][3]         1.0000000000 
_pdbx_struct_oper_list.vector[3]            0.0000000000 
# 
_struct_biol.id   1 
# 
loop_
_struct_conf.conf_type_id 
_struct_conf.id 
_struct_conf.pdbx_PDB_helix_id 
_struct_conf.beg_label_comp_id 
_struct_conf.beg_label_asym_id 
_struct_conf.beg_label_seq_id 
_struct_conf.pdbx_beg_PDB_ins_code 
_struct_conf.end_label_comp_id 
_struct_conf.end_label_asym_id 
_struct_conf.end_label_seq_id 
_struct_conf.pdbx_end_PDB_ins_code 
_struct_conf.beg_auth_comp_id 
_struct_conf.beg_auth_asym_id 
_struct_conf.beg_auth_seq_id 
_struct_conf.end_auth_comp_id 
_struct_conf.end_auth_asym_id 
_struct_conf.end_auth_seq_id 
_struct_conf.pdbx_PDB_helix_class 
_struct_conf.details 
_struct_conf.pdbx_PDB_helix_length 
HELX_P HELX_P1 A1 ASN A 13 ? MET A 21 ? ASN A 13 MET A 21 1 ? 9  
HELX_P HELX_P2 A2 ASN A 24 ? HIS A 33 ? ASN A 24 HIS A 33 1 ? 10 
# 
_struct_conf_type.id          HELX_P 
_struct_conf_type.criteria    ? 
_struct_conf_type.reference   ? 
# 
loop_
_struct_sheet.id 
_struct_sheet.type 
_struct_sheet.number_strands 
_struct_sheet.details 
B1 ? 6 ? 
B2 ? 5 ? 
# 
loop_
_struct_sheet_order.sheet_id 
_struct_sheet_order.range_id_1 
_struct_sheet_order.range_id_2 
_struct_sheet_order.offset 
_struct_sheet_order.sense 
B1 1 2 ? anti-parallel 
B1 2 3 ? anti-parallel 
B1 3 4 ? anti-parallel 
B1 4 5 ? anti-parallel 
B1 5 6 ? anti-parallel 
B2 1 2 ? anti-parallel 
B2 2 3 ? anti-parallel 
B2 3 4 ? anti-parallel 
B2 4 5 ? anti-parallel 
# 
loop_
_struct_sheet_range.sheet_id 
_struct_sheet_range.id 
_struct_sheet_range.beg_label_comp_id 
_struct_sheet_range.beg_label_asym_id 
_struct_sheet_range.beg_label_seq_id 
_struct_sheet_range.pdbx_beg_PDB_ins_code 
_struct_sheet_range.end_label_comp_id 
_struct_sheet_range.end_label_asym_id 
_struct_sheet_range.end_label_seq_id 
_struct_sheet_range.pdbx_end_PDB_ins_code 
_struct_sheet_range.beg_auth_comp_id 
_struct_sheet_range.beg_auth_asym_id 
_struct_sheet_range.beg_auth_seq_id 
_struct_sheet_range.end_auth_comp_id 
_struct_sheet_range.end_auth_asym_id 
_struct_sheet_range.end_auth_seq_id 
B1 1 ASP A 3   ? GLU A 12  ? ASP A 3   GLU A 12  
B1 2 ASP A 34  ? GLU A 43  ? ASP A 34  GLU A 43  
B1 3 LYS A 46  ? SER A 53  ? LYS A 46  SER A 53  
B1 4 PHE A 55  ? GLU A 63  ? PHE A 55  GLU A 63  
B1 5 ASP A 67  ? ALA A 73  ? ASP A 67  ALA A 73  
B1 6 GLY A 75  ? GLY A 80  ? GLY A 75  GLY A 80  
B2 1 THR A 81  ? GLU A 85  ? THR A 81  GLU A 85  
B2 2 LYS A 88  ? VAL A 96  ? LYS A 88  VAL A 96  
B2 3 LYS A 100 ? SER A 109 ? LYS A 100 SER A 109 
B2 4 ASN A 111 ? TYR A 119 ? ASN A 111 TYR A 119 
B2 5 VAL A 122 ? GLU A 131 ? VAL A 122 GLU A 131 
# 
loop_
_pdbx_struct_sheet_hbond.sheet_id 
_pdbx_struct_sheet_hbond.range_id_1 
_pdbx_struct_sheet_hbond.range_id_2 
_pdbx_struct_sheet_hbond.range_1_label_atom_id 
_pdbx_struct_sheet_hbond.range_1_label_comp_id 
_pdbx_struct_sheet_hbond.range_1_label_asym_id 
_pdbx_struct_sheet_hbond.range_1_label_seq_id 
_pdbx_struct_sheet_hbond.range_1_PDB_ins_code 
_pdbx_struct_sheet_hbond.range_1_auth_atom_id 
_pdbx_struct_sheet_hbond.range_1_auth_comp_id 
_pdbx_struct_sheet_hbond.range_1_auth_asym_id 
_pdbx_struct_sheet_hbond.range_1_auth_seq_id 
_pdbx_struct_sheet_hbond.range_2_label_atom_id 
_pdbx_struct_sheet_hbond.range_2_label_comp_id 
_pdbx_struct_sheet_hbond.range_2_label_asym_id 
_pdbx_struct_sheet_hbond.range_2_label_seq_id 
_pdbx_struct_sheet_hbond.range_2_PDB_ins_code 
_pdbx_struct_sheet_hbond.range_2_auth_atom_id 
_pdbx_struct_sheet_hbond.range_2_auth_comp_id 
_pdbx_struct_sheet_hbond.range_2_auth_asym_id 
_pdbx_struct_sheet_hbond.range_2_auth_seq_id 
B1 1 2 O GLY A 4   ? O GLY A 4   N ILE A 40  ? N ILE A 40  
B1 2 3 O THR A 41  ? O THR A 41  N THR A 48  ? N THR A 48  
B1 3 4 O GLU A 51  ? O GLU A 51  N ILE A 58  ? N ILE A 58  
B1 5 6 O TYR A 70  ? O TYR A 70  N LEU A 78  ? N LEU A 78  
B2 1 2 O THR A 83  ? O THR A 83  N VAL A 90  ? N VAL A 90  
B2 2 3 O GLY A 91  ? O GLY A 91  N ALA A 104 ? N ALA A 104 
B2 3 4 O VAL A 105 ? O VAL A 105 N THR A 116 ? N THR A 116 
B2 4 5 O GLN A 115 ? O GLN A 115 N ARG A 126 ? N ARG A 126 
# 
_struct_site.id                   AC1 
_struct_site.pdbx_evidence_code   Software 
_struct_site.pdbx_auth_asym_id    A 
_struct_site.pdbx_auth_comp_id    PLM 
_struct_site.pdbx_auth_seq_id     133 
_struct_site.pdbx_auth_ins_code   ? 
_struct_site.pdbx_num_residues    5 
_struct_site.details              'BINDING SITE FOR RESIDUE PLM A 133' 
# 
loop_
_struct_site_gen.id 
_struct_site_gen.site_id 
_struct_site_gen.pdbx_num_res 
_struct_site_gen.label_comp_id 
_struct_site_gen.label_asym_id 
_struct_site_gen.label_seq_id 
_struct_site_gen.pdbx_auth_ins_code 
_struct_site_gen.auth_comp_id 
_struct_site_gen.auth_asym_id 
_struct_site_gen.auth_seq_id 
_struct_site_gen.label_atom_id 
_struct_site_gen.label_alt_id 
_struct_site_gen.symmetry 
_struct_site_gen.details 
1 AC1 5 TYR A 14  ? TYR A 14  . ? 1_555 ? 
2 AC1 5 VAL A 49  ? VAL A 49  . ? 1_555 ? 
3 AC1 5 PHE A 62  ? PHE A 62  . ? 1_555 ? 
4 AC1 5 TRP A 82  ? TRP A 82  . ? 1_555 ? 
5 AC1 5 ARG A 106 ? ARG A 106 . ? 1_555 ? 
# 
loop_
_pdbx_validate_rmsd_bond.id 
_pdbx_validate_rmsd_bond.PDB_model_num 
_pdbx_validate_rmsd_bond.auth_atom_id_1 
_pdbx_validate_rmsd_bond.auth_asym_id_1 
_pdbx_validate_rmsd_bond.auth_comp_id_1 
_pdbx_validate_rmsd_bond.auth_seq_id_1 
_pdbx_validate_rmsd_bond.PDB_ins_code_1 
_pdbx_validate_rmsd_bond.label_alt_id_1 
_pdbx_validate_rmsd_bond.auth_atom_id_2 
_pdbx_validate_rmsd_bond.auth_asym_id_2 
_pdbx_validate_rmsd_bond.auth_comp_id_2 
_pdbx_validate_rmsd_bond.auth_seq_id_2 
_pdbx_validate_rmsd_bond.PDB_ins_code_2 
_pdbx_validate_rmsd_bond.label_alt_id_2 
_pdbx_validate_rmsd_bond.bond_value 
_pdbx_validate_rmsd_bond.bond_target_value 
_pdbx_validate_rmsd_bond.bond_deviation 
_pdbx_validate_rmsd_bond.bond_standard_deviation 
_pdbx_validate_rmsd_bond.linker_flag 
1 1 CD A GLU 12  ? ? OE2 A GLU 12  ? ? 1.319 1.252 0.067 0.011 N 
2 1 CD A GLU 15  ? ? OE2 A GLU 15  ? ? 1.319 1.252 0.067 0.011 N 
3 1 CD A GLU 77  ? ? OE2 A GLU 77  ? ? 1.320 1.252 0.068 0.011 N 
4 1 CD A GLU 123 ? ? OE2 A GLU 123 ? ? 1.325 1.252 0.073 0.011 N 
5 1 CD A GLU 131 ? ? OE2 A GLU 131 ? ? 1.321 1.252 0.069 0.011 N 
# 
loop_
_pdbx_validate_rmsd_angle.id 
_pdbx_validate_rmsd_angle.PDB_model_num 
_pdbx_validate_rmsd_angle.auth_atom_id_1 
_pdbx_validate_rmsd_angle.auth_asym_id_1 
_pdbx_validate_rmsd_angle.auth_comp_id_1 
_pdbx_validate_rmsd_angle.auth_seq_id_1 
_pdbx_validate_rmsd_angle.PDB_ins_code_1 
_pdbx_validate_rmsd_angle.label_alt_id_1 
_pdbx_validate_rmsd_angle.auth_atom_id_2 
_pdbx_validate_rmsd_angle.auth_asym_id_2 
_pdbx_validate_rmsd_angle.auth_comp_id_2 
_pdbx_validate_rmsd_angle.auth_seq_id_2 
_pdbx_validate_rmsd_angle.PDB_ins_code_2 
_pdbx_validate_rmsd_angle.label_alt_id_2 
_pdbx_validate_rmsd_angle.auth_atom_id_3 
_pdbx_validate_rmsd_angle.auth_asym_id_3 
_pdbx_validate_rmsd_angle.auth_comp_id_3 
_pdbx_validate_rmsd_angle.auth_seq_id_3 
_pdbx_validate_rmsd_angle.PDB_ins_code_3 
_pdbx_validate_rmsd_angle.label_alt_id_3 
_pdbx_validate_rmsd_angle.angle_value 
_pdbx_validate_rmsd_angle.angle_target_value 
_pdbx_validate_rmsd_angle.angle_deviation 
_pdbx_validate_rmsd_angle.angle_standard_deviation 
_pdbx_validate_rmsd_angle.linker_flag 
1  1 NE A ARG 10  ? ? CZ A ARG 10  ? ? NH1 A ARG 10  ? ? 124.27 120.30 3.97  0.50 N 
2  1 NE A ARG 10  ? ? CZ A ARG 10  ? ? NH2 A ARG 10  ? ? 115.37 120.30 -4.93 0.50 N 
3  1 CD A ARG 56  ? ? NE A ARG 56  ? ? CZ  A ARG 56  ? ? 132.49 123.60 8.89  1.40 N 
4  1 NE A ARG 56  ? ? CZ A ARG 56  ? ? NH1 A ARG 56  ? ? 115.94 120.30 -4.36 0.50 N 
5  1 NE A ARG 56  ? ? CZ A ARG 56  ? ? NH2 A ARG 56  ? ? 124.40 120.30 4.10  0.50 N 
6  1 CB A ASP 59  ? ? CG A ASP 59  ? ? OD2 A ASP 59  ? ? 112.16 118.30 -6.14 0.90 N 
7  1 CB A ASP 74  ? ? CG A ASP 74  ? ? OD1 A ASP 74  ? ? 125.65 118.30 7.35  0.90 N 
8  1 CB A ASP 74  ? ? CG A ASP 74  ? ? OD2 A ASP 74  ? ? 110.52 118.30 -7.78 0.90 N 
9  1 NE A ARG 95  ? ? CZ A ARG 95  ? ? NH1 A ARG 95  ? ? 116.90 120.30 -3.40 0.50 N 
10 1 CB A ASP 97  ? ? CG A ASP 97  ? ? OD1 A ASP 97  ? ? 124.21 118.30 5.91  0.90 N 
11 1 N  A GLU 131 ? ? CA A GLU 131 ? ? CB  A GLU 131 ? ? 122.49 110.60 11.89 1.80 N 
# 
_pdbx_validate_torsion.id              1 
_pdbx_validate_torsion.PDB_model_num   1 
_pdbx_validate_torsion.auth_comp_id    ASN 
_pdbx_validate_torsion.auth_asym_id    A 
_pdbx_validate_torsion.auth_seq_id     111 
_pdbx_validate_torsion.PDB_ins_code    ? 
_pdbx_validate_torsion.label_alt_id    ? 
_pdbx_validate_torsion.phi             81.66 
_pdbx_validate_torsion.psi             -20.32 
# 
_pdbx_validate_chiral.id              1 
_pdbx_validate_chiral.PDB_model_num   1 
_pdbx_validate_chiral.auth_atom_id    CB 
_pdbx_validate_chiral.label_alt_id    ? 
_pdbx_validate_chiral.auth_asym_id    A 
_pdbx_validate_chiral.auth_comp_id    THR 
_pdbx_validate_chiral.auth_seq_id     79 
_pdbx_validate_chiral.PDB_ins_code    ? 
_pdbx_validate_chiral.details         'WRONG HAND' 
_pdbx_validate_chiral.omega           . 
# 
loop_
_chem_comp_atom.comp_id 
_chem_comp_atom.atom_id 
_chem_comp_atom.type_symbol 
_chem_comp_atom.pdbx_aromatic_flag 
_chem_comp_atom.pdbx_stereo_config 
_chem_comp_atom.pdbx_ordinal 
ALA N    N N N 1   
ALA CA   C N S 2   
ALA C    C N N 3   
ALA O    O N N 4   
ALA CB   C N N 5   
ALA OXT  O N N 6   
ALA H    H N N 7   
ALA H2   H N N 8   
ALA HA   H N N 9   
ALA HB1  H N N 10  
ALA HB2  H N N 11  
ALA HB3  H N N 12  
ALA HXT  H N N 13  
ARG N    N N N 14  
ARG CA   C N S 15  
ARG C    C N N 16  
ARG O    O N N 17  
ARG CB   C N N 18  
ARG CG   C N N 19  
ARG CD   C N N 20  
ARG NE   N N N 21  
ARG CZ   C N N 22  
ARG NH1  N N N 23  
ARG NH2  N N N 24  
ARG OXT  O N N 25  
ARG H    H N N 26  
ARG H2   H N N 27  
ARG HA   H N N 28  
ARG HB2  H N N 29  
ARG HB3  H N N 30  
ARG HG2  H N N 31  
ARG HG3  H N N 32  
ARG HD2  H N N 33  
ARG HD3  H N N 34  
ARG HE   H N N 35  
ARG HH11 H N N 36  
ARG HH12 H N N 37  
ARG HH21 H N N 38  
ARG HH22 H N N 39  
ARG HXT  H N N 40  
ASN N    N N N 41  
ASN CA   C N S 42  
ASN C    C N N 43  
ASN O    O N N 44  
ASN CB   C N N 45  
ASN CG   C N N 46  
ASN OD1  O N N 47  
ASN ND2  N N N 48  
ASN OXT  O N N 49  
ASN H    H N N 50  
ASN H2   H N N 51  
ASN HA   H N N 52  
ASN HB2  H N N 53  
ASN HB3  H N N 54  
ASN HD21 H N N 55  
ASN HD22 H N N 56  
ASN HXT  H N N 57  
ASP N    N N N 58  
ASP CA   C N S 59  
ASP C    C N N 60  
ASP O    O N N 61  
ASP CB   C N N 62  
ASP CG   C N N 63  
ASP OD1  O N N 64  
ASP OD2  O N N 65  
ASP OXT  O N N 66  
ASP H    H N N 67  
ASP H2   H N N 68  
ASP HA   H N N 69  
ASP HB2  H N N 70  
ASP HB3  H N N 71  
ASP HD2  H N N 72  
ASP HXT  H N N 73  
GLN N    N N N 74  
GLN CA   C N S 75  
GLN C    C N N 76  
GLN O    O N N 77  
GLN CB   C N N 78  
GLN CG   C N N 79  
GLN CD   C N N 80  
GLN OE1  O N N 81  
GLN NE2  N N N 82  
GLN OXT  O N N 83  
GLN H    H N N 84  
GLN H2   H N N 85  
GLN HA   H N N 86  
GLN HB2  H N N 87  
GLN HB3  H N N 88  
GLN HG2  H N N 89  
GLN HG3  H N N 90  
GLN HE21 H N N 91  
GLN HE22 H N N 92  
GLN HXT  H N N 93  
GLU N    N N N 94  
GLU CA   C N S 95  
GLU C    C N N 96  
GLU O    O N N 97  
GLU CB   C N N 98  
GLU CG   C N N 99  
GLU CD   C N N 100 
GLU OE1  O N N 101 
GLU OE2  O N N 102 
GLU OXT  O N N 103 
GLU H    H N N 104 
GLU H2   H N N 105 
GLU HA   H N N 106 
GLU HB2  H N N 107 
GLU HB3  H N N 108 
GLU HG2  H N N 109 
GLU HG3  H N N 110 
GLU HE2  H N N 111 
GLU HXT  H N N 112 
GLY N    N N N 113 
GLY CA   C N N 114 
GLY C    C N N 115 
GLY O    O N N 116 
GLY OXT  O N N 117 
GLY H    H N N 118 
GLY H2   H N N 119 
GLY HA2  H N N 120 
GLY HA3  H N N 121 
GLY HXT  H N N 122 
HIS N    N N N 123 
HIS CA   C N S 124 
HIS C    C N N 125 
HIS O    O N N 126 
HIS CB   C N N 127 
HIS CG   C Y N 128 
HIS ND1  N Y N 129 
HIS CD2  C Y N 130 
HIS CE1  C Y N 131 
HIS NE2  N Y N 132 
HIS OXT  O N N 133 
HIS H    H N N 134 
HIS H2   H N N 135 
HIS HA   H N N 136 
HIS HB2  H N N 137 
HIS HB3  H N N 138 
HIS HD1  H N N 139 
HIS HD2  H N N 140 
HIS HE1  H N N 141 
HIS HE2  H N N 142 
HIS HXT  H N N 143 
HOH O    O N N 144 
HOH H1   H N N 145 
HOH H2   H N N 146 
ILE N    N N N 147 
ILE CA   C N S 148 
ILE C    C N N 149 
ILE O    O N N 150 
ILE CB   C N S 151 
ILE CG1  C N N 152 
ILE CG2  C N N 153 
ILE CD1  C N N 154 
ILE OXT  O N N 155 
ILE H    H N N 156 
ILE H2   H N N 157 
ILE HA   H N N 158 
ILE HB   H N N 159 
ILE HG12 H N N 160 
ILE HG13 H N N 161 
ILE HG21 H N N 162 
ILE HG22 H N N 163 
ILE HG23 H N N 164 
ILE HD11 H N N 165 
ILE HD12 H N N 166 
ILE HD13 H N N 167 
ILE HXT  H N N 168 
LEU N    N N N 169 
LEU CA   C N S 170 
LEU C    C N N 171 
LEU O    O N N 172 
LEU CB   C N N 173 
LEU CG   C N N 174 
LEU CD1  C N N 175 
LEU CD2  C N N 176 
LEU OXT  O N N 177 
LEU H    H N N 178 
LEU H2   H N N 179 
LEU HA   H N N 180 
LEU HB2  H N N 181 
LEU HB3  H N N 182 
LEU HG   H N N 183 
LEU HD11 H N N 184 
LEU HD12 H N N 185 
LEU HD13 H N N 186 
LEU HD21 H N N 187 
LEU HD22 H N N 188 
LEU HD23 H N N 189 
LEU HXT  H N N 190 
LYS N    N N N 191 
LYS CA   C N S 192 
LYS C    C N N 193 
LYS O    O N N 194 
LYS CB   C N N 195 
LYS CG   C N N 196 
LYS CD   C N N 197 
LYS CE   C N N 198 
LYS NZ   N N N 199 
LYS OXT  O N N 200 
LYS H    H N N 201 
LYS H2   H N N 202 
LYS HA   H N N 203 
LYS HB2  H N N 204 
LYS HB3  H N N 205 
LYS HG2  H N N 206 
LYS HG3  H N N 207 
LYS HD2  H N N 208 
LYS HD3  H N N 209 
LYS HE2  H N N 210 
LYS HE3  H N N 211 
LYS HZ1  H N N 212 
LYS HZ2  H N N 213 
LYS HZ3  H N N 214 
LYS HXT  H N N 215 
MET N    N N N 216 
MET CA   C N S 217 
MET C    C N N 218 
MET O    O N N 219 
MET CB   C N N 220 
MET CG   C N N 221 
MET SD   S N N 222 
MET CE   C N N 223 
MET OXT  O N N 224 
MET H    H N N 225 
MET H2   H N N 226 
MET HA   H N N 227 
MET HB2  H N N 228 
MET HB3  H N N 229 
MET HG2  H N N 230 
MET HG3  H N N 231 
MET HE1  H N N 232 
MET HE2  H N N 233 
MET HE3  H N N 234 
MET HXT  H N N 235 
PHE N    N N N 236 
PHE CA   C N S 237 
PHE C    C N N 238 
PHE O    O N N 239 
PHE CB   C N N 240 
PHE CG   C Y N 241 
PHE CD1  C Y N 242 
PHE CD2  C Y N 243 
PHE CE1  C Y N 244 
PHE CE2  C Y N 245 
PHE CZ   C Y N 246 
PHE OXT  O N N 247 
PHE H    H N N 248 
PHE H2   H N N 249 
PHE HA   H N N 250 
PHE HB2  H N N 251 
PHE HB3  H N N 252 
PHE HD1  H N N 253 
PHE HD2  H N N 254 
PHE HE1  H N N 255 
PHE HE2  H N N 256 
PHE HZ   H N N 257 
PHE HXT  H N N 258 
PLM C1   C N N 259 
PLM O1   O N N 260 
PLM O2   O N N 261 
PLM C2   C N N 262 
PLM C3   C N N 263 
PLM C4   C N N 264 
PLM C5   C N N 265 
PLM C6   C N N 266 
PLM C7   C N N 267 
PLM C8   C N N 268 
PLM C9   C N N 269 
PLM CA   C N N 270 
PLM CB   C N N 271 
PLM CC   C N N 272 
PLM CD   C N N 273 
PLM CE   C N N 274 
PLM CF   C N N 275 
PLM CG   C N N 276 
PLM H    H N N 277 
PLM H21  H N N 278 
PLM H22  H N N 279 
PLM H31  H N N 280 
PLM H32  H N N 281 
PLM H41  H N N 282 
PLM H42  H N N 283 
PLM H51  H N N 284 
PLM H52  H N N 285 
PLM H61  H N N 286 
PLM H62  H N N 287 
PLM H71  H N N 288 
PLM H72  H N N 289 
PLM H81  H N N 290 
PLM H82  H N N 291 
PLM H91  H N N 292 
PLM H92  H N N 293 
PLM HA1  H N N 294 
PLM HA2  H N N 295 
PLM HB1  H N N 296 
PLM HB2  H N N 297 
PLM HC1  H N N 298 
PLM HC2  H N N 299 
PLM HD1  H N N 300 
PLM HD2  H N N 301 
PLM HE1  H N N 302 
PLM HE2  H N N 303 
PLM HF1  H N N 304 
PLM HF2  H N N 305 
PLM HG1  H N N 306 
PLM HG2  H N N 307 
PLM HG3  H N N 308 
SER N    N N N 309 
SER CA   C N S 310 
SER C    C N N 311 
SER O    O N N 312 
SER CB   C N N 313 
SER OG   O N N 314 
SER OXT  O N N 315 
SER H    H N N 316 
SER H2   H N N 317 
SER HA   H N N 318 
SER HB2  H N N 319 
SER HB3  H N N 320 
SER HG   H N N 321 
SER HXT  H N N 322 
THR N    N N N 323 
THR CA   C N S 324 
THR C    C N N 325 
THR O    O N N 326 
THR CB   C N R 327 
THR OG1  O N N 328 
THR CG2  C N N 329 
THR OXT  O N N 330 
THR H    H N N 331 
THR H2   H N N 332 
THR HA   H N N 333 
THR HB   H N N 334 
THR HG1  H N N 335 
THR HG21 H N N 336 
THR HG22 H N N 337 
THR HG23 H N N 338 
THR HXT  H N N 339 
TRP N    N N N 340 
TRP CA   C N S 341 
TRP C    C N N 342 
TRP O    O N N 343 
TRP CB   C N N 344 
TRP CG   C Y N 345 
TRP CD1  C Y N 346 
TRP CD2  C Y N 347 
TRP NE1  N Y N 348 
TRP CE2  C Y N 349 
TRP CE3  C Y N 350 
TRP CZ2  C Y N 351 
TRP CZ3  C Y N 352 
TRP CH2  C Y N 353 
TRP OXT  O N N 354 
TRP H    H N N 355 
TRP H2   H N N 356 
TRP HA   H N N 357 
TRP HB2  H N N 358 
TRP HB3  H N N 359 
TRP HD1  H N N 360 
TRP HE1  H N N 361 
TRP HE3  H N N 362 
TRP HZ2  H N N 363 
TRP HZ3  H N N 364 
TRP HH2  H N N 365 
TRP HXT  H N N 366 
TYR N    N N N 367 
TYR CA   C N S 368 
TYR C    C N N 369 
TYR O    O N N 370 
TYR CB   C N N 371 
TYR CG   C Y N 372 
TYR CD1  C Y N 373 
TYR CD2  C Y N 374 
TYR CE1  C Y N 375 
TYR CE2  C Y N 376 
TYR CZ   C Y N 377 
TYR OH   O N N 378 
TYR OXT  O N N 379 
TYR H    H N N 380 
TYR H2   H N N 381 
TYR HA   H N N 382 
TYR HB2  H N N 383 
TYR HB3  H N N 384 
TYR HD1  H N N 385 
TYR HD2  H N N 386 
TYR HE1  H N N 387 
TYR HE2  H N N 388 
TYR HH   H N N 389 
TYR HXT  H N N 390 
VAL N    N N N 391 
VAL CA   C N S 392 
VAL C    C N N 393 
VAL O    O N N 394 
VAL CB   C N N 395 
VAL CG1  C N N 396 
VAL CG2  C N N 397 
VAL OXT  O N N 398 
VAL H    H N N 399 
VAL H2   H N N 400 
VAL HA   H N N 401 
VAL HB   H N N 402 
VAL HG11 H N N 403 
VAL HG12 H N N 404 
VAL HG13 H N N 405 
VAL HG21 H N N 406 
VAL HG22 H N N 407 
VAL HG23 H N N 408 
VAL HXT  H N N 409 
# 
loop_
_chem_comp_bond.comp_id 
_chem_comp_bond.atom_id_1 
_chem_comp_bond.atom_id_2 
_chem_comp_bond.value_order 
_chem_comp_bond.pdbx_aromatic_flag 
_chem_comp_bond.pdbx_stereo_config 
_chem_comp_bond.pdbx_ordinal 
ALA N   CA   sing N N 1   
ALA N   H    sing N N 2   
ALA N   H2   sing N N 3   
ALA CA  C    sing N N 4   
ALA CA  CB   sing N N 5   
ALA CA  HA   sing N N 6   
ALA C   O    doub N N 7   
ALA C   OXT  sing N N 8   
ALA CB  HB1  sing N N 9   
ALA CB  HB2  sing N N 10  
ALA CB  HB3  sing N N 11  
ALA OXT HXT  sing N N 12  
ARG N   CA   sing N N 13  
ARG N   H    sing N N 14  
ARG N   H2   sing N N 15  
ARG CA  C    sing N N 16  
ARG CA  CB   sing N N 17  
ARG CA  HA   sing N N 18  
ARG C   O    doub N N 19  
ARG C   OXT  sing N N 20  
ARG CB  CG   sing N N 21  
ARG CB  HB2  sing N N 22  
ARG CB  HB3  sing N N 23  
ARG CG  CD   sing N N 24  
ARG CG  HG2  sing N N 25  
ARG CG  HG3  sing N N 26  
ARG CD  NE   sing N N 27  
ARG CD  HD2  sing N N 28  
ARG CD  HD3  sing N N 29  
ARG NE  CZ   sing N N 30  
ARG NE  HE   sing N N 31  
ARG CZ  NH1  sing N N 32  
ARG CZ  NH2  doub N N 33  
ARG NH1 HH11 sing N N 34  
ARG NH1 HH12 sing N N 35  
ARG NH2 HH21 sing N N 36  
ARG NH2 HH22 sing N N 37  
ARG OXT HXT  sing N N 38  
ASN N   CA   sing N N 39  
ASN N   H    sing N N 40  
ASN N   H2   sing N N 41  
ASN CA  C    sing N N 42  
ASN CA  CB   sing N N 43  
ASN CA  HA   sing N N 44  
ASN C   O    doub N N 45  
ASN C   OXT  sing N N 46  
ASN CB  CG   sing N N 47  
ASN CB  HB2  sing N N 48  
ASN CB  HB3  sing N N 49  
ASN CG  OD1  doub N N 50  
ASN CG  ND2  sing N N 51  
ASN ND2 HD21 sing N N 52  
ASN ND2 HD22 sing N N 53  
ASN OXT HXT  sing N N 54  
ASP N   CA   sing N N 55  
ASP N   H    sing N N 56  
ASP N   H2   sing N N 57  
ASP CA  C    sing N N 58  
ASP CA  CB   sing N N 59  
ASP CA  HA   sing N N 60  
ASP C   O    doub N N 61  
ASP C   OXT  sing N N 62  
ASP CB  CG   sing N N 63  
ASP CB  HB2  sing N N 64  
ASP CB  HB3  sing N N 65  
ASP CG  OD1  doub N N 66  
ASP CG  OD2  sing N N 67  
ASP OD2 HD2  sing N N 68  
ASP OXT HXT  sing N N 69  
GLN N   CA   sing N N 70  
GLN N   H    sing N N 71  
GLN N   H2   sing N N 72  
GLN CA  C    sing N N 73  
GLN CA  CB   sing N N 74  
GLN CA  HA   sing N N 75  
GLN C   O    doub N N 76  
GLN C   OXT  sing N N 77  
GLN CB  CG   sing N N 78  
GLN CB  HB2  sing N N 79  
GLN CB  HB3  sing N N 80  
GLN CG  CD   sing N N 81  
GLN CG  HG2  sing N N 82  
GLN CG  HG3  sing N N 83  
GLN CD  OE1  doub N N 84  
GLN CD  NE2  sing N N 85  
GLN NE2 HE21 sing N N 86  
GLN NE2 HE22 sing N N 87  
GLN OXT HXT  sing N N 88  
GLU N   CA   sing N N 89  
GLU N   H    sing N N 90  
GLU N   H2   sing N N 91  
GLU CA  C    sing N N 92  
GLU CA  CB   sing N N 93  
GLU CA  HA   sing N N 94  
GLU C   O    doub N N 95  
GLU C   OXT  sing N N 96  
GLU CB  CG   sing N N 97  
GLU CB  HB2  sing N N 98  
GLU CB  HB3  sing N N 99  
GLU CG  CD   sing N N 100 
GLU CG  HG2  sing N N 101 
GLU CG  HG3  sing N N 102 
GLU CD  OE1  doub N N 103 
GLU CD  OE2  sing N N 104 
GLU OE2 HE2  sing N N 105 
GLU OXT HXT  sing N N 106 
GLY N   CA   sing N N 107 
GLY N   H    sing N N 108 
GLY N   H2   sing N N 109 
GLY CA  C    sing N N 110 
GLY CA  HA2  sing N N 111 
GLY CA  HA3  sing N N 112 
GLY C   O    doub N N 113 
GLY C   OXT  sing N N 114 
GLY OXT HXT  sing N N 115 
HIS N   CA   sing N N 116 
HIS N   H    sing N N 117 
HIS N   H2   sing N N 118 
HIS CA  C    sing N N 119 
HIS CA  CB   sing N N 120 
HIS CA  HA   sing N N 121 
HIS C   O    doub N N 122 
HIS C   OXT  sing N N 123 
HIS CB  CG   sing N N 124 
HIS CB  HB2  sing N N 125 
HIS CB  HB3  sing N N 126 
HIS CG  ND1  sing Y N 127 
HIS CG  CD2  doub Y N 128 
HIS ND1 CE1  doub Y N 129 
HIS ND1 HD1  sing N N 130 
HIS CD2 NE2  sing Y N 131 
HIS CD2 HD2  sing N N 132 
HIS CE1 NE2  sing Y N 133 
HIS CE1 HE1  sing N N 134 
HIS NE2 HE2  sing N N 135 
HIS OXT HXT  sing N N 136 
HOH O   H1   sing N N 137 
HOH O   H2   sing N N 138 
ILE N   CA   sing N N 139 
ILE N   H    sing N N 140 
ILE N   H2   sing N N 141 
ILE CA  C    sing N N 142 
ILE CA  CB   sing N N 143 
ILE CA  HA   sing N N 144 
ILE C   O    doub N N 145 
ILE C   OXT  sing N N 146 
ILE CB  CG1  sing N N 147 
ILE CB  CG2  sing N N 148 
ILE CB  HB   sing N N 149 
ILE CG1 CD1  sing N N 150 
ILE CG1 HG12 sing N N 151 
ILE CG1 HG13 sing N N 152 
ILE CG2 HG21 sing N N 153 
ILE CG2 HG22 sing N N 154 
ILE CG2 HG23 sing N N 155 
ILE CD1 HD11 sing N N 156 
ILE CD1 HD12 sing N N 157 
ILE CD1 HD13 sing N N 158 
ILE OXT HXT  sing N N 159 
LEU N   CA   sing N N 160 
LEU N   H    sing N N 161 
LEU N   H2   sing N N 162 
LEU CA  C    sing N N 163 
LEU CA  CB   sing N N 164 
LEU CA  HA   sing N N 165 
LEU C   O    doub N N 166 
LEU C   OXT  sing N N 167 
LEU CB  CG   sing N N 168 
LEU CB  HB2  sing N N 169 
LEU CB  HB3  sing N N 170 
LEU CG  CD1  sing N N 171 
LEU CG  CD2  sing N N 172 
LEU CG  HG   sing N N 173 
LEU CD1 HD11 sing N N 174 
LEU CD1 HD12 sing N N 175 
LEU CD1 HD13 sing N N 176 
LEU CD2 HD21 sing N N 177 
LEU CD2 HD22 sing N N 178 
LEU CD2 HD23 sing N N 179 
LEU OXT HXT  sing N N 180 
LYS N   CA   sing N N 181 
LYS N   H    sing N N 182 
LYS N   H2   sing N N 183 
LYS CA  C    sing N N 184 
LYS CA  CB   sing N N 185 
LYS CA  HA   sing N N 186 
LYS C   O    doub N N 187 
LYS C   OXT  sing N N 188 
LYS CB  CG   sing N N 189 
LYS CB  HB2  sing N N 190 
LYS CB  HB3  sing N N 191 
LYS CG  CD   sing N N 192 
LYS CG  HG2  sing N N 193 
LYS CG  HG3  sing N N 194 
LYS CD  CE   sing N N 195 
LYS CD  HD2  sing N N 196 
LYS CD  HD3  sing N N 197 
LYS CE  NZ   sing N N 198 
LYS CE  HE2  sing N N 199 
LYS CE  HE3  sing N N 200 
LYS NZ  HZ1  sing N N 201 
LYS NZ  HZ2  sing N N 202 
LYS NZ  HZ3  sing N N 203 
LYS OXT HXT  sing N N 204 
MET N   CA   sing N N 205 
MET N   H    sing N N 206 
MET N   H2   sing N N 207 
MET CA  C    sing N N 208 
MET CA  CB   sing N N 209 
MET CA  HA   sing N N 210 
MET C   O    doub N N 211 
MET C   OXT  sing N N 212 
MET CB  CG   sing N N 213 
MET CB  HB2  sing N N 214 
MET CB  HB3  sing N N 215 
MET CG  SD   sing N N 216 
MET CG  HG2  sing N N 217 
MET CG  HG3  sing N N 218 
MET SD  CE   sing N N 219 
MET CE  HE1  sing N N 220 
MET CE  HE2  sing N N 221 
MET CE  HE3  sing N N 222 
MET OXT HXT  sing N N 223 
PHE N   CA   sing N N 224 
PHE N   H    sing N N 225 
PHE N   H2   sing N N 226 
PHE CA  C    sing N N 227 
PHE CA  CB   sing N N 228 
PHE CA  HA   sing N N 229 
PHE C   O    doub N N 230 
PHE C   OXT  sing N N 231 
PHE CB  CG   sing N N 232 
PHE CB  HB2  sing N N 233 
PHE CB  HB3  sing N N 234 
PHE CG  CD1  doub Y N 235 
PHE CG  CD2  sing Y N 236 
PHE CD1 CE1  sing Y N 237 
PHE CD1 HD1  sing N N 238 
PHE CD2 CE2  doub Y N 239 
PHE CD2 HD2  sing N N 240 
PHE CE1 CZ   doub Y N 241 
PHE CE1 HE1  sing N N 242 
PHE CE2 CZ   sing Y N 243 
PHE CE2 HE2  sing N N 244 
PHE CZ  HZ   sing N N 245 
PHE OXT HXT  sing N N 246 
PLM C1  O1   sing N N 247 
PLM C1  O2   doub N N 248 
PLM C1  C2   sing N N 249 
PLM O1  H    sing N N 250 
PLM C2  C3   sing N N 251 
PLM C2  H21  sing N N 252 
PLM C2  H22  sing N N 253 
PLM C3  C4   sing N N 254 
PLM C3  H31  sing N N 255 
PLM C3  H32  sing N N 256 
PLM C4  C5   sing N N 257 
PLM C4  H41  sing N N 258 
PLM C4  H42  sing N N 259 
PLM C5  C6   sing N N 260 
PLM C5  H51  sing N N 261 
PLM C5  H52  sing N N 262 
PLM C6  C7   sing N N 263 
PLM C6  H61  sing N N 264 
PLM C6  H62  sing N N 265 
PLM C7  C8   sing N N 266 
PLM C7  H71  sing N N 267 
PLM C7  H72  sing N N 268 
PLM C8  C9   sing N N 269 
PLM C8  H81  sing N N 270 
PLM C8  H82  sing N N 271 
PLM C9  CA   sing N N 272 
PLM C9  H91  sing N N 273 
PLM C9  H92  sing N N 274 
PLM CA  CB   sing N N 275 
PLM CA  HA1  sing N N 276 
PLM CA  HA2  sing N N 277 
PLM CB  CC   sing N N 278 
PLM CB  HB1  sing N N 279 
PLM CB  HB2  sing N N 280 
PLM CC  CD   sing N N 281 
PLM CC  HC1  sing N N 282 
PLM CC  HC2  sing N N 283 
PLM CD  CE   sing N N 284 
PLM CD  HD1  sing N N 285 
PLM CD  HD2  sing N N 286 
PLM CE  CF   sing N N 287 
PLM CE  HE1  sing N N 288 
PLM CE  HE2  sing N N 289 
PLM CF  CG   sing N N 290 
PLM CF  HF1  sing N N 291 
PLM CF  HF2  sing N N 292 
PLM CG  HG1  sing N N 293 
PLM CG  HG2  sing N N 294 
PLM CG  HG3  sing N N 295 
SER N   CA   sing N N 296 
SER N   H    sing N N 297 
SER N   H2   sing N N 298 
SER CA  C    sing N N 299 
SER CA  CB   sing N N 300 
SER CA  HA   sing N N 301 
SER C   O    doub N N 302 
SER C   OXT  sing N N 303 
SER CB  OG   sing N N 304 
SER CB  HB2  sing N N 305 
SER CB  HB3  sing N N 306 
SER OG  HG   sing N N 307 
SER OXT HXT  sing N N 308 
THR N   CA   sing N N 309 
THR N   H    sing N N 310 
THR N   H2   sing N N 311 
THR CA  C    sing N N 312 
THR CA  CB   sing N N 313 
THR CA  HA   sing N N 314 
THR C   O    doub N N 315 
THR C   OXT  sing N N 316 
THR CB  OG1  sing N N 317 
THR CB  CG2  sing N N 318 
THR CB  HB   sing N N 319 
THR OG1 HG1  sing N N 320 
THR CG2 HG21 sing N N 321 
THR CG2 HG22 sing N N 322 
THR CG2 HG23 sing N N 323 
THR OXT HXT  sing N N 324 
TRP N   CA   sing N N 325 
TRP N   H    sing N N 326 
TRP N   H2   sing N N 327 
TRP CA  C    sing N N 328 
TRP CA  CB   sing N N 329 
TRP CA  HA   sing N N 330 
TRP C   O    doub N N 331 
TRP C   OXT  sing N N 332 
TRP CB  CG   sing N N 333 
TRP CB  HB2  sing N N 334 
TRP CB  HB3  sing N N 335 
TRP CG  CD1  doub Y N 336 
TRP CG  CD2  sing Y N 337 
TRP CD1 NE1  sing Y N 338 
TRP CD1 HD1  sing N N 339 
TRP CD2 CE2  doub Y N 340 
TRP CD2 CE3  sing Y N 341 
TRP NE1 CE2  sing Y N 342 
TRP NE1 HE1  sing N N 343 
TRP CE2 CZ2  sing Y N 344 
TRP CE3 CZ3  doub Y N 345 
TRP CE3 HE3  sing N N 346 
TRP CZ2 CH2  doub Y N 347 
TRP CZ2 HZ2  sing N N 348 
TRP CZ3 CH2  sing Y N 349 
TRP CZ3 HZ3  sing N N 350 
TRP CH2 HH2  sing N N 351 
TRP OXT HXT  sing N N 352 
TYR N   CA   sing N N 353 
TYR N   H    sing N N 354 
TYR N   H2   sing N N 355 
TYR CA  C    sing N N 356 
TYR CA  CB   sing N N 357 
TYR CA  HA   sing N N 358 
TYR C   O    doub N N 359 
TYR C   OXT  sing N N 360 
TYR CB  CG   sing N N 361 
TYR CB  HB2  sing N N 362 
TYR CB  HB3  sing N N 363 
TYR CG  CD1  doub Y N 364 
TYR CG  CD2  sing Y N 365 
TYR CD1 CE1  sing Y N 366 
TYR CD1 HD1  sing N N 367 
TYR CD2 CE2  doub Y N 368 
TYR CD2 HD2  sing N N 369 
TYR CE1 CZ   doub Y N 370 
TYR CE1 HE1  sing N N 371 
TYR CE2 CZ   sing Y N 372 
TYR CE2 HE2  sing N N 373 
TYR CZ  OH   sing N N 374 
TYR OH  HH   sing N N 375 
TYR OXT HXT  sing N N 376 
VAL N   CA   sing N N 377 
VAL N   H    sing N N 378 
VAL N   H2   sing N N 379 
VAL CA  C    sing N N 380 
VAL CA  CB   sing N N 381 
VAL CA  HA   sing N N 382 
VAL C   O    doub N N 383 
VAL C   OXT  sing N N 384 
VAL CB  CG1  sing N N 385 
VAL CB  CG2  sing N N 386 
VAL CB  HB   sing N N 387 
VAL CG1 HG11 sing N N 388 
VAL CG1 HG12 sing N N 389 
VAL CG1 HG13 sing N N 390 
VAL CG2 HG21 sing N N 391 
VAL CG2 HG22 sing N N 392 
VAL CG2 HG23 sing N N 393 
VAL OXT HXT  sing N N 394 
# 
_atom_sites.entry_id                    2IFB 
_atom_sites.fract_transf_matrix[1][1]   0.00267413 
_atom_sites.fract_transf_matrix[1][2]   -0.02962086 
_atom_sites.fract_transf_matrix[1][3]   -0.00051569 
_atom_sites.fract_transf_matrix[2][1]   0.00905935 
_atom_sites.fract_transf_matrix[2][2]   0.00107938 
_atom_sites.fract_transf_matrix[2][3]   -0.01502144 
_atom_sites.fract_transf_matrix[3][1]   0.02796904 
_atom_sites.fract_transf_matrix[3][2]   -0.01177032 
_atom_sites.fract_transf_matrix[3][3]   0.01602222 
_atom_sites.fract_transf_vector[1]      0.651035 
_atom_sites.fract_transf_vector[2]      0.163570 
_atom_sites.fract_transf_vector[3]      0.382081 
# 
loop_
_atom_type.symbol 
C 
N 
O 
S 
# 
loop_
_atom_site.group_PDB 
_atom_site.id 
_atom_site.type_symbol 
_atom_site.label_atom_id 
_atom_site.label_alt_id 
_atom_site.label_comp_id 
_atom_site.label_asym_id 
_atom_site.label_entity_id 
_atom_site.label_seq_id 
_atom_site.pdbx_PDB_ins_code 
_atom_site.Cartn_x 
_atom_site.Cartn_y 
_atom_site.Cartn_z 
_atom_site.occupancy 
_atom_site.B_iso_or_equiv 
_atom_site.pdbx_formal_charge 
_atom_site.auth_seq_id 
_atom_site.auth_comp_id 
_atom_site.auth_asym_id 
_atom_site.auth_atom_id 
_atom_site.pdbx_PDB_model_num 
ATOM   1    N N   . ALA A 1 1   ? -5.142  15.750  1.710   1.00 63.97 ? 1   ALA A N   1 
ATOM   2    C CA  . ALA A 1 1   ? -3.795  15.854  1.165   1.00 54.91 ? 1   ALA A CA  1 
ATOM   3    C C   . ALA A 1 1   ? -3.566  14.781  0.114   1.00 45.04 ? 1   ALA A C   1 
ATOM   4    O O   . ALA A 1 1   ? -2.765  14.955  -0.795  1.00 44.89 ? 1   ALA A O   1 
ATOM   5    C CB  . ALA A 1 1   ? -2.736  15.616  2.239   1.00 52.86 ? 1   ALA A CB  1 
ATOM   6    N N   . PHE A 1 2   ? -4.269  13.666  0.223   1.00 30.47 ? 2   PHE A N   1 
ATOM   7    C CA  . PHE A 1 2   ? -3.920  12.576  -0.657  1.00 22.66 ? 2   PHE A CA  1 
ATOM   8    C C   . PHE A 1 2   ? -4.883  12.359  -1.806  1.00 24.99 ? 2   PHE A C   1 
ATOM   9    O O   . PHE A 1 2   ? -4.726  11.467  -2.635  1.00 26.08 ? 2   PHE A O   1 
ATOM   10   C CB  . PHE A 1 2   ? -3.761  11.326  0.201   1.00 18.75 ? 2   PHE A CB  1 
ATOM   11   C CG  . PHE A 1 2   ? -2.682  11.510  1.224   1.00 21.53 ? 2   PHE A CG  1 
ATOM   12   C CD1 . PHE A 1 2   ? -2.972  11.944  2.518   1.00 13.17 ? 2   PHE A CD1 1 
ATOM   13   C CD2 . PHE A 1 2   ? -1.378  11.127  0.919   1.00 22.90 ? 2   PHE A CD2 1 
ATOM   14   C CE1 . PHE A 1 2   ? -1.963  11.995  3.477   1.00 17.76 ? 2   PHE A CE1 1 
ATOM   15   C CE2 . PHE A 1 2   ? -0.348  11.190  1.851   1.00 17.05 ? 2   PHE A CE2 1 
ATOM   16   C CZ  . PHE A 1 2   ? -0.655  11.656  3.130   1.00 21.64 ? 2   PHE A CZ  1 
ATOM   17   N N   . ASP A 1 3   ? -5.933  13.167  -1.815  1.00 19.50 ? 3   ASP A N   1 
ATOM   18   C CA  . ASP A 1 3   ? -6.973  13.022  -2.812  1.00 19.22 ? 3   ASP A CA  1 
ATOM   19   C C   . ASP A 1 3   ? -6.465  13.022  -4.230  1.00 28.52 ? 3   ASP A C   1 
ATOM   20   O O   . ASP A 1 3   ? -5.531  13.747  -4.580  1.00 22.34 ? 3   ASP A O   1 
ATOM   21   C CB  . ASP A 1 3   ? -8.050  14.115  -2.690  1.00 23.97 ? 3   ASP A CB  1 
ATOM   22   C CG  . ASP A 1 3   ? -8.599  14.088  -1.306  1.00 37.32 ? 3   ASP A CG  1 
ATOM   23   O OD1 . ASP A 1 3   ? -9.699  13.628  -1.104  1.00 26.22 ? 3   ASP A OD1 1 
ATOM   24   O OD2 . ASP A 1 3   ? -7.743  14.521  -0.400  1.00 40.72 ? 3   ASP A OD2 1 
ATOM   25   N N   . GLY A 1 4   ? -7.154  12.252  -5.055  1.00 16.03 ? 4   GLY A N   1 
ATOM   26   C CA  . GLY A 1 4   ? -6.775  12.257  -6.450  1.00 21.59 ? 4   GLY A CA  1 
ATOM   27   C C   . GLY A 1 4   ? -6.467  10.872  -6.949  1.00 11.38 ? 4   GLY A C   1 
ATOM   28   O O   . GLY A 1 4   ? -6.530  9.901   -6.211  1.00 18.41 ? 4   GLY A O   1 
ATOM   29   N N   . THR A 1 5   ? -6.083  10.830  -8.212  1.00 22.53 ? 5   THR A N   1 
ATOM   30   C CA  . THR A 1 5   ? -5.699  9.600   -8.861  1.00 17.03 ? 5   THR A CA  1 
ATOM   31   C C   . THR A 1 5   ? -4.227  9.563   -9.188  1.00 19.51 ? 5   THR A C   1 
ATOM   32   O O   . THR A 1 5   ? -3.648  10.532  -9.674  1.00 16.68 ? 5   THR A O   1 
ATOM   33   C CB  . THR A 1 5   ? -6.654  8.923   -9.858  1.00 22.77 ? 5   THR A CB  1 
ATOM   34   O OG1 . THR A 1 5   ? -6.050  8.292   -10.977 1.00 29.74 ? 5   THR A OG1 1 
ATOM   35   C CG2 . THR A 1 5   ? -8.081  9.445   -9.962  1.00 9.25  ? 5   THR A CG2 1 
ATOM   36   N N   . TRP A 1 6   ? -3.594  8.510   -8.674  1.00 11.65 ? 6   TRP A N   1 
ATOM   37   C CA  . TRP A 1 6   ? -2.167  8.358   -8.770  1.00 12.86 ? 6   TRP A CA  1 
ATOM   38   C C   . TRP A 1 6   ? -1.871  7.078   -9.522  1.00 17.31 ? 6   TRP A C   1 
ATOM   39   O O   . TRP A 1 6   ? -2.481  6.081   -9.170  1.00 15.64 ? 6   TRP A O   1 
ATOM   40   C CB  . TRP A 1 6   ? -1.680  8.241   -7.321  1.00 13.28 ? 6   TRP A CB  1 
ATOM   41   C CG  . TRP A 1 6   ? -2.175  9.332   -6.428  1.00 8.13  ? 6   TRP A CG  1 
ATOM   42   C CD1 . TRP A 1 6   ? -3.290  9.381   -5.646  1.00 21.90 ? 6   TRP A CD1 1 
ATOM   43   C CD2 . TRP A 1 6   ? -1.463  10.540  -6.179  1.00 10.18 ? 6   TRP A CD2 1 
ATOM   44   N NE1 . TRP A 1 6   ? -3.331  10.573  -4.959  1.00 23.20 ? 6   TRP A NE1 1 
ATOM   45   C CE2 . TRP A 1 6   ? -2.193  11.288  -5.247  1.00 13.99 ? 6   TRP A CE2 1 
ATOM   46   C CE3 . TRP A 1 6   ? -0.281  11.047  -6.708  1.00 10.44 ? 6   TRP A CE3 1 
ATOM   47   C CZ2 . TRP A 1 6   ? -1.708  12.495  -4.728  1.00 13.56 ? 6   TRP A CZ2 1 
ATOM   48   C CZ3 . TRP A 1 6   ? 0.184   12.239  -6.202  1.00 18.22 ? 6   TRP A CZ3 1 
ATOM   49   C CH2 . TRP A 1 6   ? -0.519  12.962  -5.235  1.00 14.35 ? 6   TRP A CH2 1 
ATOM   50   N N   . LYS A 1 7   ? -0.929  7.088   -10.472 1.00 21.51 ? 7   LYS A N   1 
ATOM   51   C CA  . LYS A 1 7   ? -0.531  5.894   -11.189 1.00 18.10 ? 7   LYS A CA  1 
ATOM   52   C C   . LYS A 1 7   ? 0.909   5.559   -10.864 1.00 7.81  ? 7   LYS A C   1 
ATOM   53   O O   . LYS A 1 7   ? 1.743   6.442   -10.917 1.00 19.61 ? 7   LYS A O   1 
ATOM   54   C CB  . LYS A 1 7   ? -0.656  6.162   -12.677 1.00 16.58 ? 7   LYS A CB  1 
ATOM   55   C CG  . LYS A 1 7   ? -2.084  6.502   -13.062 1.00 27.14 ? 7   LYS A CG  1 
ATOM   56   C CD  . LYS A 1 7   ? -2.257  6.566   -14.565 1.00 31.86 ? 7   LYS A CD  1 
ATOM   57   C CE  . LYS A 1 7   ? -3.717  6.469   -14.954 1.00 59.37 ? 7   LYS A CE  1 
ATOM   58   N NZ  . LYS A 1 7   ? -3.960  6.772   -16.377 1.00 60.03 ? 7   LYS A NZ  1 
ATOM   59   N N   . VAL A 1 8   ? 1.245   4.305   -10.606 1.00 16.88 ? 8   VAL A N   1 
ATOM   60   C CA  . VAL A 1 8   ? 2.611   3.950   -10.273 1.00 11.13 ? 8   VAL A CA  1 
ATOM   61   C C   . VAL A 1 8   ? 3.596   4.419   -11.343 1.00 23.88 ? 8   VAL A C   1 
ATOM   62   O O   . VAL A 1 8   ? 3.253   4.440   -12.534 1.00 18.61 ? 8   VAL A O   1 
ATOM   63   C CB  . VAL A 1 8   ? 2.744   2.492   -9.798  1.00 10.82 ? 8   VAL A CB  1 
ATOM   64   C CG1 . VAL A 1 8   ? 2.376   1.475   -10.859 1.00 5.42  ? 8   VAL A CG1 1 
ATOM   65   C CG2 . VAL A 1 8   ? 4.080   2.185   -9.115  1.00 9.86  ? 8   VAL A CG2 1 
ATOM   66   N N   . ASP A 1 9   ? 4.747   4.930   -10.899 1.00 15.13 ? 9   ASP A N   1 
ATOM   67   C CA  . ASP A 1 9   ? 5.754   5.446   -11.805 1.00 14.43 ? 9   ASP A CA  1 
ATOM   68   C C   . ASP A 1 9   ? 7.032   4.659   -11.610 1.00 15.83 ? 9   ASP A C   1 
ATOM   69   O O   . ASP A 1 9   ? 7.589   4.054   -12.503 1.00 27.07 ? 9   ASP A O   1 
ATOM   70   C CB  . ASP A 1 9   ? 6.007   6.947   -11.591 1.00 18.52 ? 9   ASP A CB  1 
ATOM   71   C CG  . ASP A 1 9   ? 6.808   7.628   -12.670 1.00 23.34 ? 9   ASP A CG  1 
ATOM   72   O OD1 . ASP A 1 9   ? 7.669   8.445   -12.425 1.00 30.77 ? 9   ASP A OD1 1 
ATOM   73   O OD2 . ASP A 1 9   ? 6.507   7.241   -13.884 1.00 27.85 ? 9   ASP A OD2 1 
ATOM   74   N N   . ARG A 1 10  ? 7.552   4.645   -10.412 1.00 20.42 ? 10  ARG A N   1 
ATOM   75   C CA  . ARG A 1 10  ? 8.774   3.888   -10.243 1.00 16.04 ? 10  ARG A CA  1 
ATOM   76   C C   . ARG A 1 10  ? 8.721   3.101   -8.980  1.00 9.35  ? 10  ARG A C   1 
ATOM   77   O O   . ARG A 1 10  ? 7.909   3.357   -8.099  1.00 10.96 ? 10  ARG A O   1 
ATOM   78   C CB  . ARG A 1 10  ? 10.040  4.730   -10.323 1.00 20.91 ? 10  ARG A CB  1 
ATOM   79   C CG  . ARG A 1 10  ? 9.942   6.104   -9.692  1.00 20.10 ? 10  ARG A CG  1 
ATOM   80   C CD  . ARG A 1 10  ? 10.206  7.216   -10.710 1.00 35.14 ? 10  ARG A CD  1 
ATOM   81   N NE  . ARG A 1 10  ? 11.534  7.130   -11.294 1.00 54.29 ? 10  ARG A NE  1 
ATOM   82   C CZ  . ARG A 1 10  ? 12.533  7.939   -10.913 1.00 59.86 ? 10  ARG A CZ  1 
ATOM   83   N NH1 . ARG A 1 10  ? 13.786  7.892   -11.419 1.00 17.44 ? 10  ARG A NH1 1 
ATOM   84   N NH2 . ARG A 1 10  ? 12.220  8.826   -9.966  1.00 59.51 ? 10  ARG A NH2 1 
ATOM   85   N N   . ASN A 1 11  ? 9.570   2.074   -8.940  1.00 20.52 ? 11  ASN A N   1 
ATOM   86   C CA  . ASN A 1 11  ? 9.660   1.171   -7.806  1.00 18.22 ? 11  ASN A CA  1 
ATOM   87   C C   . ASN A 1 11  ? 11.090  1.072   -7.316  1.00 10.70 ? 11  ASN A C   1 
ATOM   88   O O   . ASN A 1 11  ? 12.019  1.062   -8.128  1.00 17.29 ? 11  ASN A O   1 
ATOM   89   C CB  . ASN A 1 11  ? 9.370   -0.232  -8.375  1.00 26.48 ? 11  ASN A CB  1 
ATOM   90   C CG  . ASN A 1 11  ? 7.936   -0.637  -8.676  1.00 17.86 ? 11  ASN A CG  1 
ATOM   91   O OD1 . ASN A 1 11  ? 6.976   -0.085  -8.151  1.00 23.17 ? 11  ASN A OD1 1 
ATOM   92   N ND2 . ASN A 1 11  ? 7.780   -1.698  -9.465  1.00 29.35 ? 11  ASN A ND2 1 
ATOM   93   N N   . GLU A 1 12  ? 11.322  1.080   -6.025  1.00 6.90  ? 12  GLU A N   1 
ATOM   94   C CA  . GLU A 1 12  ? 12.652  0.754   -5.553  1.00 16.28 ? 12  GLU A CA  1 
ATOM   95   C C   . GLU A 1 12  ? 12.622  -0.470  -4.633  1.00 16.59 ? 12  GLU A C   1 
ATOM   96   O O   . GLU A 1 12  ? 11.916  -0.420  -3.631  1.00 12.59 ? 12  GLU A O   1 
ATOM   97   C CB  . GLU A 1 12  ? 13.384  1.915   -4.855  1.00 29.31 ? 12  GLU A CB  1 
ATOM   98   C CG  . GLU A 1 12  ? 14.863  2.063   -5.316  1.00 38.87 ? 12  GLU A CG  1 
ATOM   99   C CD  . GLU A 1 12  ? 15.769  0.850   -5.170  1.00 40.66 ? 12  GLU A CD  1 
ATOM   100  O OE1 . GLU A 1 12  ? 16.416  0.583   -4.160  1.00 42.83 ? 12  GLU A OE1 1 
ATOM   101  O OE2 . GLU A 1 12  ? 15.842  0.126   -6.270  1.00 33.45 ? 12  GLU A OE2 1 
ATOM   102  N N   . ASN A 1 13  ? 13.416  -1.508  -4.914  1.00 5.59  ? 13  ASN A N   1 
ATOM   103  C CA  . ASN A 1 13  ? 13.572  -2.670  -4.025  1.00 11.49 ? 13  ASN A CA  1 
ATOM   104  C C   . ASN A 1 13  ? 12.370  -3.582  -3.870  1.00 7.05  ? 13  ASN A C   1 
ATOM   105  O O   . ASN A 1 13  ? 12.366  -4.418  -2.967  1.00 9.26  ? 13  ASN A O   1 
ATOM   106  C CB  . ASN A 1 13  ? 14.112  -2.323  -2.610  1.00 10.16 ? 13  ASN A CB  1 
ATOM   107  C CG  . ASN A 1 13  ? 15.055  -3.362  -2.029  1.00 14.63 ? 13  ASN A CG  1 
ATOM   108  O OD1 . ASN A 1 13  ? 15.658  -4.128  -2.765  1.00 18.01 ? 13  ASN A OD1 1 
ATOM   109  N ND2 . ASN A 1 13  ? 15.160  -3.453  -0.714  1.00 11.84 ? 13  ASN A ND2 1 
ATOM   110  N N   . TYR A 1 14  ? 11.364  -3.317  -4.685  1.00 8.88  ? 14  TYR A N   1 
ATOM   111  C CA  . TYR A 1 14  ? 10.072  -3.969  -4.618  1.00 11.69 ? 14  TYR A CA  1 
ATOM   112  C C   . TYR A 1 14  ? 10.073  -5.489  -4.787  1.00 21.22 ? 14  TYR A C   1 
ATOM   113  O O   . TYR A 1 14  ? 9.371   -6.166  -4.034  1.00 21.07 ? 14  TYR A O   1 
ATOM   114  C CB  . TYR A 1 14  ? 8.989   -3.258  -5.440  1.00 11.86 ? 14  TYR A CB  1 
ATOM   115  C CG  . TYR A 1 14  ? 7.550   -3.674  -5.167  1.00 12.27 ? 14  TYR A CG  1 
ATOM   116  C CD1 . TYR A 1 14  ? 7.058   -3.862  -3.872  1.00 11.76 ? 14  TYR A CD1 1 
ATOM   117  C CD2 . TYR A 1 14  ? 6.671   -3.799  -6.238  1.00 7.20  ? 14  TYR A CD2 1 
ATOM   118  C CE1 . TYR A 1 14  ? 5.716   -4.187  -3.659  1.00 14.18 ? 14  TYR A CE1 1 
ATOM   119  C CE2 . TYR A 1 14  ? 5.345   -4.182  -6.040  1.00 18.65 ? 14  TYR A CE2 1 
ATOM   120  C CZ  . TYR A 1 14  ? 4.858   -4.360  -4.741  1.00 7.79  ? 14  TYR A CZ  1 
ATOM   121  O OH  . TYR A 1 14  ? 3.541   -4.650  -4.559  1.00 9.92  ? 14  TYR A OH  1 
ATOM   122  N N   . GLU A 1 15  ? 10.852  -6.040  -5.734  1.00 28.51 ? 15  GLU A N   1 
ATOM   123  C CA  . GLU A 1 15  ? 10.902  -7.490  -5.922  1.00 29.00 ? 15  GLU A CA  1 
ATOM   124  C C   . GLU A 1 15  ? 11.557  -8.154  -4.729  1.00 8.73  ? 15  GLU A C   1 
ATOM   125  O O   . GLU A 1 15  ? 11.071  -9.152  -4.229  1.00 16.49 ? 15  GLU A O   1 
ATOM   126  C CB  . GLU A 1 15  ? 11.561  -7.862  -7.276  1.00 24.97 ? 15  GLU A CB  1 
ATOM   127  C CG  . GLU A 1 15  ? 10.707  -7.456  -8.500  1.00 21.84 ? 15  GLU A CG  1 
ATOM   128  C CD  . GLU A 1 15  ? 10.848  -8.310  -9.741  1.00 46.44 ? 15  GLU A CD  1 
ATOM   129  O OE1 . GLU A 1 15  ? 11.172  -9.496  -9.751  1.00 40.30 ? 15  GLU A OE1 1 
ATOM   130  O OE2 . GLU A 1 15  ? 10.550  -7.629  -10.831 1.00 47.11 ? 15  GLU A OE2 1 
ATOM   131  N N   . LYS A 1 16  ? 12.567  -7.485  -4.185  1.00 9.74  ? 16  LYS A N   1 
ATOM   132  C CA  . LYS A 1 16  ? 13.224  -7.922  -2.981  1.00 17.42 ? 16  LYS A CA  1 
ATOM   133  C C   . LYS A 1 16  ? 12.287  -7.940  -1.770  1.00 29.84 ? 16  LYS A C   1 
ATOM   134  O O   . LYS A 1 16  ? 12.347  -8.808  -0.891  1.00 12.50 ? 16  LYS A O   1 
ATOM   135  C CB  . LYS A 1 16  ? 14.500  -7.116  -2.727  1.00 19.16 ? 16  LYS A CB  1 
ATOM   136  C CG  . LYS A 1 16  ? 15.686  -7.623  -3.553  1.00 52.79 ? 16  LYS A CG  1 
ATOM   137  C CD  . LYS A 1 16  ? 17.066  -7.038  -3.216  1.00 54.88 ? 16  LYS A CD  1 
ATOM   138  C CE  . LYS A 1 16  ? 17.799  -6.290  -4.346  1.00 64.14 ? 16  LYS A CE  1 
ATOM   139  N NZ  . LYS A 1 16  ? 17.185  -5.064  -4.908  1.00 50.51 ? 16  LYS A NZ  1 
ATOM   140  N N   . PHE A 1 17  ? 11.477  -6.888  -1.651  1.00 12.66 ? 17  PHE A N   1 
ATOM   141  C CA  . PHE A 1 17  ? 10.521  -6.862  -0.581  1.00 7.31  ? 17  PHE A CA  1 
ATOM   142  C C   . PHE A 1 17  ? 9.548   -8.038  -0.719  1.00 7.12  ? 17  PHE A C   1 
ATOM   143  O O   . PHE A 1 17  ? 9.193   -8.727  0.235   1.00 13.00 ? 17  PHE A O   1 
ATOM   144  C CB  . PHE A 1 17  ? 9.835   -5.479  -0.570  1.00 10.18 ? 17  PHE A CB  1 
ATOM   145  C CG  . PHE A 1 17  ? 8.629   -5.397  0.340   1.00 11.71 ? 17  PHE A CG  1 
ATOM   146  C CD1 . PHE A 1 17  ? 8.778   -5.083  1.691   1.00 15.56 ? 17  PHE A CD1 1 
ATOM   147  C CD2 . PHE A 1 17  ? 7.350   -5.612  -0.180  1.00 15.83 ? 17  PHE A CD2 1 
ATOM   148  C CE1 . PHE A 1 17  ? 7.647   -4.977  2.507   1.00 10.96 ? 17  PHE A CE1 1 
ATOM   149  C CE2 . PHE A 1 17  ? 6.216   -5.570  0.631   1.00 14.11 ? 17  PHE A CE2 1 
ATOM   150  C CZ  . PHE A 1 17  ? 6.382   -5.244  1.979   1.00 19.27 ? 17  PHE A CZ  1 
ATOM   151  N N   . MET A 1 18  ? 9.044   -8.248  -1.917  1.00 8.39  ? 18  MET A N   1 
ATOM   152  C CA  . MET A 1 18  ? 8.085   -9.300  -2.138  1.00 16.59 ? 18  MET A CA  1 
ATOM   153  C C   . MET A 1 18  ? 8.709   -10.646 -1.819  1.00 29.86 ? 18  MET A C   1 
ATOM   154  O O   . MET A 1 18  ? 8.046   -11.542 -1.291  1.00 22.25 ? 18  MET A O   1 
ATOM   155  C CB  . MET A 1 18  ? 7.511   -9.242  -3.559  1.00 11.16 ? 18  MET A CB  1 
ATOM   156  C CG  . MET A 1 18  ? 6.395   -8.220  -3.700  1.00 11.61 ? 18  MET A CG  1 
ATOM   157  S SD  . MET A 1 18  ? 5.633   -8.101  -5.335  1.00 17.34 ? 18  MET A SD  1 
ATOM   158  C CE  . MET A 1 18  ? 6.971   -7.396  -6.329  1.00 11.31 ? 18  MET A CE  1 
ATOM   159  N N   . GLU A 1 19  ? 9.979   -10.819 -2.191  1.00 25.64 ? 19  GLU A N   1 
ATOM   160  C CA  . GLU A 1 19  ? 10.667  -12.075 -1.906  1.00 22.81 ? 19  GLU A CA  1 
ATOM   161  C C   . GLU A 1 19  ? 10.668  -12.351 -0.408  1.00 30.76 ? 19  GLU A C   1 
ATOM   162  O O   . GLU A 1 19  ? 10.336  -13.426 0.094   1.00 15.55 ? 19  GLU A O   1 
ATOM   163  C CB  . GLU A 1 19  ? 12.086  -12.121 -2.538  1.00 17.30 ? 19  GLU A CB  1 
ATOM   164  C CG  . GLU A 1 19  ? 12.933  -13.325 -2.080  1.00 32.03 ? 19  GLU A CG  1 
ATOM   165  C CD  . GLU A 1 19  ? 13.253  -14.311 -3.170  1.00 61.57 ? 19  GLU A CD  1 
ATOM   166  O OE1 . GLU A 1 19  ? 12.480  -15.191 -3.560  1.00 76.94 ? 19  GLU A OE1 1 
ATOM   167  O OE2 . GLU A 1 19  ? 14.466  -14.092 -3.635  1.00 55.99 ? 19  GLU A OE2 1 
ATOM   168  N N   . LYS A 1 20  ? 11.032  -11.339 0.357   1.00 15.59 ? 20  LYS A N   1 
ATOM   169  C CA  . LYS A 1 20  ? 11.060  -11.432 1.800   1.00 12.88 ? 20  LYS A CA  1 
ATOM   170  C C   . LYS A 1 20  ? 9.679   -11.742 2.395   1.00 22.20 ? 20  LYS A C   1 
ATOM   171  O O   . LYS A 1 20  ? 9.598   -12.426 3.403   1.00 11.63 ? 20  LYS A O   1 
ATOM   172  C CB  . LYS A 1 20  ? 11.573  -10.095 2.311   1.00 18.37 ? 20  LYS A CB  1 
ATOM   173  C CG  . LYS A 1 20  ? 12.008  -10.101 3.744   1.00 16.59 ? 20  LYS A CG  1 
ATOM   174  C CD  . LYS A 1 20  ? 13.217  -10.998 3.770   1.00 13.94 ? 20  LYS A CD  1 
ATOM   175  C CE  . LYS A 1 20  ? 13.759  -11.085 5.170   1.00 22.10 ? 20  LYS A CE  1 
ATOM   176  N NZ  . LYS A 1 20  ? 14.982  -11.896 5.122   1.00 31.21 ? 20  LYS A NZ  1 
ATOM   177  N N   . MET A 1 21  ? 8.601   -11.275 1.751   1.00 8.63  ? 21  MET A N   1 
ATOM   178  C CA  . MET A 1 21  ? 7.236   -11.517 2.170   1.00 11.90 ? 21  MET A CA  1 
ATOM   179  C C   . MET A 1 21  ? 6.906   -12.959 1.813   1.00 17.85 ? 21  MET A C   1 
ATOM   180  O O   . MET A 1 21  ? 5.911   -13.521 2.225   1.00 20.91 ? 21  MET A O   1 
ATOM   181  C CB  . MET A 1 21  ? 6.317   -10.607 1.348   1.00 10.70 ? 21  MET A CB  1 
ATOM   182  C CG  . MET A 1 21  ? 6.176   -9.162  1.807   1.00 9.03  ? 21  MET A CG  1 
ATOM   183  S SD  . MET A 1 21  ? 5.157   -9.077  3.287   1.00 19.53 ? 21  MET A SD  1 
ATOM   184  C CE  . MET A 1 21  ? 3.546   -9.084  2.456   1.00 6.79  ? 21  MET A CE  1 
ATOM   185  N N   . GLY A 1 22  ? 7.799   -13.588 1.089   1.00 14.64 ? 22  GLY A N   1 
ATOM   186  C CA  . GLY A 1 22  ? 7.652   -14.982 0.734   1.00 25.29 ? 22  GLY A CA  1 
ATOM   187  C C   . GLY A 1 22  ? 6.706   -15.189 -0.431  1.00 25.02 ? 22  GLY A C   1 
ATOM   188  O O   . GLY A 1 22  ? 6.096   -16.257 -0.463  1.00 35.43 ? 22  GLY A O   1 
ATOM   189  N N   . ILE A 1 23  ? 6.563   -14.208 -1.346  1.00 12.28 ? 23  ILE A N   1 
ATOM   190  C CA  . ILE A 1 23  ? 5.685   -14.324 -2.489  1.00 10.09 ? 23  ILE A CA  1 
ATOM   191  C C   . ILE A 1 23  ? 6.409   -15.066 -3.617  1.00 29.34 ? 23  ILE A C   1 
ATOM   192  O O   . ILE A 1 23  ? 7.628   -14.948 -3.699  1.00 22.59 ? 23  ILE A O   1 
ATOM   193  C CB  . ILE A 1 23  ? 5.319   -12.918 -2.915  1.00 30.40 ? 23  ILE A CB  1 
ATOM   194  C CG1 . ILE A 1 23  ? 4.357   -12.365 -1.865  1.00 16.58 ? 23  ILE A CG1 1 
ATOM   195  C CG2 . ILE A 1 23  ? 4.790   -12.846 -4.354  1.00 16.01 ? 23  ILE A CG2 1 
ATOM   196  C CD1 . ILE A 1 23  ? 4.075   -10.884 -2.101  1.00 20.85 ? 23  ILE A CD1 1 
ATOM   197  N N   . ASN A 1 24  ? 5.676   -15.889 -4.378  1.00 20.23 ? 24  ASN A N   1 
ATOM   198  C CA  . ASN A 1 24  ? 6.262   -16.788 -5.361  1.00 24.35 ? 24  ASN A CA  1 
ATOM   199  C C   . ASN A 1 24  ? 6.828   -16.034 -6.557  1.00 35.41 ? 24  ASN A C   1 
ATOM   200  O O   . ASN A 1 24  ? 6.356   -14.917 -6.794  1.00 25.41 ? 24  ASN A O   1 
ATOM   201  C CB  . ASN A 1 24  ? 5.316   -17.939 -5.787  1.00 29.20 ? 24  ASN A CB  1 
ATOM   202  C CG  . ASN A 1 24  ? 4.751   -17.956 -7.201  1.00 57.58 ? 24  ASN A CG  1 
ATOM   203  O OD1 . ASN A 1 24  ? 3.562   -17.648 -7.410  1.00 58.51 ? 24  ASN A OD1 1 
ATOM   204  N ND2 . ASN A 1 24  ? 5.558   -18.430 -8.167  1.00 44.98 ? 24  ASN A ND2 1 
ATOM   205  N N   . VAL A 1 25  ? 7.828   -16.637 -7.235  1.00 42.18 ? 25  VAL A N   1 
ATOM   206  C CA  . VAL A 1 25  ? 8.469   -16.050 -8.410  1.00 29.62 ? 25  VAL A CA  1 
ATOM   207  C C   . VAL A 1 25  ? 7.561   -15.408 -9.431  1.00 29.85 ? 25  VAL A C   1 
ATOM   208  O O   . VAL A 1 25  ? 7.872   -14.309 -9.870  1.00 43.30 ? 25  VAL A O   1 
ATOM   209  C CB  . VAL A 1 25  ? 9.593   -16.800 -9.125  1.00 51.75 ? 25  VAL A CB  1 
ATOM   210  C CG1 . VAL A 1 25  ? 10.783  -17.167 -8.234  1.00 42.03 ? 25  VAL A CG1 1 
ATOM   211  C CG2 . VAL A 1 25  ? 9.049   -18.003 -9.891  1.00 42.58 ? 25  VAL A CG2 1 
ATOM   212  N N   . VAL A 1 26  ? 6.491   -16.092 -9.826  1.00 22.07 ? 26  VAL A N   1 
ATOM   213  C CA  . VAL A 1 26  ? 5.602   -15.524 -10.814 1.00 28.73 ? 26  VAL A CA  1 
ATOM   214  C C   . VAL A 1 26  ? 4.827   -14.308 -10.348 1.00 31.75 ? 26  VAL A C   1 
ATOM   215  O O   . VAL A 1 26  ? 4.774   -13.285 -11.039 1.00 28.56 ? 26  VAL A O   1 
ATOM   216  C CB  . VAL A 1 26  ? 4.863   -16.427 -11.810 1.00 43.02 ? 26  VAL A CB  1 
ATOM   217  C CG1 . VAL A 1 26  ? 5.550   -17.772 -12.059 1.00 39.30 ? 26  VAL A CG1 1 
ATOM   218  C CG2 . VAL A 1 26  ? 3.424   -16.642 -11.362 1.00 38.22 ? 26  VAL A CG2 1 
ATOM   219  N N   . LYS A 1 27  ? 4.222   -14.462 -9.174  1.00 24.39 ? 27  LYS A N   1 
ATOM   220  C CA  . LYS A 1 27  ? 3.474   -13.378 -8.575  1.00 39.66 ? 27  LYS A CA  1 
ATOM   221  C C   . LYS A 1 27  ? 4.368   -12.174 -8.308  1.00 13.78 ? 27  LYS A C   1 
ATOM   222  O O   . LYS A 1 27  ? 3.935   -11.042 -8.488  1.00 20.44 ? 27  LYS A O   1 
ATOM   223  C CB  . LYS A 1 27  ? 2.748   -13.847 -7.329  1.00 30.00 ? 27  LYS A CB  1 
ATOM   224  C CG  . LYS A 1 27  ? 1.355   -14.334 -7.677  1.00 31.98 ? 27  LYS A CG  1 
ATOM   225  C CD  . LYS A 1 27  ? 0.610   -14.936 -6.499  1.00 49.60 ? 27  LYS A CD  1 
ATOM   226  C CE  . LYS A 1 27  ? 1.266   -16.159 -5.879  1.00 51.31 ? 27  LYS A CE  1 
ATOM   227  N NZ  . LYS A 1 27  ? 1.409   -17.285 -6.812  1.00 50.18 ? 27  LYS A NZ  1 
ATOM   228  N N   . ARG A 1 28  ? 5.615   -12.400 -7.899  1.00 20.24 ? 28  ARG A N   1 
ATOM   229  C CA  . ARG A 1 28  ? 6.515   -11.264 -7.720  1.00 18.72 ? 28  ARG A CA  1 
ATOM   230  C C   . ARG A 1 28  ? 6.726   -10.521 -9.032  1.00 27.37 ? 28  ARG A C   1 
ATOM   231  O O   . ARG A 1 28  ? 6.754   -9.293  -9.053  1.00 21.01 ? 28  ARG A O   1 
ATOM   232  C CB  . ARG A 1 28  ? 7.914   -11.639 -7.297  1.00 12.56 ? 28  ARG A CB  1 
ATOM   233  C CG  . ARG A 1 28  ? 7.910   -12.234 -5.917  1.00 17.99 ? 28  ARG A CG  1 
ATOM   234  C CD  . ARG A 1 28  ? 9.283   -12.042 -5.322  1.00 38.14 ? 28  ARG A CD  1 
ATOM   235  N NE  . ARG A 1 28  ? 10.328  -12.722 -6.078  1.00 24.30 ? 28  ARG A NE  1 
ATOM   236  C CZ  . ARG A 1 28  ? 10.736  -13.990 -5.950  1.00 41.94 ? 28  ARG A CZ  1 
ATOM   237  N NH1 . ARG A 1 28  ? 11.751  -14.436 -6.688  1.00 29.92 ? 28  ARG A NH1 1 
ATOM   238  N NH2 . ARG A 1 28  ? 10.168  -14.836 -5.081  1.00 28.66 ? 28  ARG A NH2 1 
ATOM   239  N N   . LYS A 1 29  ? 6.943   -11.255 -10.132 1.00 21.46 ? 29  LYS A N   1 
ATOM   240  C CA  . LYS A 1 29  ? 7.156   -10.645 -11.430 1.00 13.27 ? 29  LYS A CA  1 
ATOM   241  C C   . LYS A 1 29  ? 5.932   -9.901  -11.902 1.00 21.11 ? 29  LYS A C   1 
ATOM   242  O O   . LYS A 1 29  ? 6.033   -8.848  -12.517 1.00 26.90 ? 29  LYS A O   1 
ATOM   243  C CB  . LYS A 1 29  ? 7.558   -11.655 -12.465 1.00 13.62 ? 29  LYS A CB  1 
ATOM   244  C CG  . LYS A 1 29  ? 9.043   -11.513 -12.685 1.00 30.84 ? 29  LYS A CG  1 
ATOM   245  C CD  . LYS A 1 29  ? 9.821   -12.199 -11.579 1.00 30.13 ? 29  LYS A CD  1 
ATOM   246  C CE  . LYS A 1 29  ? 11.307  -12.255 -11.905 1.00 40.96 ? 29  LYS A CE  1 
ATOM   247  N NZ  . LYS A 1 29  ? 11.916  -10.955 -12.264 1.00 39.62 ? 29  LYS A NZ  1 
ATOM   248  N N   . LEU A 1 30  ? 4.757   -10.471 -11.639 1.00 17.64 ? 30  LEU A N   1 
ATOM   249  C CA  . LEU A 1 30  ? 3.507   -9.854  -12.017 1.00 9.53  ? 30  LEU A CA  1 
ATOM   250  C C   . LEU A 1 30  ? 3.247   -8.651  -11.129 1.00 13.64 ? 30  LEU A C   1 
ATOM   251  O O   . LEU A 1 30  ? 2.862   -7.610  -11.645 1.00 25.45 ? 30  LEU A O   1 
ATOM   252  C CB  . LEU A 1 30  ? 2.291   -10.797 -11.885 1.00 24.64 ? 30  LEU A CB  1 
ATOM   253  C CG  . LEU A 1 30  ? 2.372   -12.096 -12.669 1.00 28.68 ? 30  LEU A CG  1 
ATOM   254  C CD1 . LEU A 1 30  ? 1.134   -12.919 -12.330 1.00 40.20 ? 30  LEU A CD1 1 
ATOM   255  C CD2 . LEU A 1 30  ? 2.387   -11.782 -14.155 1.00 14.69 ? 30  LEU A CD2 1 
ATOM   256  N N   . GLY A 1 31  ? 3.461   -8.823  -9.820  1.00 19.64 ? 31  GLY A N   1 
ATOM   257  C CA  . GLY A 1 31  ? 3.266   -7.754  -8.862  1.00 23.62 ? 31  GLY A CA  1 
ATOM   258  C C   . GLY A 1 31  ? 4.036   -6.496  -9.239  1.00 20.77 ? 31  GLY A C   1 
ATOM   259  O O   . GLY A 1 31  ? 3.535   -5.388  -9.129  1.00 19.04 ? 31  GLY A O   1 
ATOM   260  N N   . ALA A 1 32  ? 5.255   -6.687  -9.729  1.00 19.97 ? 32  ALA A N   1 
ATOM   261  C CA  . ALA A 1 32  ? 6.163   -5.614  -10.083 1.00 21.88 ? 32  ALA A CA  1 
ATOM   262  C C   . ALA A 1 32  ? 5.743   -4.867  -11.334 1.00 18.63 ? 32  ALA A C   1 
ATOM   263  O O   . ALA A 1 32  ? 6.260   -3.773  -11.577 1.00 21.61 ? 32  ALA A O   1 
ATOM   264  C CB  . ALA A 1 32  ? 7.612   -6.093  -10.142 1.00 22.54 ? 32  ALA A CB  1 
ATOM   265  N N   . HIS A 1 33  ? 4.855   -5.484  -12.122 1.00 13.06 ? 33  HIS A N   1 
ATOM   266  C CA  . HIS A 1 33  ? 4.285   -4.914  -13.316 1.00 18.57 ? 33  HIS A CA  1 
ATOM   267  C C   . HIS A 1 33  ? 2.772   -4.798  -13.267 1.00 25.84 ? 33  HIS A C   1 
ATOM   268  O O   . HIS A 1 33  ? 2.152   -5.015  -14.310 1.00 21.73 ? 33  HIS A O   1 
ATOM   269  C CB  . HIS A 1 33  ? 4.658   -5.634  -14.620 1.00 17.34 ? 33  HIS A CB  1 
ATOM   270  C CG  . HIS A 1 33  ? 6.137   -5.640  -14.754 1.00 16.30 ? 33  HIS A CG  1 
ATOM   271  N ND1 . HIS A 1 33  ? 6.931   -6.506  -14.018 1.00 38.66 ? 33  HIS A ND1 1 
ATOM   272  C CD2 . HIS A 1 33  ? 6.963   -4.880  -15.520 1.00 40.63 ? 33  HIS A CD2 1 
ATOM   273  C CE1 . HIS A 1 33  ? 8.200   -6.255  -14.320 1.00 26.61 ? 33  HIS A CE1 1 
ATOM   274  N NE2 . HIS A 1 33  ? 8.251   -5.262  -15.216 1.00 47.42 ? 33  HIS A NE2 1 
ATOM   275  N N   . ASP A 1 34  ? 2.206   -4.467  -12.100 1.00 20.14 ? 34  ASP A N   1 
ATOM   276  C CA  . ASP A 1 34  ? 0.758   -4.453  -11.915 1.00 9.45  ? 34  ASP A CA  1 
ATOM   277  C C   . ASP A 1 34  ? -0.002  -3.263  -12.441 1.00 15.90 ? 34  ASP A C   1 
ATOM   278  O O   . ASP A 1 34  ? -1.222  -3.302  -12.473 1.00 13.23 ? 34  ASP A O   1 
ATOM   279  C CB  . ASP A 1 34  ? 0.418   -4.564  -10.416 1.00 18.71 ? 34  ASP A CB  1 
ATOM   280  C CG  . ASP A 1 34  ? 1.099   -3.580  -9.496  1.00 7.74  ? 34  ASP A CG  1 
ATOM   281  O OD1 . ASP A 1 34  ? 1.036   -3.650  -8.301  1.00 14.90 ? 34  ASP A OD1 1 
ATOM   282  O OD2 . ASP A 1 34  ? 1.722   -2.586  -10.047 1.00 11.73 ? 34  ASP A OD2 1 
ATOM   283  N N   . ASN A 1 35  ? 0.672   -2.216  -12.891 1.00 13.03 ? 35  ASN A N   1 
ATOM   284  C CA  . ASN A 1 35  ? -0.038  -1.032  -13.355 1.00 12.98 ? 35  ASN A CA  1 
ATOM   285  C C   . ASN A 1 35  ? -0.991  -0.458  -12.310 1.00 6.39  ? 35  ASN A C   1 
ATOM   286  O O   . ASN A 1 35  ? -2.097  -0.045  -12.674 1.00 18.65 ? 35  ASN A O   1 
ATOM   287  C CB  . ASN A 1 35  ? -0.767  -1.156  -14.701 1.00 17.04 ? 35  ASN A CB  1 
ATOM   288  C CG  . ASN A 1 35  ? -0.010  -1.718  -15.909 1.00 32.22 ? 35  ASN A CG  1 
ATOM   289  O OD1 . ASN A 1 35  ? -0.648  -2.238  -16.851 1.00 33.61 ? 35  ASN A OD1 1 
ATOM   290  N ND2 . ASN A 1 35  ? 1.321   -1.581  -15.929 1.00 34.01 ? 35  ASN A ND2 1 
ATOM   291  N N   . LEU A 1 36  ? -0.563  -0.424  -11.037 1.00 12.93 ? 36  LEU A N   1 
ATOM   292  C CA  . LEU A 1 36  ? -1.342  0.015   -9.878  1.00 12.30 ? 36  LEU A CA  1 
ATOM   293  C C   . LEU A 1 36  ? -1.744  1.460   -10.037 1.00 10.57 ? 36  LEU A C   1 
ATOM   294  O O   . LEU A 1 36  ? -0.917  2.312   -10.329 1.00 14.58 ? 36  LEU A O   1 
ATOM   295  C CB  . LEU A 1 36  ? -0.539  -0.063  -8.567  1.00 6.99  ? 36  LEU A CB  1 
ATOM   296  C CG  . LEU A 1 36  ? -1.414  0.160   -7.335  1.00 17.65 ? 36  LEU A CG  1 
ATOM   297  C CD1 . LEU A 1 36  ? -2.555  -0.846  -7.256  1.00 11.62 ? 36  LEU A CD1 1 
ATOM   298  C CD2 . LEU A 1 36  ? -0.532  0.022   -6.106  1.00 14.65 ? 36  LEU A CD2 1 
ATOM   299  N N   . LYS A 1 37  ? -3.024  1.729   -9.844  1.00 13.73 ? 37  LYS A N   1 
ATOM   300  C CA  . LYS A 1 37  ? -3.564  3.063   -9.927  1.00 6.81  ? 37  LYS A CA  1 
ATOM   301  C C   . LYS A 1 37  ? -4.379  3.241   -8.667  1.00 8.60  ? 37  LYS A C   1 
ATOM   302  O O   . LYS A 1 37  ? -5.106  2.338   -8.286  1.00 15.16 ? 37  LYS A O   1 
ATOM   303  C CB  . LYS A 1 37  ? -4.414  3.180   -11.177 1.00 7.51  ? 37  LYS A CB  1 
ATOM   304  C CG  . LYS A 1 37  ? -5.104  4.528   -11.336 1.00 9.52  ? 37  LYS A CG  1 
ATOM   305  C CD  . LYS A 1 37  ? -5.809  4.674   -12.676 1.00 16.33 ? 37  LYS A CD  1 
ATOM   306  C CE  . LYS A 1 37  ? -6.965  3.692   -12.865 1.00 38.65 ? 37  LYS A CE  1 
ATOM   307  N NZ  . LYS A 1 37  ? -6.634  2.472   -13.639 1.00 43.27 ? 37  LYS A NZ  1 
ATOM   308  N N   . LEU A 1 38  ? -4.209  4.306   -7.936  1.00 13.28 ? 38  LEU A N   1 
ATOM   309  C CA  . LEU A 1 38  ? -4.964  4.437   -6.705  1.00 19.79 ? 38  LEU A CA  1 
ATOM   310  C C   . LEU A 1 38  ? -5.799  5.704   -6.818  1.00 11.88 ? 38  LEU A C   1 
ATOM   311  O O   . LEU A 1 38  ? -5.277  6.793   -6.998  1.00 17.90 ? 38  LEU A O   1 
ATOM   312  C CB  . LEU A 1 38  ? -3.925  4.650   -5.597  1.00 9.77  ? 38  LEU A CB  1 
ATOM   313  C CG  . LEU A 1 38  ? -3.521  3.539   -4.661  1.00 15.76 ? 38  LEU A CG  1 
ATOM   314  C CD1 . LEU A 1 38  ? -3.870  2.130   -5.086  1.00 15.24 ? 38  LEU A CD1 1 
ATOM   315  C CD2 . LEU A 1 38  ? -2.065  3.721   -4.295  1.00 9.93  ? 38  LEU A CD2 1 
ATOM   316  N N   . THR A 1 39  ? -7.087  5.637   -6.561  1.00 12.89 ? 39  THR A N   1 
ATOM   317  C CA  . THR A 1 39  ? -7.862  6.862   -6.494  1.00 10.78 ? 39  THR A CA  1 
ATOM   318  C C   . THR A 1 39  ? -8.260  7.027   -5.038  1.00 10.03 ? 39  THR A C   1 
ATOM   319  O O   . THR A 1 39  ? -9.022  6.240   -4.483  1.00 11.61 ? 39  THR A O   1 
ATOM   320  C CB  . THR A 1 39  ? -9.093  6.838   -7.425  1.00 18.23 ? 39  THR A CB  1 
ATOM   321  O OG1 . THR A 1 39  ? -8.701  6.532   -8.735  1.00 15.71 ? 39  THR A OG1 1 
ATOM   322  C CG2 . THR A 1 39  ? -9.886  8.146   -7.377  1.00 16.98 ? 39  THR A CG2 1 
ATOM   323  N N   . ILE A 1 40  ? -7.766  8.080   -4.417  1.00 11.63 ? 40  ILE A N   1 
ATOM   324  C CA  . ILE A 1 40  ? -7.975  8.317   -3.010  1.00 6.76  ? 40  ILE A CA  1 
ATOM   325  C C   . ILE A 1 40  ? -8.892  9.517   -2.830  1.00 16.21 ? 40  ILE A C   1 
ATOM   326  O O   . ILE A 1 40  ? -8.762  10.541  -3.524  1.00 14.06 ? 40  ILE A O   1 
ATOM   327  C CB  . ILE A 1 40  ? -6.674  8.546   -2.255  1.00 13.33 ? 40  ILE A CB  1 
ATOM   328  C CG1 . ILE A 1 40  ? -5.658  7.426   -2.448  1.00 8.39  ? 40  ILE A CG1 1 
ATOM   329  C CG2 . ILE A 1 40  ? -6.873  8.809   -0.758  1.00 18.64 ? 40  ILE A CG2 1 
ATOM   330  C CD1 . ILE A 1 40  ? -4.417  7.614   -1.580  1.00 13.81 ? 40  ILE A CD1 1 
ATOM   331  N N   . THR A 1 41  ? -9.845  9.324   -1.908  1.00 21.46 ? 41  THR A N   1 
ATOM   332  C CA  . THR A 1 41  ? -10.861 10.310  -1.545  1.00 20.07 ? 41  THR A CA  1 
ATOM   333  C C   . THR A 1 41  ? -11.030 10.390  -0.043  1.00 13.03 ? 41  THR A C   1 
ATOM   334  O O   . THR A 1 41  ? -11.521 9.440   0.565   1.00 19.78 ? 41  THR A O   1 
ATOM   335  C CB  . THR A 1 41  ? -12.153 9.932   -2.270  1.00 16.75 ? 41  THR A CB  1 
ATOM   336  O OG1 . THR A 1 41  ? -12.071 10.428  -3.590  1.00 21.13 ? 41  THR A OG1 1 
ATOM   337  C CG2 . THR A 1 41  ? -13.373 10.458  -1.545  1.00 22.44 ? 41  THR A CG2 1 
ATOM   338  N N   . GLN A 1 42  ? -10.650 11.512  0.547   1.00 4.78  ? 42  GLN A N   1 
ATOM   339  C CA  . GLN A 1 42  ? -10.760 11.686  1.985   1.00 8.81  ? 42  GLN A CA  1 
ATOM   340  C C   . GLN A 1 42  ? -12.009 12.481  2.373   1.00 27.19 ? 42  GLN A C   1 
ATOM   341  O O   . GLN A 1 42  ? -12.251 13.549  1.812   1.00 23.60 ? 42  GLN A O   1 
ATOM   342  C CB  . GLN A 1 42  ? -9.554  12.435  2.585   1.00 10.30 ? 42  GLN A CB  1 
ATOM   343  C CG  . GLN A 1 42  ? -9.742  12.649  4.099   1.00 11.83 ? 42  GLN A CG  1 
ATOM   344  C CD  . GLN A 1 42  ? -8.542  13.293  4.749   1.00 21.29 ? 42  GLN A CD  1 
ATOM   345  O OE1 . GLN A 1 42  ? -7.569  13.652  4.076   1.00 24.02 ? 42  GLN A OE1 1 
ATOM   346  N NE2 . GLN A 1 42  ? -8.605  13.413  6.071   1.00 24.28 ? 42  GLN A NE2 1 
ATOM   347  N N   . GLU A 1 43  ? -12.822 11.966  3.277   1.00 13.29 ? 43  GLU A N   1 
ATOM   348  C CA  . GLU A 1 43  ? -13.997 12.643  3.722   1.00 6.92  ? 43  GLU A CA  1 
ATOM   349  C C   . GLU A 1 43  ? -13.984 12.651  5.222   1.00 15.24 ? 43  GLU A C   1 
ATOM   350  O O   . GLU A 1 43  ? -14.483 11.767  5.903   1.00 28.42 ? 43  GLU A O   1 
ATOM   351  C CB  . GLU A 1 43  ? -15.196 11.876  3.184   1.00 16.81 ? 43  GLU A CB  1 
ATOM   352  C CG  . GLU A 1 43  ? -15.347 12.262  1.703   1.00 26.96 ? 43  GLU A CG  1 
ATOM   353  C CD  . GLU A 1 43  ? -16.436 11.545  0.980   1.00 21.11 ? 43  GLU A CD  1 
ATOM   354  O OE1 . GLU A 1 43  ? -16.851 11.918  -0.095  1.00 39.19 ? 43  GLU A OE1 1 
ATOM   355  O OE2 . GLU A 1 43  ? -16.861 10.486  1.607   1.00 33.86 ? 43  GLU A OE2 1 
ATOM   356  N N   . GLY A 1 44  ? -13.344 13.648  5.766   1.00 13.36 ? 44  GLY A N   1 
ATOM   357  C CA  . GLY A 1 44  ? -13.238 13.701  7.198   1.00 24.84 ? 44  GLY A CA  1 
ATOM   358  C C   . GLY A 1 44  ? -12.220 12.664  7.619   1.00 18.50 ? 44  GLY A C   1 
ATOM   359  O O   . GLY A 1 44  ? -11.131 12.621  7.053   1.00 13.21 ? 44  GLY A O   1 
ATOM   360  N N   . ASN A 1 45  ? -12.625 11.818  8.559   1.00 19.08 ? 45  ASN A N   1 
ATOM   361  C CA  . ASN A 1 45  ? -11.740 10.753  9.009   1.00 31.02 ? 45  ASN A CA  1 
ATOM   362  C C   . ASN A 1 45  ? -11.937 9.479   8.199   1.00 21.71 ? 45  ASN A C   1 
ATOM   363  O O   . ASN A 1 45  ? -11.356 8.426   8.440   1.00 20.72 ? 45  ASN A O   1 
ATOM   364  C CB  . ASN A 1 45  ? -11.669 10.502  10.531  1.00 24.99 ? 45  ASN A CB  1 
ATOM   365  C CG  . ASN A 1 45  ? -12.844 9.737   11.146  1.00 53.63 ? 45  ASN A CG  1 
ATOM   366  O OD1 . ASN A 1 45  ? -13.941 9.625   10.570  1.00 45.62 ? 45  ASN A OD1 1 
ATOM   367  N ND2 . ASN A 1 45  ? -12.614 9.208   12.351  1.00 52.42 ? 45  ASN A ND2 1 
ATOM   368  N N   . LYS A 1 46  ? -12.728 9.581   7.151   1.00 15.46 ? 46  LYS A N   1 
ATOM   369  C CA  . LYS A 1 46  ? -12.937 8.398   6.353   1.00 20.99 ? 46  LYS A CA  1 
ATOM   370  C C   . LYS A 1 46  ? -12.252 8.547   5.000   1.00 28.29 ? 46  LYS A C   1 
ATOM   371  O O   . LYS A 1 46  ? -12.349 9.600   4.357   1.00 15.90 ? 46  LYS A O   1 
ATOM   372  C CB  . LYS A 1 46  ? -14.428 8.203   6.185   1.00 9.61  ? 46  LYS A CB  1 
ATOM   373  C CG  . LYS A 1 46  ? -14.745 7.303   5.011   1.00 21.57 ? 46  LYS A CG  1 
ATOM   374  C CD  . LYS A 1 46  ? -16.242 7.130   4.868   1.00 41.45 ? 46  LYS A CD  1 
ATOM   375  C CE  . LYS A 1 46  ? -16.677 7.311   3.427   1.00 46.84 ? 46  LYS A CE  1 
ATOM   376  N NZ  . LYS A 1 46  ? -15.781 8.231   2.715   1.00 50.63 ? 46  LYS A NZ  1 
ATOM   377  N N   . PHE A 1 47  ? -11.546 7.501   4.578   1.00 15.93 ? 47  PHE A N   1 
ATOM   378  C CA  . PHE A 1 47  ? -10.883 7.479   3.292   1.00 7.61  ? 47  PHE A CA  1 
ATOM   379  C C   . PHE A 1 47  ? -11.415 6.335   2.463   1.00 16.70 ? 47  PHE A C   1 
ATOM   380  O O   . PHE A 1 47  ? -11.574 5.212   2.939   1.00 9.41  ? 47  PHE A O   1 
ATOM   381  C CB  . PHE A 1 47  ? -9.390  7.173   3.405   1.00 6.44  ? 47  PHE A CB  1 
ATOM   382  C CG  . PHE A 1 47  ? -8.527  8.289   3.912   1.00 27.85 ? 47  PHE A CG  1 
ATOM   383  C CD1 . PHE A 1 47  ? -7.583  8.878   3.073   1.00 18.93 ? 47  PHE A CD1 1 
ATOM   384  C CD2 . PHE A 1 47  ? -8.624  8.695   5.248   1.00 29.89 ? 47  PHE A CD2 1 
ATOM   385  C CE1 . PHE A 1 47  ? -6.754  9.872   3.578   1.00 24.61 ? 47  PHE A CE1 1 
ATOM   386  C CE2 . PHE A 1 47  ? -7.768  9.668   5.773   1.00 13.79 ? 47  PHE A CE2 1 
ATOM   387  C CZ  . PHE A 1 47  ? -6.871  10.280  4.901   1.00 14.93 ? 47  PHE A CZ  1 
ATOM   388  N N   . THR A 1 48  ? -11.622 6.602   1.179   1.00 12.19 ? 48  THR A N   1 
ATOM   389  C CA  . THR A 1 48  ? -11.912 5.521   0.273   1.00 7.78  ? 48  THR A CA  1 
ATOM   390  C C   . THR A 1 48  ? -10.861 5.453   -0.801  1.00 16.22 ? 48  THR A C   1 
ATOM   391  O O   . THR A 1 48  ? -10.416 6.445   -1.387  1.00 14.05 ? 48  THR A O   1 
ATOM   392  C CB  . THR A 1 48  ? -13.369 5.316   -0.174  1.00 29.16 ? 48  THR A CB  1 
ATOM   393  O OG1 . THR A 1 48  ? -13.538 5.004   -1.543  1.00 26.77 ? 48  THR A OG1 1 
ATOM   394  C CG2 . THR A 1 48  ? -14.274 6.425   0.292   1.00 12.05 ? 48  THR A CG2 1 
ATOM   395  N N   . VAL A 1 49  ? -10.321 4.256   -0.875  1.00 11.68 ? 49  VAL A N   1 
ATOM   396  C CA  . VAL A 1 49  ? -9.293  3.964   -1.840  1.00 16.38 ? 49  VAL A CA  1 
ATOM   397  C C   . VAL A 1 49  ? -9.739  3.004   -2.911  1.00 10.94 ? 49  VAL A C   1 
ATOM   398  O O   . VAL A 1 49  ? -10.228 1.926   -2.624  1.00 12.74 ? 49  VAL A O   1 
ATOM   399  C CB  . VAL A 1 49  ? -7.827  3.995   -1.419  1.00 13.07 ? 49  VAL A CB  1 
ATOM   400  C CG1 . VAL A 1 49  ? -7.571  4.160   0.071   1.00 17.61 ? 49  VAL A CG1 1 
ATOM   401  C CG2 . VAL A 1 49  ? -7.089  2.788   -1.947  1.00 21.06 ? 49  VAL A CG2 1 
ATOM   402  N N   . LYS A 1 50  ? -9.727  3.499   -4.133  1.00 12.51 ? 50  LYS A N   1 
ATOM   403  C CA  . LYS A 1 50  ? -10.055 2.672   -5.261  1.00 14.47 ? 50  LYS A CA  1 
ATOM   404  C C   . LYS A 1 50  ? -8.711  2.131   -5.729  1.00 12.88 ? 50  LYS A C   1 
ATOM   405  O O   . LYS A 1 50  ? -7.826  2.898   -6.065  1.00 15.02 ? 50  LYS A O   1 
ATOM   406  C CB  . LYS A 1 50  ? -10.767 3.461   -6.347  1.00 14.82 ? 50  LYS A CB  1 
ATOM   407  C CG  . LYS A 1 50  ? -11.579 2.549   -7.248  1.00 40.24 ? 50  LYS A CG  1 
ATOM   408  C CD  . LYS A 1 50  ? -10.721 1.410   -7.797  1.00 42.39 ? 50  LYS A CD  1 
ATOM   409  C CE  . LYS A 1 50  ? -11.470 0.100   -7.945  1.00 29.95 ? 50  LYS A CE  1 
ATOM   410  N NZ  . LYS A 1 50  ? -12.876 0.370   -8.281  1.00 68.95 ? 50  LYS A NZ  1 
ATOM   411  N N   . GLU A 1 51  ? -8.496  0.821   -5.593  1.00 11.97 ? 51  GLU A N   1 
ATOM   412  C CA  . GLU A 1 51  ? -7.255  0.152   -5.951  1.00 6.62  ? 51  GLU A CA  1 
ATOM   413  C C   . GLU A 1 51  ? -7.521  -0.582  -7.263  1.00 14.32 ? 51  GLU A C   1 
ATOM   414  O O   . GLU A 1 51  ? -8.411  -1.420  -7.380  1.00 20.00 ? 51  GLU A O   1 
ATOM   415  C CB  . GLU A 1 51  ? -6.933  -0.921  -4.889  1.00 11.24 ? 51  GLU A CB  1 
ATOM   416  C CG  . GLU A 1 51  ? -5.528  -1.537  -5.071  1.00 23.05 ? 51  GLU A CG  1 
ATOM   417  C CD  . GLU A 1 51  ? -5.242  -2.686  -4.136  1.00 30.39 ? 51  GLU A CD  1 
ATOM   418  O OE1 . GLU A 1 51  ? -4.920  -3.801  -4.507  1.00 28.46 ? 51  GLU A OE1 1 
ATOM   419  O OE2 . GLU A 1 51  ? -5.368  -2.358  -2.883  1.00 18.30 ? 51  GLU A OE2 1 
ATOM   420  N N   . SER A 1 52  ? -6.872  -0.144  -8.298  1.00 10.37 ? 52  SER A N   1 
ATOM   421  C CA  . SER A 1 52  ? -7.084  -0.681  -9.603  1.00 13.17 ? 52  SER A CA  1 
ATOM   422  C C   . SER A 1 52  ? -5.770  -1.204  -10.152 1.00 26.60 ? 52  SER A C   1 
ATOM   423  O O   . SER A 1 52  ? -4.813  -0.437  -10.273 1.00 16.40 ? 52  SER A O   1 
ATOM   424  C CB  . SER A 1 52  ? -7.607  0.502   -10.392 1.00 16.81 ? 52  SER A CB  1 
ATOM   425  O OG  . SER A 1 52  ? -7.997  0.107   -11.688 1.00 30.58 ? 52  SER A OG  1 
ATOM   426  N N   . SER A 1 53  ? -5.703  -2.499  -10.472 1.00 14.10 ? 53  SER A N   1 
ATOM   427  C CA  . SER A 1 53  ? -4.468  -3.050  -10.997 1.00 11.37 ? 53  SER A CA  1 
ATOM   428  C C   . SER A 1 53  ? -4.727  -4.222  -11.931 1.00 10.33 ? 53  SER A C   1 
ATOM   429  O O   . SER A 1 53  ? -5.875  -4.610  -12.091 1.00 19.21 ? 53  SER A O   1 
ATOM   430  C CB  . SER A 1 53  ? -3.501  -3.468  -9.899  1.00 13.81 ? 53  SER A CB  1 
ATOM   431  O OG  . SER A 1 53  ? -3.898  -4.663  -9.245  1.00 12.24 ? 53  SER A OG  1 
ATOM   432  N N   . ASN A 1 54  ? -3.679  -4.792  -12.532 1.00 15.15 ? 54  ASN A N   1 
ATOM   433  C CA  . ASN A 1 54  ? -3.833  -5.997  -13.323 1.00 11.58 ? 54  ASN A CA  1 
ATOM   434  C C   . ASN A 1 54  ? -4.368  -7.147  -12.497 1.00 20.37 ? 54  ASN A C   1 
ATOM   435  O O   . ASN A 1 54  ? -4.791  -8.134  -13.083 1.00 26.45 ? 54  ASN A O   1 
ATOM   436  C CB  . ASN A 1 54  ? -2.502  -6.464  -13.925 1.00 11.56 ? 54  ASN A CB  1 
ATOM   437  C CG  . ASN A 1 54  ? -1.969  -5.470  -14.930 1.00 16.50 ? 54  ASN A CG  1 
ATOM   438  O OD1 . ASN A 1 54  ? -2.720  -4.773  -15.627 1.00 20.69 ? 54  ASN A OD1 1 
ATOM   439  N ND2 . ASN A 1 54  ? -0.649  -5.408  -15.015 1.00 23.34 ? 54  ASN A ND2 1 
ATOM   440  N N   . PHE A 1 55  ? -4.321  -7.102  -11.160 1.00 14.34 ? 55  PHE A N   1 
ATOM   441  C CA  . PHE A 1 55  ? -4.848  -8.210  -10.393 1.00 9.89  ? 55  PHE A CA  1 
ATOM   442  C C   . PHE A 1 55  ? -6.351  -8.089  -10.153 1.00 11.86 ? 55  PHE A C   1 
ATOM   443  O O   . PHE A 1 55  ? -7.030  -9.084  -10.260 1.00 17.08 ? 55  PHE A O   1 
ATOM   444  C CB  . PHE A 1 55  ? -4.195  -8.344  -9.010  1.00 17.76 ? 55  PHE A CB  1 
ATOM   445  C CG  . PHE A 1 55  ? -2.742  -8.715  -9.066  1.00 22.76 ? 55  PHE A CG  1 
ATOM   446  C CD1 . PHE A 1 55  ? -2.360  -10.060 -9.093  1.00 46.01 ? 55  PHE A CD1 1 
ATOM   447  C CD2 . PHE A 1 55  ? -1.764  -7.723  -8.964  1.00 18.48 ? 55  PHE A CD2 1 
ATOM   448  C CE1 . PHE A 1 55  ? -1.019  -10.456 -9.097  1.00 32.83 ? 55  PHE A CE1 1 
ATOM   449  C CE2 . PHE A 1 55  ? -0.423  -8.101  -9.007  1.00 45.77 ? 55  PHE A CE2 1 
ATOM   450  C CZ  . PHE A 1 55  ? -0.053  -9.447  -9.074  1.00 32.99 ? 55  PHE A CZ  1 
ATOM   451  N N   . ARG A 1 56  ? -6.864  -6.916  -9.818  1.00 9.07  ? 56  ARG A N   1 
ATOM   452  C CA  . ARG A 1 56  ? -8.218  -6.692  -9.367  1.00 14.86 ? 56  ARG A CA  1 
ATOM   453  C C   . ARG A 1 56  ? -8.495  -5.198  -9.360  1.00 15.58 ? 56  ARG A C   1 
ATOM   454  O O   . ARG A 1 56  ? -7.565  -4.377  -9.426  1.00 13.11 ? 56  ARG A O   1 
ATOM   455  C CB  . ARG A 1 56  ? -8.361  -7.121  -7.900  1.00 18.03 ? 56  ARG A CB  1 
ATOM   456  C CG  . ARG A 1 56  ? -7.048  -6.797  -7.192  1.00 41.56 ? 56  ARG A CG  1 
ATOM   457  C CD  . ARG A 1 56  ? -6.945  -6.067  -5.852  1.00 33.58 ? 56  ARG A CD  1 
ATOM   458  N NE  . ARG A 1 56  ? -6.983  -7.004  -4.757  1.00 26.51 ? 56  ARG A NE  1 
ATOM   459  C CZ  . ARG A 1 56  ? -6.484  -6.968  -3.528  1.00 24.69 ? 56  ARG A CZ  1 
ATOM   460  N NH1 . ARG A 1 56  ? -6.760  -8.016  -2.757  1.00 22.78 ? 56  ARG A NH1 1 
ATOM   461  N NH2 . ARG A 1 56  ? -5.655  -6.026  -3.080  1.00 18.23 ? 56  ARG A NH2 1 
ATOM   462  N N   . ASN A 1 57  ? -9.789  -4.892  -9.186  1.00 17.06 ? 57  ASN A N   1 
ATOM   463  C CA  . ASN A 1 57  ? -10.371 -3.573  -9.030  1.00 8.99  ? 57  ASN A CA  1 
ATOM   464  C C   . ASN A 1 57  ? -11.201 -3.677  -7.774  1.00 15.04 ? 57  ASN A C   1 
ATOM   465  O O   . ASN A 1 57  ? -12.301 -4.218  -7.850  1.00 23.02 ? 57  ASN A O   1 
ATOM   466  C CB  . ASN A 1 57  ? -11.275 -3.272  -10.240 1.00 15.21 ? 57  ASN A CB  1 
ATOM   467  C CG  . ASN A 1 57  ? -10.531 -2.425  -11.240 1.00 29.17 ? 57  ASN A CG  1 
ATOM   468  O OD1 . ASN A 1 57  ? -10.808 -1.231  -11.415 1.00 37.26 ? 57  ASN A OD1 1 
ATOM   469  N ND2 . ASN A 1 57  ? -9.471  -2.998  -11.801 1.00 32.79 ? 57  ASN A ND2 1 
ATOM   470  N N   . ILE A 1 58  ? -10.631 -3.179  -6.669  1.00 17.56 ? 58  ILE A N   1 
ATOM   471  C CA  . ILE A 1 58  ? -11.082 -3.244  -5.281  1.00 17.25 ? 58  ILE A CA  1 
ATOM   472  C C   . ILE A 1 58  ? -11.323 -1.866  -4.622  1.00 26.20 ? 58  ILE A C   1 
ATOM   473  O O   . ILE A 1 58  ? -10.564 -0.907  -4.761  1.00 15.64 ? 58  ILE A O   1 
ATOM   474  C CB  . ILE A 1 58  ? -10.170 -4.218  -4.536  1.00 15.73 ? 58  ILE A CB  1 
ATOM   475  C CG1 . ILE A 1 58  ? -10.970 -5.363  -3.981  1.00 27.27 ? 58  ILE A CG1 1 
ATOM   476  C CG2 . ILE A 1 58  ? -9.171  -3.726  -3.510  1.00 12.79 ? 58  ILE A CG2 1 
ATOM   477  C CD1 . ILE A 1 58  ? -11.393 -6.324  -5.084  1.00 53.93 ? 58  ILE A CD1 1 
ATOM   478  N N   . ASP A 1 59  ? -12.392 -1.716  -3.831  1.00 18.53 ? 59  ASP A N   1 
ATOM   479  C CA  . ASP A 1 59  ? -12.618 -0.476  -3.106  1.00 17.56 ? 59  ASP A CA  1 
ATOM   480  C C   . ASP A 1 59  ? -12.351 -0.694  -1.629  1.00 20.86 ? 59  ASP A C   1 
ATOM   481  O O   . ASP A 1 59  ? -12.914 -1.583  -1.000  1.00 21.04 ? 59  ASP A O   1 
ATOM   482  C CB  . ASP A 1 59  ? -13.980 0.189   -3.387  1.00 18.97 ? 59  ASP A CB  1 
ATOM   483  C CG  . ASP A 1 59  ? -14.171 0.313   -4.872  1.00 43.24 ? 59  ASP A CG  1 
ATOM   484  O OD1 . ASP A 1 59  ? -14.355 -0.653  -5.604  1.00 66.85 ? 59  ASP A OD1 1 
ATOM   485  O OD2 . ASP A 1 59  ? -13.952 1.528   -5.298  1.00 41.55 ? 59  ASP A OD2 1 
ATOM   486  N N   . VAL A 1 60  ? -11.447 0.104   -1.080  1.00 16.95 ? 60  VAL A N   1 
ATOM   487  C CA  . VAL A 1 60  ? -11.020 -0.026  0.294   1.00 13.27 ? 60  VAL A CA  1 
ATOM   488  C C   . VAL A 1 60  ? -11.463 1.212   1.081   1.00 26.33 ? 60  VAL A C   1 
ATOM   489  O O   . VAL A 1 60  ? -11.055 2.351   0.836   1.00 21.53 ? 60  VAL A O   1 
ATOM   490  C CB  . VAL A 1 60  ? -9.490  -0.166  0.354   1.00 22.35 ? 60  VAL A CB  1 
ATOM   491  C CG1 . VAL A 1 60  ? -8.987  -0.312  1.792   1.00 19.57 ? 60  VAL A CG1 1 
ATOM   492  C CG2 . VAL A 1 60  ? -8.936  -1.290  -0.525  1.00 18.85 ? 60  VAL A CG2 1 
ATOM   493  N N   . VAL A 1 61  ? -12.267 1.004   2.105   1.00 14.85 ? 61  VAL A N   1 
ATOM   494  C CA  . VAL A 1 61  ? -12.663 2.105   2.957   1.00 13.25 ? 61  VAL A CA  1 
ATOM   495  C C   . VAL A 1 61  ? -12.170 1.909   4.372   1.00 27.58 ? 61  VAL A C   1 
ATOM   496  O O   . VAL A 1 61  ? -12.169 0.822   4.941   1.00 12.76 ? 61  VAL A O   1 
ATOM   497  C CB  . VAL A 1 61  ? -14.113 2.621   2.833   1.00 18.59 ? 61  VAL A CB  1 
ATOM   498  C CG1 . VAL A 1 61  ? -14.952 1.977   1.727   1.00 17.72 ? 61  VAL A CG1 1 
ATOM   499  C CG2 . VAL A 1 61  ? -14.863 2.692   4.163   1.00 31.19 ? 61  VAL A CG2 1 
ATOM   500  N N   . PHE A 1 62  ? -11.610 2.955   4.951   1.00 20.05 ? 62  PHE A N   1 
ATOM   501  C CA  . PHE A 1 62  ? -11.141 2.839   6.312   1.00 18.33 ? 62  PHE A CA  1 
ATOM   502  C C   . PHE A 1 62  ? -11.283 4.198   7.002   1.00 15.21 ? 62  PHE A C   1 
ATOM   503  O O   . PHE A 1 62  ? -11.380 5.230   6.339   1.00 9.26  ? 62  PHE A O   1 
ATOM   504  C CB  . PHE A 1 62  ? -9.700  2.314   6.290   1.00 2.31  ? 62  PHE A CB  1 
ATOM   505  C CG  . PHE A 1 62  ? -8.720  3.245   5.611   1.00 6.63  ? 62  PHE A CG  1 
ATOM   506  C CD1 . PHE A 1 62  ? -8.321  3.027   4.291   1.00 2.85  ? 62  PHE A CD1 1 
ATOM   507  C CD2 . PHE A 1 62  ? -8.195  4.340   6.298   1.00 3.85  ? 62  PHE A CD2 1 
ATOM   508  C CE1 . PHE A 1 62  ? -7.388  3.829   3.627   1.00 4.74  ? 62  PHE A CE1 1 
ATOM   509  C CE2 . PHE A 1 62  ? -7.273  5.154   5.648   1.00 14.52 ? 62  PHE A CE2 1 
ATOM   510  C CZ  . PHE A 1 62  ? -6.887  4.925   4.333   1.00 9.41  ? 62  PHE A CZ  1 
ATOM   511  N N   . GLU A 1 63  ? -11.314 4.196   8.335   1.00 15.45 ? 63  GLU A N   1 
ATOM   512  C CA  . GLU A 1 63  ? -11.328 5.424   9.087   1.00 11.45 ? 63  GLU A CA  1 
ATOM   513  C C   . GLU A 1 63  ? -10.016 5.455   9.847   1.00 17.92 ? 63  GLU A C   1 
ATOM   514  O O   . GLU A 1 63  ? -9.503  4.406   10.261  1.00 15.01 ? 63  GLU A O   1 
ATOM   515  C CB  . GLU A 1 63  ? -12.457 5.503   10.129  1.00 12.59 ? 63  GLU A CB  1 
ATOM   516  C CG  . GLU A 1 63  ? -13.895 5.256   9.644   1.00 23.58 ? 63  GLU A CG  1 
ATOM   517  C CD  . GLU A 1 63  ? -14.806 5.113   10.842  1.00 40.53 ? 63  GLU A CD  1 
ATOM   518  O OE1 . GLU A 1 63  ? -15.256 4.039   11.245  1.00 41.67 ? 63  GLU A OE1 1 
ATOM   519  O OE2 . GLU A 1 63  ? -14.980 6.255   11.478  1.00 55.43 ? 63  GLU A OE2 1 
ATOM   520  N N   . LEU A 1 64  ? -9.432  6.632   10.018  1.00 11.02 ? 64  LEU A N   1 
ATOM   521  C CA  . LEU A 1 64  ? -8.215  6.749   10.780  1.00 6.62  ? 64  LEU A CA  1 
ATOM   522  C C   . LEU A 1 64  ? -8.442  6.147   12.164  1.00 13.40 ? 64  LEU A C   1 
ATOM   523  O O   . LEU A 1 64  ? -9.532  6.292   12.743  1.00 10.42 ? 64  LEU A O   1 
ATOM   524  C CB  . LEU A 1 64  ? -7.753  8.214   10.844  1.00 13.69 ? 64  LEU A CB  1 
ATOM   525  C CG  . LEU A 1 64  ? -7.600  8.859   9.472   1.00 15.25 ? 64  LEU A CG  1 
ATOM   526  C CD1 . LEU A 1 64  ? -7.429  10.364  9.636   1.00 25.82 ? 64  LEU A CD1 1 
ATOM   527  C CD2 . LEU A 1 64  ? -6.336  8.289   8.849   1.00 16.64 ? 64  LEU A CD2 1 
ATOM   528  N N   . GLY A 1 65  ? -7.433  5.390   12.612  1.00 13.88 ? 65  GLY A N   1 
ATOM   529  C CA  . GLY A 1 65  ? -7.379  4.737   13.916  1.00 10.36 ? 65  GLY A CA  1 
ATOM   530  C C   . GLY A 1 65  ? -8.413  3.670   14.214  1.00 12.09 ? 65  GLY A C   1 
ATOM   531  O O   . GLY A 1 65  ? -8.576  3.156   15.324  1.00 16.67 ? 65  GLY A O   1 
ATOM   532  N N   . VAL A 1 66  ? -9.110  3.257   13.185  1.00 12.48 ? 66  VAL A N   1 
ATOM   533  C CA  . VAL A 1 66  ? -10.014 2.155   13.399  1.00 12.29 ? 66  VAL A CA  1 
ATOM   534  C C   . VAL A 1 66  ? -9.469  0.934   12.655  1.00 16.93 ? 66  VAL A C   1 
ATOM   535  O O   . VAL A 1 66  ? -9.159  1.027   11.471  1.00 10.69 ? 66  VAL A O   1 
ATOM   536  C CB  . VAL A 1 66  ? -11.511 2.447   13.336  1.00 19.43 ? 66  VAL A CB  1 
ATOM   537  C CG1 . VAL A 1 66  ? -11.963 3.919   13.296  1.00 17.78 ? 66  VAL A CG1 1 
ATOM   538  C CG2 . VAL A 1 66  ? -12.244 1.565   12.325  1.00 41.82 ? 66  VAL A CG2 1 
ATOM   539  N N   . ASP A 1 67  ? -9.242  -0.161  13.352  1.00 12.46 ? 67  ASP A N   1 
ATOM   540  C CA  . ASP A 1 67  ? -8.618  -1.333  12.726  1.00 13.21 ? 67  ASP A CA  1 
ATOM   541  C C   . ASP A 1 67  ? -9.462  -1.913  11.643  1.00 10.88 ? 67  ASP A C   1 
ATOM   542  O O   . ASP A 1 67  ? -10.667 -1.977  11.770  1.00 11.96 ? 67  ASP A O   1 
ATOM   543  C CB  . ASP A 1 67  ? -8.496  -2.513  13.693  1.00 26.70 ? 67  ASP A CB  1 
ATOM   544  C CG  . ASP A 1 67  ? -7.425  -2.306  14.714  1.00 32.46 ? 67  ASP A CG  1 
ATOM   545  O OD1 . ASP A 1 67  ? -7.679  -1.858  15.804  1.00 40.31 ? 67  ASP A OD1 1 
ATOM   546  O OD2 . ASP A 1 67  ? -6.222  -2.647  14.317  1.00 53.83 ? 67  ASP A OD2 1 
ATOM   547  N N   . PHE A 1 68  ? -8.845  -2.383  10.570  1.00 12.76 ? 68  PHE A N   1 
ATOM   548  C CA  . PHE A 1 68  ? -9.573  -3.027  9.519   1.00 6.62  ? 68  PHE A CA  1 
ATOM   549  C C   . PHE A 1 68  ? -8.772  -4.222  8.997   1.00 13.98 ? 68  PHE A C   1 
ATOM   550  O O   . PHE A 1 68  ? -7.611  -4.387  9.366   1.00 10.31 ? 68  PHE A O   1 
ATOM   551  C CB  . PHE A 1 68  ? -9.929  -2.101  8.339   1.00 15.02 ? 68  PHE A CB  1 
ATOM   552  C CG  . PHE A 1 68  ? -8.767  -1.507  7.570   1.00 10.70 ? 68  PHE A CG  1 
ATOM   553  C CD1 . PHE A 1 68  ? -8.551  -1.865  6.244   1.00 8.32  ? 68  PHE A CD1 1 
ATOM   554  C CD2 . PHE A 1 68  ? -7.998  -0.499  8.160   1.00 7.38  ? 68  PHE A CD2 1 
ATOM   555  C CE1 . PHE A 1 68  ? -7.483  -1.308  5.550   1.00 12.36 ? 68  PHE A CE1 1 
ATOM   556  C CE2 . PHE A 1 68  ? -6.885  0.022   7.511   1.00 8.71  ? 68  PHE A CE2 1 
ATOM   557  C CZ  . PHE A 1 68  ? -6.672  -0.382  6.192   1.00 13.69 ? 68  PHE A CZ  1 
ATOM   558  N N   . ALA A 1 69  ? -9.414  -5.028  8.152   1.00 9.96  ? 69  ALA A N   1 
ATOM   559  C CA  . ALA A 1 69  ? -8.713  -6.132  7.504   1.00 21.07 ? 69  ALA A CA  1 
ATOM   560  C C   . ALA A 1 69  ? -8.522  -5.816  6.037   1.00 17.16 ? 69  ALA A C   1 
ATOM   561  O O   . ALA A 1 69  ? -9.420  -5.232  5.424   1.00 17.17 ? 69  ALA A O   1 
ATOM   562  C CB  . ALA A 1 69  ? -9.517  -7.421  7.586   1.00 8.78  ? 69  ALA A CB  1 
ATOM   563  N N   . TYR A 1 70  ? -7.393  -6.214  5.472   1.00 5.32  ? 70  TYR A N   1 
ATOM   564  C CA  . TYR A 1 70  ? -7.150  -6.059  4.051   1.00 14.59 ? 70  TYR A CA  1 
ATOM   565  C C   . TYR A 1 70  ? -6.433  -7.302  3.495   1.00 12.54 ? 70  TYR A C   1 
ATOM   566  O O   . TYR A 1 70  ? -5.620  -7.872  4.198   1.00 16.32 ? 70  TYR A O   1 
ATOM   567  C CB  . TYR A 1 70  ? -6.352  -4.754  3.821   1.00 11.89 ? 70  TYR A CB  1 
ATOM   568  C CG  . TYR A 1 70  ? -5.777  -4.577  2.423   1.00 10.65 ? 70  TYR A CG  1 
ATOM   569  C CD1 . TYR A 1 70  ? -4.492  -5.029  2.100   1.00 9.05  ? 70  TYR A CD1 1 
ATOM   570  C CD2 . TYR A 1 70  ? -6.537  -3.923  1.452   1.00 14.04 ? 70  TYR A CD2 1 
ATOM   571  C CE1 . TYR A 1 70  ? -3.954  -4.799  0.837   1.00 12.54 ? 70  TYR A CE1 1 
ATOM   572  C CE2 . TYR A 1 70  ? -6.037  -3.717  0.163   1.00 10.57 ? 70  TYR A CE2 1 
ATOM   573  C CZ  . TYR A 1 70  ? -4.760  -4.195  -0.132  1.00 19.96 ? 70  TYR A CZ  1 
ATOM   574  O OH  . TYR A 1 70  ? -4.284  -3.994  -1.395  1.00 22.17 ? 70  TYR A OH  1 
ATOM   575  N N   . SER A 1 71  ? -6.781  -7.781  2.320   1.00 7.29  ? 71  SER A N   1 
ATOM   576  C CA  . SER A 1 71  ? -6.069  -8.916  1.755   1.00 8.75  ? 71  SER A CA  1 
ATOM   577  C C   . SER A 1 71  ? -5.252  -8.451  0.584   1.00 9.66  ? 71  SER A C   1 
ATOM   578  O O   . SER A 1 71  ? -5.695  -7.626  -0.216  1.00 9.62  ? 71  SER A O   1 
ATOM   579  C CB  . SER A 1 71  ? -7.079  -9.944  1.258   1.00 12.72 ? 71  SER A CB  1 
ATOM   580  O OG  . SER A 1 71  ? -7.701  -10.426 2.427   1.00 19.23 ? 71  SER A OG  1 
ATOM   581  N N   . LEU A 1 72  ? -4.057  -8.979  0.487   1.00 10.57 ? 72  LEU A N   1 
ATOM   582  C CA  . LEU A 1 72  ? -3.119  -8.607  -0.552  1.00 8.85  ? 72  LEU A CA  1 
ATOM   583  C C   . LEU A 1 72  ? -3.570  -9.314  -1.806  1.00 14.71 ? 72  LEU A C   1 
ATOM   584  O O   . LEU A 1 72  ? -4.353  -10.264 -1.707  1.00 16.23 ? 72  LEU A O   1 
ATOM   585  C CB  . LEU A 1 72  ? -1.698  -9.066  -0.167  1.00 16.26 ? 72  LEU A CB  1 
ATOM   586  C CG  . LEU A 1 72  ? -0.802  -8.006  0.450   1.00 17.58 ? 72  LEU A CG  1 
ATOM   587  C CD1 . LEU A 1 72  ? -1.593  -7.159  1.425   1.00 23.42 ? 72  LEU A CD1 1 
ATOM   588  C CD2 . LEU A 1 72  ? 0.273   -8.706  1.254   1.00 15.11 ? 72  LEU A CD2 1 
ATOM   589  N N   . ALA A 1 73  ? -3.041  -8.879  -2.954  1.00 16.68 ? 73  ALA A N   1 
ATOM   590  C CA  . ALA A 1 73  ? -3.369  -9.497  -4.221  1.00 21.24 ? 73  ALA A CA  1 
ATOM   591  C C   . ALA A 1 73  ? -3.138  -11.008 -4.310  1.00 28.00 ? 73  ALA A C   1 
ATOM   592  O O   . ALA A 1 73  ? -3.742  -11.723 -5.099  1.00 30.66 ? 73  ALA A O   1 
ATOM   593  C CB  . ALA A 1 73  ? -2.660  -8.755  -5.338  1.00 24.83 ? 73  ALA A CB  1 
ATOM   594  N N   . ASP A 1 74  ? -2.276  -11.542 -3.462  1.00 22.53 ? 74  ASP A N   1 
ATOM   595  C CA  . ASP A 1 74  ? -2.030  -12.967 -3.517  1.00 25.99 ? 74  ASP A CA  1 
ATOM   596  C C   . ASP A 1 74  ? -2.802  -13.710 -2.445  1.00 32.50 ? 74  ASP A C   1 
ATOM   597  O O   . ASP A 1 74  ? -2.571  -14.901 -2.245  1.00 32.39 ? 74  ASP A O   1 
ATOM   598  C CB  . ASP A 1 74  ? -0.554  -13.273 -3.260  1.00 17.38 ? 74  ASP A CB  1 
ATOM   599  C CG  . ASP A 1 74  ? -0.132  -12.810 -1.901  1.00 37.73 ? 74  ASP A CG  1 
ATOM   600  O OD1 . ASP A 1 74  ? -0.696  -11.958 -1.234  1.00 31.93 ? 74  ASP A OD1 1 
ATOM   601  O OD2 . ASP A 1 74  ? 0.920   -13.468 -1.500  1.00 49.60 ? 74  ASP A OD2 1 
ATOM   602  N N   . GLY A 1 75  ? -3.707  -13.017 -1.748  1.00 31.71 ? 75  GLY A N   1 
ATOM   603  C CA  . GLY A 1 75  ? -4.509  -13.628 -0.699  1.00 26.31 ? 75  GLY A CA  1 
ATOM   604  C C   . GLY A 1 75  ? -3.969  -13.486 0.730   1.00 16.08 ? 75  GLY A C   1 
ATOM   605  O O   . GLY A 1 75  ? -4.623  -13.875 1.679   1.00 16.99 ? 75  GLY A O   1 
ATOM   606  N N   . THR A 1 76  ? -2.805  -12.916 0.959   1.00 12.72 ? 76  THR A N   1 
ATOM   607  C CA  . THR A 1 76  ? -2.441  -12.813 2.352   1.00 17.66 ? 76  THR A CA  1 
ATOM   608  C C   . THR A 1 76  ? -3.136  -11.676 3.053   1.00 21.44 ? 76  THR A C   1 
ATOM   609  O O   . THR A 1 76  ? -3.213  -10.582 2.499   1.00 12.19 ? 76  THR A O   1 
ATOM   610  C CB  . THR A 1 76  ? -0.956  -12.883 2.697   1.00 25.89 ? 76  THR A CB  1 
ATOM   611  O OG1 . THR A 1 76  ? -0.595  -12.016 3.749   1.00 23.81 ? 76  THR A OG1 1 
ATOM   612  C CG2 . THR A 1 76  ? -0.053  -12.922 1.480   1.00 11.03 ? 76  THR A CG2 1 
ATOM   613  N N   . GLU A 1 77  ? -3.722  -12.035 4.191   1.00 14.39 ? 77  GLU A N   1 
ATOM   614  C CA  . GLU A 1 77  ? -4.491  -11.160 5.048   1.00 10.55 ? 77  GLU A CA  1 
ATOM   615  C C   . GLU A 1 77  ? -3.665  -10.412 6.072   1.00 10.02 ? 77  GLU A C   1 
ATOM   616  O O   . GLU A 1 77  ? -2.751  -10.935 6.707   1.00 11.45 ? 77  GLU A O   1 
ATOM   617  C CB  . GLU A 1 77  ? -5.571  -11.982 5.750   1.00 13.66 ? 77  GLU A CB  1 
ATOM   618  C CG  . GLU A 1 77  ? -6.829  -12.088 4.883   1.00 26.51 ? 77  GLU A CG  1 
ATOM   619  C CD  . GLU A 1 77  ? -8.022  -12.537 5.669   1.00 44.70 ? 77  GLU A CD  1 
ATOM   620  O OE1 . GLU A 1 77  ? -7.977  -13.498 6.427   1.00 36.94 ? 77  GLU A OE1 1 
ATOM   621  O OE2 . GLU A 1 77  ? -9.066  -11.756 5.455   1.00 52.71 ? 77  GLU A OE2 1 
ATOM   622  N N   . LEU A 1 78  ? -4.043  -9.149  6.262   1.00 10.29 ? 78  LEU A N   1 
ATOM   623  C CA  . LEU A 1 78  ? -3.374  -8.206  7.139   1.00 7.97  ? 78  LEU A CA  1 
ATOM   624  C C   . LEU A 1 78  ? -4.487  -7.547  7.927   1.00 14.75 ? 78  LEU A C   1 
ATOM   625  O O   . LEU A 1 78  ? -5.614  -7.404  7.451   1.00 10.00 ? 78  LEU A O   1 
ATOM   626  C CB  . LEU A 1 78  ? -2.858  -7.090  6.199   1.00 16.65 ? 78  LEU A CB  1 
ATOM   627  C CG  . LEU A 1 78  ? -1.390  -6.985  5.841   1.00 25.52 ? 78  LEU A CG  1 
ATOM   628  C CD1 . LEU A 1 78  ? -0.623  -8.292  5.770   1.00 13.98 ? 78  LEU A CD1 1 
ATOM   629  C CD2 . LEU A 1 78  ? -1.330  -6.217  4.540   1.00 16.36 ? 78  LEU A CD2 1 
ATOM   630  N N   . THR A 1 79  ? -4.138  -7.088  9.122   1.00 18.14 ? 79  THR A N   1 
ATOM   631  C CA  . THR A 1 79  ? -5.073  -6.311  9.893   1.00 12.52 ? 79  THR A CA  1 
ATOM   632  C C   . THR A 1 79  ? -4.271  -5.161  10.412  1.00 8.87  ? 79  THR A C   1 
ATOM   633  O O   . THR A 1 79  ? -3.121  -5.310  10.749  1.00 9.00  ? 79  THR A O   1 
ATOM   634  C CB  . THR A 1 79  ? -5.726  -7.122  11.018  1.00 13.40 ? 79  THR A CB  1 
ATOM   635  O OG1 . THR A 1 79  ? -6.787  -8.005  10.680  1.00 28.08 ? 79  THR A OG1 1 
ATOM   636  C CG2 . THR A 1 79  ? -4.899  -7.487  12.222  1.00 9.24  ? 79  THR A CG2 1 
ATOM   637  N N   . GLY A 1 80  ? -4.862  -4.000  10.499  1.00 13.31 ? 80  GLY A N   1 
ATOM   638  C CA  . GLY A 1 80  ? -4.079  -2.920  11.068  1.00 12.82 ? 80  GLY A CA  1 
ATOM   639  C C   . GLY A 1 80  ? -4.820  -1.588  11.024  1.00 12.01 ? 80  GLY A C   1 
ATOM   640  O O   . GLY A 1 80  ? -6.038  -1.571  10.903  1.00 11.37 ? 80  GLY A O   1 
ATOM   641  N N   . THR A 1 81  ? -4.096  -0.492  11.153  1.00 9.56  ? 81  THR A N   1 
ATOM   642  C CA  . THR A 1 81  ? -4.740  0.798   11.090  1.00 15.98 ? 81  THR A CA  1 
ATOM   643  C C   . THR A 1 81  ? -3.874  1.734   10.328  1.00 3.98  ? 81  THR A C   1 
ATOM   644  O O   . THR A 1 81  ? -2.681  1.609   10.300  1.00 13.83 ? 81  THR A O   1 
ATOM   645  C CB  . THR A 1 81  ? -4.966  1.415   12.475  1.00 9.64  ? 81  THR A CB  1 
ATOM   646  O OG1 . THR A 1 81  ? -3.759  1.390   13.196  1.00 24.66 ? 81  THR A OG1 1 
ATOM   647  C CG2 . THR A 1 81  ? -6.024  0.651   13.261  1.00 23.56 ? 81  THR A CG2 1 
ATOM   648  N N   . TRP A 1 82  ? -4.478  2.761   9.798   1.00 13.55 ? 82  TRP A N   1 
ATOM   649  C CA  . TRP A 1 82  ? -3.736  3.857   9.239   1.00 7.80  ? 82  TRP A CA  1 
ATOM   650  C C   . TRP A 1 82  ? -3.980  5.004   10.213  1.00 15.72 ? 82  TRP A C   1 
ATOM   651  O O   . TRP A 1 82  ? -5.067  5.197   10.743  1.00 11.60 ? 82  TRP A O   1 
ATOM   652  C CB  . TRP A 1 82  ? -4.378  4.316   7.926   1.00 6.65  ? 82  TRP A CB  1 
ATOM   653  C CG  . TRP A 1 82  ? -4.009  3.536   6.728   1.00 2.73  ? 82  TRP A CG  1 
ATOM   654  C CD1 . TRP A 1 82  ? -4.809  2.664   6.097   1.00 1.00  ? 82  TRP A CD1 1 
ATOM   655  C CD2 . TRP A 1 82  ? -2.787  3.575   5.976   1.00 15.25 ? 82  TRP A CD2 1 
ATOM   656  N NE1 . TRP A 1 82  ? -4.256  2.235   4.928   1.00 1.68  ? 82  TRP A NE1 1 
ATOM   657  C CE2 . TRP A 1 82  ? -2.989  2.743   4.844   1.00 6.28  ? 82  TRP A CE2 1 
ATOM   658  C CE3 . TRP A 1 82  ? -1.548  4.180   6.148   1.00 11.40 ? 82  TRP A CE3 1 
ATOM   659  C CZ2 . TRP A 1 82  ? -1.967  2.465   3.935   1.00 6.65  ? 82  TRP A CZ2 1 
ATOM   660  C CZ3 . TRP A 1 82  ? -0.599  4.034   5.152   1.00 12.64 ? 82  TRP A CZ3 1 
ATOM   661  C CH2 . TRP A 1 82  ? -0.777  3.141   4.089   1.00 5.89  ? 82  TRP A CH2 1 
ATOM   662  N N   . THR A 1 83  ? -2.940  5.759   10.456  1.00 18.75 ? 83  THR A N   1 
ATOM   663  C CA  . THR A 1 83  ? -3.036  6.924   11.280  1.00 20.25 ? 83  THR A CA  1 
ATOM   664  C C   . THR A 1 83  ? -2.331  8.094   10.584  1.00 34.08 ? 83  THR A C   1 
ATOM   665  O O   . THR A 1 83  ? -1.385  7.926   9.784   1.00 10.03 ? 83  THR A O   1 
ATOM   666  C CB  . THR A 1 83  ? -2.502  6.610   12.684  1.00 17.36 ? 83  THR A CB  1 
ATOM   667  O OG1 . THR A 1 83  ? -2.885  7.610   13.611  1.00 35.08 ? 83  THR A OG1 1 
ATOM   668  C CG2 . THR A 1 83  ? -0.990  6.470   12.668  1.00 11.89 ? 83  THR A CG2 1 
ATOM   669  N N   . MET A 1 84  ? -2.835  9.295   10.899  1.00 15.95 ? 84  MET A N   1 
ATOM   670  C CA  . MET A 1 84  ? -2.231  10.486  10.371  1.00 13.51 ? 84  MET A CA  1 
ATOM   671  C C   . MET A 1 84  ? -1.139  10.927  11.314  1.00 21.01 ? 84  MET A C   1 
ATOM   672  O O   . MET A 1 84  ? -1.363  11.101  12.503  1.00 24.60 ? 84  MET A O   1 
ATOM   673  C CB  . MET A 1 84  ? -3.273  11.599  10.248  1.00 18.90 ? 84  MET A CB  1 
ATOM   674  C CG  . MET A 1 84  ? -2.728  12.835  9.574   1.00 35.84 ? 84  MET A CG  1 
ATOM   675  S SD  . MET A 1 84  ? -2.515  12.545  7.804   1.00 57.49 ? 84  MET A SD  1 
ATOM   676  C CE  . MET A 1 84  ? -4.251  12.380  7.291   1.00 37.14 ? 84  MET A CE  1 
ATOM   677  N N   . GLU A 1 85  ? 0.092   10.961  10.847  1.00 15.12 ? 85  GLU A N   1 
ATOM   678  C CA  . GLU A 1 85  ? 1.105   11.627  11.612  1.00 21.14 ? 85  GLU A CA  1 
ATOM   679  C C   . GLU A 1 85  ? 1.658   12.831  10.847  1.00 47.79 ? 85  GLU A C   1 
ATOM   680  O O   . GLU A 1 85  ? 2.371   12.717  9.837   1.00 25.49 ? 85  GLU A O   1 
ATOM   681  C CB  . GLU A 1 85  ? 1.999   10.824  12.566  1.00 35.14 ? 85  GLU A CB  1 
ATOM   682  C CG  . GLU A 1 85  ? 2.698   9.677   11.833  1.00 44.46 ? 85  GLU A CG  1 
ATOM   683  C CD  . GLU A 1 85  ? 4.124   10.063  11.597  1.00 65.60 ? 85  GLU A CD  1 
ATOM   684  O OE1 . GLU A 1 85  ? 4.483   10.787  10.686  1.00 71.94 ? 85  GLU A OE1 1 
ATOM   685  O OE2 . GLU A 1 85  ? 4.907   9.614   12.555  1.00 68.12 ? 85  GLU A OE2 1 
ATOM   686  N N   . GLY A 1 86  ? 1.151   13.997  11.277  1.00 37.30 ? 86  GLY A N   1 
ATOM   687  C CA  . GLY A 1 86  ? 1.387   15.248  10.611  1.00 27.67 ? 86  GLY A CA  1 
ATOM   688  C C   . GLY A 1 86  ? 0.958   15.049  9.173   1.00 28.04 ? 86  GLY A C   1 
ATOM   689  O O   . GLY A 1 86  ? -0.114  14.497  8.939   1.00 48.73 ? 86  GLY A O   1 
ATOM   690  N N   . ASN A 1 87  ? 1.850   15.355  8.228   1.00 39.12 ? 87  ASN A N   1 
ATOM   691  C CA  . ASN A 1 87  ? 1.574   15.251  6.803   1.00 31.03 ? 87  ASN A CA  1 
ATOM   692  C C   . ASN A 1 87  ? 1.623   13.855  6.179   1.00 27.82 ? 87  ASN A C   1 
ATOM   693  O O   . ASN A 1 87  ? 1.310   13.753  4.991   1.00 32.78 ? 87  ASN A O   1 
ATOM   694  C CB  . ASN A 1 87  ? 2.401   16.257  5.982   1.00 42.60 ? 87  ASN A CB  1 
ATOM   695  C CG  . ASN A 1 87  ? 3.901   16.005  5.804   1.00 60.79 ? 87  ASN A CG  1 
ATOM   696  O OD1 . ASN A 1 87  ? 4.415   14.866  5.799   1.00 63.25 ? 87  ASN A OD1 1 
ATOM   697  N ND2 . ASN A 1 87  ? 4.641   17.101  5.624   1.00 58.93 ? 87  ASN A ND2 1 
ATOM   698  N N   . LYS A 1 88  ? 1.998   12.815  6.944   1.00 36.92 ? 88  LYS A N   1 
ATOM   699  C CA  . LYS A 1 88  ? 2.099   11.459  6.428   1.00 15.74 ? 88  LYS A CA  1 
ATOM   700  C C   . LYS A 1 88  ? 0.999   10.624  7.023   1.00 18.01 ? 88  LYS A C   1 
ATOM   701  O O   . LYS A 1 88  ? 0.601   10.848  8.156   1.00 16.28 ? 88  LYS A O   1 
ATOM   702  C CB  . LYS A 1 88  ? 3.282   10.716  6.969   1.00 14.60 ? 88  LYS A CB  1 
ATOM   703  C CG  . LYS A 1 88  ? 4.580   11.128  6.343   1.00 29.63 ? 88  LYS A CG  1 
ATOM   704  C CD  . LYS A 1 88  ? 5.717   10.661  7.228   1.00 31.33 ? 88  LYS A CD  1 
ATOM   705  C CE  . LYS A 1 88  ? 6.995   11.442  6.983   1.00 53.46 ? 88  LYS A CE  1 
ATOM   706  N NZ  . LYS A 1 88  ? 7.191   11.621  5.529   1.00 47.95 ? 88  LYS A NZ  1 
ATOM   707  N N   . LEU A 1 89  ? 0.685   9.571   6.298   1.00 13.92 ? 89  LEU A N   1 
ATOM   708  C CA  . LEU A 1 89  ? -0.291  8.562   6.669   1.00 22.53 ? 89  LEU A CA  1 
ATOM   709  C C   . LEU A 1 89  ? 0.536   7.352   7.120   1.00 10.70 ? 89  LEU A C   1 
ATOM   710  O O   . LEU A 1 89  ? 1.375   6.858   6.359   1.00 12.76 ? 89  LEU A O   1 
ATOM   711  C CB  . LEU A 1 89  ? -1.187  8.327   5.426   1.00 8.68  ? 89  LEU A CB  1 
ATOM   712  C CG  . LEU A 1 89  ? -2.675  7.979   5.508   1.00 28.17 ? 89  LEU A CG  1 
ATOM   713  C CD1 . LEU A 1 89  ? -3.448  8.653   6.635   1.00 20.98 ? 89  LEU A CD1 1 
ATOM   714  C CD2 . LEU A 1 89  ? -3.351  8.262   4.169   1.00 15.20 ? 89  LEU A CD2 1 
ATOM   715  N N   . VAL A 1 90  ? 0.410   6.931   8.372   1.00 8.18  ? 90  VAL A N   1 
ATOM   716  C CA  . VAL A 1 90  ? 1.246   5.818   8.797   1.00 12.82 ? 90  VAL A CA  1 
ATOM   717  C C   . VAL A 1 90  ? 0.339   4.607   9.061   1.00 19.01 ? 90  VAL A C   1 
ATOM   718  O O   . VAL A 1 90  ? -0.593  4.674   9.875   1.00 16.33 ? 90  VAL A O   1 
ATOM   719  C CB  . VAL A 1 90  ? 2.171   6.168   9.979   1.00 11.65 ? 90  VAL A CB  1 
ATOM   720  C CG1 . VAL A 1 90  ? 2.937   4.971   10.541  1.00 12.05 ? 90  VAL A CG1 1 
ATOM   721  C CG2 . VAL A 1 90  ? 3.183   7.277   9.696   1.00 17.52 ? 90  VAL A CG2 1 
ATOM   722  N N   . GLY A 1 91  ? 0.638   3.492   8.356   1.00 20.23 ? 91  GLY A N   1 
ATOM   723  C CA  . GLY A 1 91  ? -0.076  2.218   8.373   1.00 15.99 ? 91  GLY A CA  1 
ATOM   724  C C   . GLY A 1 91  ? 0.710   1.149   9.123   1.00 8.94  ? 91  GLY A C   1 
ATOM   725  O O   . GLY A 1 91  ? 1.846   0.804   8.811   1.00 12.33 ? 91  GLY A O   1 
ATOM   726  N N   . LYS A 1 92  ? 0.108   0.620   10.173  1.00 6.33  ? 92  LYS A N   1 
ATOM   727  C CA  . LYS A 1 92  ? 0.787   -0.369  10.971  1.00 11.41 ? 92  LYS A CA  1 
ATOM   728  C C   . LYS A 1 92  ? -0.069  -1.620  10.904  1.00 12.68 ? 92  LYS A C   1 
ATOM   729  O O   . LYS A 1 92  ? -1.225  -1.617  11.319  1.00 9.53  ? 92  LYS A O   1 
ATOM   730  C CB  . LYS A 1 92  ? 0.914   0.104   12.400  1.00 15.55 ? 92  LYS A CB  1 
ATOM   731  C CG  . LYS A 1 92  ? 2.195   0.924   12.452  1.00 33.99 ? 92  LYS A CG  1 
ATOM   732  C CD  . LYS A 1 92  ? 2.503   1.583   13.784  1.00 27.29 ? 92  LYS A CD  1 
ATOM   733  C CE  . LYS A 1 92  ? 3.998   1.610   14.015  1.00 35.30 ? 92  LYS A CE  1 
ATOM   734  N NZ  . LYS A 1 92  ? 4.349   2.510   15.124  1.00 37.26 ? 92  LYS A NZ  1 
ATOM   735  N N   . PHE A 1 93  ? 0.433   -2.653  10.227  1.00 8.20  ? 93  PHE A N   1 
ATOM   736  C CA  . PHE A 1 93  ? -0.353  -3.848  9.981   1.00 9.30  ? 93  PHE A CA  1 
ATOM   737  C C   . PHE A 1 93  ? 0.393   -5.085  10.441  1.00 12.04 ? 93  PHE A C   1 
ATOM   738  O O   . PHE A 1 93  ? 1.611   -5.031  10.607  1.00 9.21  ? 93  PHE A O   1 
ATOM   739  C CB  . PHE A 1 93  ? -0.588  -3.997  8.476   1.00 6.11  ? 93  PHE A CB  1 
ATOM   740  C CG  . PHE A 1 93  ? -1.347  -2.834  7.903   1.00 10.33 ? 93  PHE A CG  1 
ATOM   741  C CD1 . PHE A 1 93  ? -0.654  -1.759  7.352   1.00 10.72 ? 93  PHE A CD1 1 
ATOM   742  C CD2 . PHE A 1 93  ? -2.741  -2.845  7.933   1.00 5.58  ? 93  PHE A CD2 1 
ATOM   743  C CE1 . PHE A 1 93  ? -1.374  -0.668  6.864   1.00 6.40  ? 93  PHE A CE1 1 
ATOM   744  C CE2 . PHE A 1 93  ? -3.477  -1.737  7.516   1.00 10.76 ? 93  PHE A CE2 1 
ATOM   745  C CZ  . PHE A 1 93  ? -2.770  -0.668  6.973   1.00 5.99  ? 93  PHE A CZ  1 
ATOM   746  N N   . LYS A 1 94  ? -0.378  -6.131  10.706  1.00 6.87  ? 94  LYS A N   1 
ATOM   747  C CA  . LYS A 1 94  ? 0.112   -7.417  11.122  1.00 18.80 ? 94  LYS A CA  1 
ATOM   748  C C   . LYS A 1 94  ? -0.416  -8.475  10.168  1.00 10.32 ? 94  LYS A C   1 
ATOM   749  O O   . LYS A 1 94  ? -1.562  -8.423  9.748   1.00 11.39 ? 94  LYS A O   1 
ATOM   750  C CB  . LYS A 1 94  ? -0.374  -7.685  12.534  1.00 25.73 ? 94  LYS A CB  1 
ATOM   751  C CG  . LYS A 1 94  ? 0.676   -7.247  13.533  1.00 27.52 ? 94  LYS A CG  1 
ATOM   752  C CD  . LYS A 1 94  ? 0.552   -7.963  14.864  1.00 41.32 ? 94  LYS A CD  1 
ATOM   753  C CE  . LYS A 1 94  ? 0.896   -7.020  16.011  1.00 57.82 ? 94  LYS A CE  1 
ATOM   754  N NZ  . LYS A 1 94  ? 0.488   -7.563  17.324  1.00 73.56 ? 94  LYS A NZ  1 
ATOM   755  N N   . ARG A 1 95  ? 0.445   -9.376  9.758   1.00 6.15  ? 95  ARG A N   1 
ATOM   756  C CA  . ARG A 1 95  ? 0.059   -10.497 8.939   1.00 4.81  ? 95  ARG A CA  1 
ATOM   757  C C   . ARG A 1 95  ? -0.714  -11.446 9.809   1.00 2.68  ? 95  ARG A C   1 
ATOM   758  O O   . ARG A 1 95  ? -0.248  -11.807 10.889  1.00 16.07 ? 95  ARG A O   1 
ATOM   759  C CB  . ARG A 1 95  ? 1.370   -11.187 8.648   1.00 8.42  ? 95  ARG A CB  1 
ATOM   760  C CG  . ARG A 1 95  ? 1.929   -10.651 7.346   1.00 15.71 ? 95  ARG A CG  1 
ATOM   761  C CD  . ARG A 1 95  ? 1.985   -11.936 6.561   1.00 34.82 ? 95  ARG A CD  1 
ATOM   762  N NE  . ARG A 1 95  ? 3.240   -12.028 5.908   1.00 19.02 ? 95  ARG A NE  1 
ATOM   763  C CZ  . ARG A 1 95  ? 3.546   -12.922 4.996   1.00 25.24 ? 95  ARG A CZ  1 
ATOM   764  N NH1 . ARG A 1 95  ? 4.673   -12.731 4.324   1.00 28.69 ? 95  ARG A NH1 1 
ATOM   765  N NH2 . ARG A 1 95  ? 2.831   -14.031 4.844   1.00 24.73 ? 95  ARG A NH2 1 
ATOM   766  N N   . VAL A 1 96  ? -1.867  -11.863 9.344   1.00 6.01  ? 96  VAL A N   1 
ATOM   767  C CA  . VAL A 1 96  ? -2.752  -12.769 10.062  1.00 17.83 ? 96  VAL A CA  1 
ATOM   768  C C   . VAL A 1 96  ? -2.108  -14.155 10.204  1.00 15.75 ? 96  VAL A C   1 
ATOM   769  O O   . VAL A 1 96  ? -2.358  -14.893 11.159  1.00 14.84 ? 96  VAL A O   1 
ATOM   770  C CB  . VAL A 1 96  ? -4.049  -12.808 9.257   1.00 17.78 ? 96  VAL A CB  1 
ATOM   771  C CG1 . VAL A 1 96  ? -4.869  -14.052 9.593   1.00 23.93 ? 96  VAL A CG1 1 
ATOM   772  C CG2 . VAL A 1 96  ? -4.863  -11.518 9.465   1.00 18.22 ? 96  VAL A CG2 1 
ATOM   773  N N   . ASP A 1 97  ? -1.208  -14.473 9.274   1.00 16.61 ? 97  ASP A N   1 
ATOM   774  C CA  . ASP A 1 97  ? -0.615  -15.809 9.222   1.00 22.02 ? 97  ASP A CA  1 
ATOM   775  C C   . ASP A 1 97  ? 0.541   -16.052 10.176  1.00 26.05 ? 97  ASP A C   1 
ATOM   776  O O   . ASP A 1 97  ? 0.563   -17.049 10.929  1.00 20.04 ? 97  ASP A O   1 
ATOM   777  C CB  . ASP A 1 97  ? -0.407  -16.343 7.799   1.00 10.78 ? 97  ASP A CB  1 
ATOM   778  C CG  . ASP A 1 97  ? 0.625   -15.551 7.046   1.00 15.35 ? 97  ASP A CG  1 
ATOM   779  O OD1 . ASP A 1 97  ? 0.998   -15.813 5.942   1.00 16.07 ? 97  ASP A OD1 1 
ATOM   780  O OD2 . ASP A 1 97  ? 1.169   -14.596 7.729   1.00 23.12 ? 97  ASP A OD2 1 
ATOM   781  N N   . ASN A 1 98  ? 1.474   -15.101 10.227  1.00 10.93 ? 98  ASN A N   1 
ATOM   782  C CA  . ASN A 1 98  ? 2.611   -15.294 11.078  1.00 8.68  ? 98  ASN A CA  1 
ATOM   783  C C   . ASN A 1 98  ? 2.760   -14.246 12.149  1.00 11.29 ? 98  ASN A C   1 
ATOM   784  O O   . ASN A 1 98  ? 3.704   -14.325 12.920  1.00 13.41 ? 98  ASN A O   1 
ATOM   785  C CB  . ASN A 1 98  ? 3.899   -15.481 10.264  1.00 28.81 ? 98  ASN A CB  1 
ATOM   786  C CG  . ASN A 1 98  ? 4.140   -14.282 9.358   1.00 25.79 ? 98  ASN A CG  1 
ATOM   787  O OD1 . ASN A 1 98  ? 4.964   -14.340 8.425   1.00 16.95 ? 98  ASN A OD1 1 
ATOM   788  N ND2 . ASN A 1 98  ? 3.435   -13.192 9.642   1.00 7.61  ? 98  ASN A ND2 1 
ATOM   789  N N   . GLY A 1 99  ? 1.802   -13.310 12.212  1.00 14.32 ? 99  GLY A N   1 
ATOM   790  C CA  . GLY A 1 99  ? 1.825   -12.248 13.194  1.00 7.64  ? 99  GLY A CA  1 
ATOM   791  C C   . GLY A 1 99  ? 2.952   -11.226 13.061  1.00 13.97 ? 99  GLY A C   1 
ATOM   792  O O   . GLY A 1 99  ? 3.158   -10.388 13.938  1.00 20.35 ? 99  GLY A O   1 
ATOM   793  N N   . LYS A 1 100 ? 3.667   -11.233 11.954  1.00 9.38  ? 100 LYS A N   1 
ATOM   794  C CA  . LYS A 1 100 ? 4.750   -10.278 11.778  1.00 21.15 ? 100 LYS A CA  1 
ATOM   795  C C   . LYS A 1 100 ? 4.202   -8.941  11.250  1.00 18.16 ? 100 LYS A C   1 
ATOM   796  O O   . LYS A 1 100 ? 3.180   -8.904  10.603  1.00 12.19 ? 100 LYS A O   1 
ATOM   797  C CB  . LYS A 1 100 ? 5.870   -10.820 10.909  1.00 16.99 ? 100 LYS A CB  1 
ATOM   798  C CG  . LYS A 1 100 ? 6.604   -11.970 11.562  1.00 17.85 ? 100 LYS A CG  1 
ATOM   799  C CD  . LYS A 1 100 ? 7.344   -12.732 10.476  1.00 31.45 ? 100 LYS A CD  1 
ATOM   800  C CE  . LYS A 1 100 ? 8.387   -13.701 11.035  1.00 36.35 ? 100 LYS A CE  1 
ATOM   801  N NZ  . LYS A 1 100 ? 9.223   -13.063 12.071  1.00 43.46 ? 100 LYS A NZ  1 
ATOM   802  N N   . GLU A 1 101 ? 4.890   -7.852  11.569  1.00 13.28 ? 101 GLU A N   1 
ATOM   803  C CA  . GLU A 1 101 ? 4.477   -6.490  11.312  1.00 13.09 ? 101 GLU A CA  1 
ATOM   804  C C   . GLU A 1 101 ? 5.001   -5.967  10.001  1.00 8.14  ? 101 GLU A C   1 
ATOM   805  O O   . GLU A 1 101 ? 6.147   -6.219  9.649   1.00 15.88 ? 101 GLU A O   1 
ATOM   806  C CB  . GLU A 1 101 ? 4.958   -5.602  12.471  1.00 13.70 ? 101 GLU A CB  1 
ATOM   807  C CG  . GLU A 1 101 ? 4.747   -4.106  12.292  1.00 25.71 ? 101 GLU A CG  1 
ATOM   808  C CD  . GLU A 1 101 ? 4.864   -3.407  13.625  1.00 56.29 ? 101 GLU A CD  1 
ATOM   809  O OE1 . GLU A 1 101 ? 3.906   -2.867  14.157  1.00 56.49 ? 101 GLU A OE1 1 
ATOM   810  O OE2 . GLU A 1 101 ? 6.070   -3.445  14.149  1.00 40.13 ? 101 GLU A OE2 1 
ATOM   811  N N   . LEU A 1 102 ? 4.106   -5.256  9.320   1.00 11.75 ? 102 LEU A N   1 
ATOM   812  C CA  . LEU A 1 102 ? 4.232   -4.565  8.047   1.00 18.03 ? 102 LEU A CA  1 
ATOM   813  C C   . LEU A 1 102 ? 3.944   -3.086  8.299   1.00 19.29 ? 102 LEU A C   1 
ATOM   814  O O   . LEU A 1 102 ? 2.895   -2.724  8.838   1.00 13.47 ? 102 LEU A O   1 
ATOM   815  C CB  . LEU A 1 102 ? 3.307   -5.193  6.979   1.00 20.11 ? 102 LEU A CB  1 
ATOM   816  C CG  . LEU A 1 102 ? 3.266   -4.645  5.549   1.00 17.00 ? 102 LEU A CG  1 
ATOM   817  C CD1 . LEU A 1 102 ? 4.135   -3.432  5.287   1.00 19.22 ? 102 LEU A CD1 1 
ATOM   818  C CD2 . LEU A 1 102 ? 3.636   -5.715  4.529   1.00 22.48 ? 102 LEU A CD2 1 
ATOM   819  N N   . ILE A 1 103 ? 4.940   -2.225  8.043   1.00 11.00 ? 103 ILE A N   1 
ATOM   820  C CA  . ILE A 1 103 ? 4.693   -0.817  8.255   1.00 8.24  ? 103 ILE A CA  1 
ATOM   821  C C   . ILE A 1 103 ? 4.598   -0.166  6.894   1.00 9.25  ? 103 ILE A C   1 
ATOM   822  O O   . ILE A 1 103 ? 5.432   -0.400  6.034   1.00 13.99 ? 103 ILE A O   1 
ATOM   823  C CB  . ILE A 1 103 ? 5.832   -0.187  9.014   1.00 12.70 ? 103 ILE A CB  1 
ATOM   824  C CG1 . ILE A 1 103 ? 6.152   -0.993  10.254  1.00 18.51 ? 103 ILE A CG1 1 
ATOM   825  C CG2 . ILE A 1 103 ? 5.534   1.272   9.345   1.00 18.14 ? 103 ILE A CG2 1 
ATOM   826  C CD1 . ILE A 1 103 ? 5.242   -0.613  11.403  1.00 21.02 ? 103 ILE A CD1 1 
ATOM   827  N N   . ALA A 1 104 ? 3.588   0.651   6.643   1.00 11.50 ? 104 ALA A N   1 
ATOM   828  C CA  . ALA A 1 104 ? 3.479   1.316   5.360   1.00 11.09 ? 104 ALA A CA  1 
ATOM   829  C C   . ALA A 1 104 ? 3.381   2.826   5.549   1.00 12.89 ? 104 ALA A C   1 
ATOM   830  O O   . ALA A 1 104 ? 2.746   3.268   6.509   1.00 19.45 ? 104 ALA A O   1 
ATOM   831  C CB  . ALA A 1 104 ? 2.309   0.734   4.579   1.00 11.23 ? 104 ALA A CB  1 
ATOM   832  N N   . VAL A 1 105 ? 4.108   3.611   4.752   1.00 13.22 ? 105 VAL A N   1 
ATOM   833  C CA  . VAL A 1 105 ? 4.032   5.074   4.897   1.00 21.46 ? 105 VAL A CA  1 
ATOM   834  C C   . VAL A 1 105 ? 3.592   5.702   3.586   1.00 18.74 ? 105 VAL A C   1 
ATOM   835  O O   . VAL A 1 105 ? 4.086   5.363   2.495   1.00 14.48 ? 105 VAL A O   1 
ATOM   836  C CB  . VAL A 1 105 ? 5.361   5.633   5.454   1.00 17.53 ? 105 VAL A CB  1 
ATOM   837  C CG1 . VAL A 1 105 ? 5.337   7.139   5.660   1.00 11.23 ? 105 VAL A CG1 1 
ATOM   838  C CG2 . VAL A 1 105 ? 5.564   5.043   6.839   1.00 11.76 ? 105 VAL A CG2 1 
ATOM   839  N N   . ARG A 1 106 ? 2.677   6.647   3.681   1.00 9.27  ? 106 ARG A N   1 
ATOM   840  C CA  . ARG A 1 106 ? 2.285   7.424   2.535   1.00 6.95  ? 106 ARG A CA  1 
ATOM   841  C C   . ARG A 1 106 ? 2.587   8.882   2.802   1.00 10.99 ? 106 ARG A C   1 
ATOM   842  O O   . ARG A 1 106 ? 2.178   9.449   3.814   1.00 11.83 ? 106 ARG A O   1 
ATOM   843  C CB  . ARG A 1 106 ? 0.791   7.402   2.291   1.00 20.36 ? 106 ARG A CB  1 
ATOM   844  C CG  . ARG A 1 106 ? 0.367   6.203   1.471   1.00 12.18 ? 106 ARG A CG  1 
ATOM   845  C CD  . ARG A 1 106 ? -1.137  6.037   1.477   1.00 16.94 ? 106 ARG A CD  1 
ATOM   846  N NE  . ARG A 1 106 ? -1.452  4.878   0.651   1.00 20.95 ? 106 ARG A NE  1 
ATOM   847  C CZ  . ARG A 1 106 ? -2.554  4.130   0.685   1.00 21.04 ? 106 ARG A CZ  1 
ATOM   848  N NH1 . ARG A 1 106 ? -2.608  3.086   -0.108  1.00 16.30 ? 106 ARG A NH1 1 
ATOM   849  N NH2 . ARG A 1 106 ? -3.530  4.307   1.593   1.00 28.08 ? 106 ARG A NH2 1 
ATOM   850  N N   . GLU A 1 107 ? 3.432   9.426   1.946   1.00 20.12 ? 107 GLU A N   1 
ATOM   851  C CA  . GLU A 1 107 ? 3.735   10.826  1.991   1.00 12.57 ? 107 GLU A CA  1 
ATOM   852  C C   . GLU A 1 107 ? 3.705   11.503  0.623   1.00 15.46 ? 107 GLU A C   1 
ATOM   853  O O   . GLU A 1 107 ? 4.096   10.988  -0.411  1.00 11.01 ? 107 GLU A O   1 
ATOM   854  C CB  . GLU A 1 107 ? 5.013   11.067  2.764   1.00 17.41 ? 107 GLU A CB  1 
ATOM   855  C CG  . GLU A 1 107 ? 6.244   11.197  1.872   1.00 42.61 ? 107 GLU A CG  1 
ATOM   856  C CD  . GLU A 1 107 ? 7.418   11.423  2.776   1.00 44.53 ? 107 GLU A CD  1 
ATOM   857  O OE1 . GLU A 1 107 ? 7.808   12.543  3.058   1.00 51.90 ? 107 GLU A OE1 1 
ATOM   858  O OE2 . GLU A 1 107 ? 7.837   10.307  3.328   1.00 36.18 ? 107 GLU A OE2 1 
ATOM   859  N N   . ILE A 1 108 ? 3.234   12.737  0.586   1.00 19.43 ? 108 ILE A N   1 
ATOM   860  C CA  . ILE A 1 108 ? 3.264   13.373  -0.708  1.00 22.56 ? 108 ILE A CA  1 
ATOM   861  C C   . ILE A 1 108 ? 4.493   14.240  -0.883  1.00 37.24 ? 108 ILE A C   1 
ATOM   862  O O   . ILE A 1 108 ? 5.073   14.711  0.093   1.00 41.03 ? 108 ILE A O   1 
ATOM   863  C CB  . ILE A 1 108 ? 1.945   13.984  -1.146  1.00 36.92 ? 108 ILE A CB  1 
ATOM   864  C CG1 . ILE A 1 108 ? 2.121   15.270  -1.940  1.00 36.87 ? 108 ILE A CG1 1 
ATOM   865  C CG2 . ILE A 1 108 ? 0.936   14.096  -0.016  1.00 31.60 ? 108 ILE A CG2 1 
ATOM   866  C CD1 . ILE A 1 108 ? 0.850   15.554  -2.733  1.00 49.59 ? 108 ILE A CD1 1 
ATOM   867  N N   . SER A 1 109 ? 4.995   14.300  -2.107  1.00 31.91 ? 109 SER A N   1 
ATOM   868  C CA  . SER A 1 109 ? 6.137   15.131  -2.411  1.00 32.50 ? 109 SER A CA  1 
ATOM   869  C C   . SER A 1 109 ? 5.856   15.770  -3.759  1.00 28.06 ? 109 SER A C   1 
ATOM   870  O O   . SER A 1 109 ? 6.054   15.135  -4.790  1.00 33.37 ? 109 SER A O   1 
ATOM   871  C CB  . SER A 1 109 ? 7.440   14.353  -2.379  1.00 34.44 ? 109 SER A CB  1 
ATOM   872  O OG  . SER A 1 109 ? 7.908   14.348  -1.046  1.00 42.56 ? 109 SER A OG  1 
ATOM   873  N N   . GLY A 1 110 ? 5.298   16.982  -3.682  1.00 41.22 ? 110 GLY A N   1 
ATOM   874  C CA  . GLY A 1 110 ? 4.838   17.819  -4.771  1.00 22.56 ? 110 GLY A CA  1 
ATOM   875  C C   . GLY A 1 110 ? 4.523   17.094  -6.059  1.00 40.85 ? 110 GLY A C   1 
ATOM   876  O O   . GLY A 1 110 ? 5.398   16.997  -6.923  1.00 57.39 ? 110 GLY A O   1 
ATOM   877  N N   . ASN A 1 111 ? 3.269   16.735  -6.275  1.00 33.83 ? 111 ASN A N   1 
ATOM   878  C CA  . ASN A 1 111 ? 2.940   15.953  -7.462  1.00 38.62 ? 111 ASN A CA  1 
ATOM   879  C C   . ASN A 1 111 ? 3.202   14.458  -7.325  1.00 24.51 ? 111 ASN A C   1 
ATOM   880  O O   . ASN A 1 111 ? 2.556   13.748  -8.085  1.00 19.61 ? 111 ASN A O   1 
ATOM   881  C CB  . ASN A 1 111 ? 3.418   16.496  -8.832  1.00 47.47 ? 111 ASN A CB  1 
ATOM   882  C CG  . ASN A 1 111 ? 3.971   15.477  -9.837  1.00 61.22 ? 111 ASN A CG  1 
ATOM   883  O OD1 . ASN A 1 111 ? 5.086   15.637  -10.378 1.00 59.28 ? 111 ASN A OD1 1 
ATOM   884  N ND2 . ASN A 1 111 ? 3.209   14.417  -10.145 1.00 50.86 ? 111 ASN A ND2 1 
ATOM   885  N N   . GLU A 1 112 ? 4.054   14.019  -6.376  1.00 13.00 ? 112 GLU A N   1 
ATOM   886  C CA  . GLU A 1 112 ? 4.297   12.603  -6.204  1.00 24.04 ? 112 GLU A CA  1 
ATOM   887  C C   . GLU A 1 112 ? 3.851   12.043  -4.883  1.00 14.82 ? 112 GLU A C   1 
ATOM   888  O O   . GLU A 1 112 ? 4.129   12.662  -3.871  1.00 13.94 ? 112 GLU A O   1 
ATOM   889  C CB  . GLU A 1 112 ? 5.751   12.181  -6.437  1.00 19.00 ? 112 GLU A CB  1 
ATOM   890  C CG  . GLU A 1 112 ? 6.293   12.857  -7.705  1.00 32.42 ? 112 GLU A CG  1 
ATOM   891  C CD  . GLU A 1 112 ? 7.257   12.008  -8.470  1.00 38.01 ? 112 GLU A CD  1 
ATOM   892  O OE1 . GLU A 1 112 ? 7.052   11.587  -9.595  1.00 53.64 ? 112 GLU A OE1 1 
ATOM   893  O OE2 . GLU A 1 112 ? 8.336   11.800  -7.761  1.00 34.81 ? 112 GLU A OE2 1 
ATOM   894  N N   . LEU A 1 113 ? 3.268   10.844  -4.902  1.00 11.74 ? 113 LEU A N   1 
ATOM   895  C CA  . LEU A 1 113 ? 2.872   10.112  -3.701  1.00 5.68  ? 113 LEU A CA  1 
ATOM   896  C C   . LEU A 1 113 ? 3.897   9.001   -3.596  1.00 7.55  ? 113 LEU A C   1 
ATOM   897  O O   . LEU A 1 113 ? 4.115   8.319   -4.585  1.00 16.10 ? 113 LEU A O   1 
ATOM   898  C CB  . LEU A 1 113 ? 1.466   9.491   -3.868  1.00 13.98 ? 113 LEU A CB  1 
ATOM   899  C CG  . LEU A 1 113 ? 0.960   8.426   -2.879  1.00 12.66 ? 113 LEU A CG  1 
ATOM   900  C CD1 . LEU A 1 113 ? 0.558   9.140   -1.598  1.00 22.20 ? 113 LEU A CD1 1 
ATOM   901  C CD2 . LEU A 1 113 ? -0.297  7.773   -3.457  1.00 11.00 ? 113 LEU A CD2 1 
ATOM   902  N N   . ILE A 1 114 ? 4.610   8.921   -2.479  1.00 4.79  ? 114 ILE A N   1 
ATOM   903  C CA  . ILE A 1 114 ? 5.574   7.883   -2.259  1.00 7.58  ? 114 ILE A CA  1 
ATOM   904  C C   . ILE A 1 114 ? 4.984   6.958   -1.209  1.00 13.95 ? 114 ILE A C   1 
ATOM   905  O O   . ILE A 1 114 ? 4.511   7.437   -0.170  1.00 9.17  ? 114 ILE A O   1 
ATOM   906  C CB  . ILE A 1 114 ? 6.818   8.420   -1.590  1.00 18.06 ? 114 ILE A CB  1 
ATOM   907  C CG1 . ILE A 1 114 ? 7.261   9.797   -2.069  1.00 21.68 ? 114 ILE A CG1 1 
ATOM   908  C CG2 . ILE A 1 114 ? 7.925   7.379   -1.496  1.00 9.89  ? 114 ILE A CG2 1 
ATOM   909  C CD1 . ILE A 1 114 ? 7.654   9.767   -3.525  1.00 36.67 ? 114 ILE A CD1 1 
ATOM   910  N N   . GLN A 1 115 ? 5.007   5.654   -1.482  1.00 12.85 ? 115 GLN A N   1 
ATOM   911  C CA  . GLN A 1 115 ? 4.536   4.687   -0.504  1.00 6.52  ? 115 GLN A CA  1 
ATOM   912  C C   . GLN A 1 115 ? 5.736   3.837   -0.182  1.00 18.77 ? 115 GLN A C   1 
ATOM   913  O O   . GLN A 1 115 ? 6.350   3.280   -1.097  1.00 19.03 ? 115 GLN A O   1 
ATOM   914  C CB  . GLN A 1 115 ? 3.440   3.735   -0.995  1.00 12.28 ? 115 GLN A CB  1 
ATOM   915  C CG  . GLN A 1 115 ? 2.128   4.466   -1.294  1.00 21.57 ? 115 GLN A CG  1 
ATOM   916  C CD  . GLN A 1 115 ? 0.906   3.561   -1.403  1.00 20.66 ? 115 GLN A CD  1 
ATOM   917  O OE1 . GLN A 1 115 ? -0.209  3.991   -1.072  1.00 27.49 ? 115 GLN A OE1 1 
ATOM   918  N NE2 . GLN A 1 115 ? 1.082   2.329   -1.885  1.00 22.14 ? 115 GLN A NE2 1 
ATOM   919  N N   . THR A 1 116 ? 6.070   3.777   1.101   1.00 10.49 ? 116 THR A N   1 
ATOM   920  C CA  . THR A 1 116 ? 7.218   3.024   1.499   1.00 14.29 ? 116 THR A CA  1 
ATOM   921  C C   . THR A 1 116 ? 6.774   1.917   2.430   1.00 14.71 ? 116 THR A C   1 
ATOM   922  O O   . THR A 1 116 ? 5.929   2.133   3.308   1.00 11.28 ? 116 THR A O   1 
ATOM   923  C CB  . THR A 1 116 ? 8.342   3.867   2.111   1.00 19.51 ? 116 THR A CB  1 
ATOM   924  O OG1 . THR A 1 116 ? 7.881   4.249   3.372   1.00 44.93 ? 116 THR A OG1 1 
ATOM   925  C CG2 . THR A 1 116 ? 8.542   5.151   1.339   1.00 6.30  ? 116 THR A CG2 1 
ATOM   926  N N   . TYR A 1 117 ? 7.307   0.725   2.140   1.00 11.01 ? 117 TYR A N   1 
ATOM   927  C CA  . TYR A 1 117 ? 6.941   -0.483  2.884   1.00 13.41 ? 117 TYR A CA  1 
ATOM   928  C C   . TYR A 1 117 ? 8.133   -1.085  3.533   1.00 5.65  ? 117 TYR A C   1 
ATOM   929  O O   . TYR A 1 117 ? 9.179   -1.102  2.924   1.00 7.71  ? 117 TYR A O   1 
ATOM   930  C CB  . TYR A 1 117 ? 6.295   -1.625  2.086   1.00 17.24 ? 117 TYR A CB  1 
ATOM   931  C CG  . TYR A 1 117 ? 5.381   -1.252  0.943   1.00 19.80 ? 117 TYR A CG  1 
ATOM   932  C CD1 . TYR A 1 117 ? 4.280   -0.420  1.178   1.00 20.91 ? 117 TYR A CD1 1 
ATOM   933  C CD2 . TYR A 1 117 ? 5.538   -1.844  -0.310  1.00 9.71  ? 117 TYR A CD2 1 
ATOM   934  C CE1 . TYR A 1 117 ? 3.332   -0.188  0.182   1.00 19.84 ? 117 TYR A CE1 1 
ATOM   935  C CE2 . TYR A 1 117 ? 4.640   -1.552  -1.337  1.00 16.02 ? 117 TYR A CE2 1 
ATOM   936  C CZ  . TYR A 1 117 ? 3.521   -0.763  -1.069  1.00 16.89 ? 117 TYR A CZ  1 
ATOM   937  O OH  . TYR A 1 117 ? 2.599   -0.523  -2.041  1.00 20.89 ? 117 TYR A OH  1 
ATOM   938  N N   . THR A 1 118 ? 7.911   -1.528  4.766   1.00 10.44 ? 118 THR A N   1 
ATOM   939  C CA  . THR A 1 118 ? 8.967   -2.195  5.481   1.00 20.26 ? 118 THR A CA  1 
ATOM   940  C C   . THR A 1 118 ? 8.479   -3.496  6.112   1.00 13.41 ? 118 THR A C   1 
ATOM   941  O O   . THR A 1 118 ? 7.375   -3.545  6.681   1.00 12.28 ? 118 THR A O   1 
ATOM   942  C CB  . THR A 1 118 ? 9.790   -1.269  6.404   1.00 20.92 ? 118 THR A CB  1 
ATOM   943  O OG1 . THR A 1 118 ? 9.229   -1.235  7.699   1.00 51.02 ? 118 THR A OG1 1 
ATOM   944  C CG2 . THR A 1 118 ? 9.841   0.163   5.885   1.00 12.33 ? 118 THR A CG2 1 
ATOM   945  N N   . TYR A 1 119 ? 9.307   -4.538  6.030   1.00 10.94 ? 119 TYR A N   1 
ATOM   946  C CA  . TYR A 1 119 ? 8.957   -5.847  6.578   1.00 17.08 ? 119 TYR A CA  1 
ATOM   947  C C   . TYR A 1 119 ? 10.229  -6.616  6.844   1.00 12.59 ? 119 TYR A C   1 
ATOM   948  O O   . TYR A 1 119 ? 11.038  -6.865  5.948   1.00 14.10 ? 119 TYR A O   1 
ATOM   949  C CB  . TYR A 1 119 ? 8.160   -6.631  5.521   1.00 15.20 ? 119 TYR A CB  1 
ATOM   950  C CG  . TYR A 1 119 ? 7.727   -8.007  5.946   1.00 14.04 ? 119 TYR A CG  1 
ATOM   951  C CD1 . TYR A 1 119 ? 6.718   -8.165  6.898   1.00 9.98  ? 119 TYR A CD1 1 
ATOM   952  C CD2 . TYR A 1 119 ? 8.266   -9.161  5.369   1.00 11.63 ? 119 TYR A CD2 1 
ATOM   953  C CE1 . TYR A 1 119 ? 6.234   -9.420  7.275   1.00 11.78 ? 119 TYR A CE1 1 
ATOM   954  C CE2 . TYR A 1 119 ? 7.870   -10.422 5.819   1.00 10.32 ? 119 TYR A CE2 1 
ATOM   955  C CZ  . TYR A 1 119 ? 6.824   -10.563 6.730   1.00 12.10 ? 119 TYR A CZ  1 
ATOM   956  O OH  . TYR A 1 119 ? 6.328   -11.802 7.067   1.00 15.73 ? 119 TYR A OH  1 
ATOM   957  N N   . GLU A 1 120 ? 10.390  -6.981  8.086   1.00 14.33 ? 120 GLU A N   1 
ATOM   958  C CA  . GLU A 1 120 ? 11.488  -7.827  8.481   1.00 17.15 ? 120 GLU A CA  1 
ATOM   959  C C   . GLU A 1 120 ? 12.847  -7.288  8.028   1.00 26.81 ? 120 GLU A C   1 
ATOM   960  O O   . GLU A 1 120 ? 13.607  -8.018  7.382   1.00 20.72 ? 120 GLU A O   1 
ATOM   961  C CB  . GLU A 1 120 ? 11.160  -9.263  8.013   1.00 16.92 ? 120 GLU A CB  1 
ATOM   962  C CG  . GLU A 1 120 ? 9.946   -9.872  8.749   1.00 12.37 ? 120 GLU A CG  1 
ATOM   963  C CD  . GLU A 1 120 ? 10.093  -9.975  10.248  1.00 21.50 ? 120 GLU A CD  1 
ATOM   964  O OE1 . GLU A 1 120 ? 9.438   -9.343  11.064  1.00 32.92 ? 120 GLU A OE1 1 
ATOM   965  O OE2 . GLU A 1 120 ? 11.019  -10.833 10.618  1.00 43.68 ? 120 GLU A OE2 1 
ATOM   966  N N   . GLY A 1 121 ? 13.109  -5.978  8.240   1.00 17.01 ? 121 GLY A N   1 
ATOM   967  C CA  . GLY A 1 121 ? 14.342  -5.309  7.840   1.00 11.29 ? 121 GLY A CA  1 
ATOM   968  C C   . GLY A 1 121 ? 14.521  -4.967  6.361   1.00 9.08  ? 121 GLY A C   1 
ATOM   969  O O   . GLY A 1 121 ? 15.571  -4.496  5.917   1.00 12.03 ? 121 GLY A O   1 
ATOM   970  N N   . VAL A 1 122 ? 13.491  -5.177  5.559   1.00 17.55 ? 122 VAL A N   1 
ATOM   971  C CA  . VAL A 1 122 ? 13.533  -4.869  4.134   1.00 11.71 ? 122 VAL A CA  1 
ATOM   972  C C   . VAL A 1 122 ? 12.587  -3.701  3.888   1.00 16.28 ? 122 VAL A C   1 
ATOM   973  O O   . VAL A 1 122 ? 11.471  -3.658  4.396   1.00 18.46 ? 122 VAL A O   1 
ATOM   974  C CB  . VAL A 1 122 ? 13.128  -6.045  3.241   1.00 5.48  ? 122 VAL A CB  1 
ATOM   975  C CG1 . VAL A 1 122 ? 13.260  -5.639  1.784   1.00 12.39 ? 122 VAL A CG1 1 
ATOM   976  C CG2 . VAL A 1 122 ? 14.138  -7.145  3.451   1.00 11.50 ? 122 VAL A CG2 1 
ATOM   977  N N   . GLU A 1 123 ? 13.071  -2.726  3.131   1.00 10.90 ? 123 GLU A N   1 
ATOM   978  C CA  . GLU A 1 123 ? 12.341  -1.530  2.811   1.00 12.43 ? 123 GLU A CA  1 
ATOM   979  C C   . GLU A 1 123 ? 12.179  -1.404  1.310   1.00 16.69 ? 123 GLU A C   1 
ATOM   980  O O   . GLU A 1 123 ? 13.091  -1.690  0.555   1.00 19.10 ? 123 GLU A O   1 
ATOM   981  C CB  . GLU A 1 123 ? 13.136  -0.322  3.303   1.00 18.44 ? 123 GLU A CB  1 
ATOM   982  C CG  . GLU A 1 123 ? 12.291  0.971   3.319   1.00 18.42 ? 123 GLU A CG  1 
ATOM   983  C CD  . GLU A 1 123 ? 12.947  2.028   4.204   1.00 45.57 ? 123 GLU A CD  1 
ATOM   984  O OE1 . GLU A 1 123 ? 12.874  2.021   5.444   1.00 32.25 ? 123 GLU A OE1 1 
ATOM   985  O OE2 . GLU A 1 123 ? 13.603  2.917   3.471   1.00 25.99 ? 123 GLU A OE2 1 
ATOM   986  N N   . ALA A 1 124 ? 10.990  -1.081  0.850   1.00 5.09  ? 124 ALA A N   1 
ATOM   987  C CA  . ALA A 1 124 ? 10.823  -0.943  -0.579  1.00 13.84 ? 124 ALA A CA  1 
ATOM   988  C C   . ALA A 1 124 ? 9.984   0.312   -0.795  1.00 16.09 ? 124 ALA A C   1 
ATOM   989  O O   . ALA A 1 124 ? 9.374   0.743   0.173   1.00 16.11 ? 124 ALA A O   1 
ATOM   990  C CB  . ALA A 1 124 ? 10.154  -2.182  -1.146  1.00 13.08 ? 124 ALA A CB  1 
ATOM   991  N N   . LYS A 1 125 ? 10.004  0.915   -1.991  1.00 13.88 ? 125 LYS A N   1 
ATOM   992  C CA  . LYS A 1 125 ? 9.202   2.100   -2.244  1.00 10.99 ? 125 LYS A CA  1 
ATOM   993  C C   . LYS A 1 125 ? 8.536   1.992   -3.586  1.00 16.64 ? 125 LYS A C   1 
ATOM   994  O O   . LYS A 1 125 ? 9.154   1.528   -4.563  1.00 19.10 ? 125 LYS A O   1 
ATOM   995  C CB  . LYS A 1 125 ? 10.035  3.359   -2.403  1.00 13.56 ? 125 LYS A CB  1 
ATOM   996  C CG  . LYS A 1 125 ? 10.643  3.888   -1.127  1.00 22.61 ? 125 LYS A CG  1 
ATOM   997  C CD  . LYS A 1 125 ? 11.520  5.070   -1.491  1.00 32.23 ? 125 LYS A CD  1 
ATOM   998  C CE  . LYS A 1 125 ? 12.480  5.431   -0.361  1.00 47.40 ? 125 LYS A CE  1 
ATOM   999  N NZ  . LYS A 1 125 ? 13.760  5.988   -0.853  1.00 52.24 ? 125 LYS A NZ  1 
ATOM   1000 N N   . ARG A 1 126 ? 7.311   2.527   -3.633  1.00 12.59 ? 126 ARG A N   1 
ATOM   1001 C CA  . ARG A 1 126 ? 6.565   2.741   -4.853  1.00 14.45 ? 126 ARG A CA  1 
ATOM   1002 C C   . ARG A 1 126 ? 6.270   4.222   -4.978  1.00 13.46 ? 126 ARG A C   1 
ATOM   1003 O O   . ARG A 1 126 ? 5.805   4.791   -4.005  1.00 12.33 ? 126 ARG A O   1 
ATOM   1004 C CB  . ARG A 1 126 ? 5.318   1.880   -4.941  1.00 9.78  ? 126 ARG A CB  1 
ATOM   1005 C CG  . ARG A 1 126 ? 5.604   0.428   -4.593  1.00 9.26  ? 126 ARG A CG  1 
ATOM   1006 C CD  . ARG A 1 126 ? 4.613   -0.517  -5.253  1.00 10.33 ? 126 ARG A CD  1 
ATOM   1007 N NE  . ARG A 1 126 ? 4.740   -0.680  -6.699  1.00 10.62 ? 126 ARG A NE  1 
ATOM   1008 C CZ  . ARG A 1 126 ? 3.809   -1.316  -7.426  1.00 17.91 ? 126 ARG A CZ  1 
ATOM   1009 N NH1 . ARG A 1 126 ? 3.947   -1.519  -8.755  1.00 7.97  ? 126 ARG A NH1 1 
ATOM   1010 N NH2 . ARG A 1 126 ? 2.725   -1.789  -6.776  1.00 12.14 ? 126 ARG A NH2 1 
ATOM   1011 N N   . ILE A 1 127 ? 6.550   4.782   -6.167  1.00 11.98 ? 127 ILE A N   1 
ATOM   1012 C CA  . ILE A 1 127 ? 6.310   6.190   -6.490  1.00 19.55 ? 127 ILE A CA  1 
ATOM   1013 C C   . ILE A 1 127 ? 5.259   6.398   -7.588  1.00 10.77 ? 127 ILE A C   1 
ATOM   1014 O O   . ILE A 1 127 ? 5.349   5.854   -8.705  1.00 13.64 ? 127 ILE A O   1 
ATOM   1015 C CB  . ILE A 1 127 ? 7.566   6.958   -6.902  1.00 16.92 ? 127 ILE A CB  1 
ATOM   1016 C CG1 . ILE A 1 127 ? 8.855   6.539   -6.202  1.00 16.46 ? 127 ILE A CG1 1 
ATOM   1017 C CG2 . ILE A 1 127 ? 7.312   8.442   -6.742  1.00 21.09 ? 127 ILE A CG2 1 
ATOM   1018 C CD1 . ILE A 1 127 ? 8.834   6.646   -4.702  1.00 29.76 ? 127 ILE A CD1 1 
ATOM   1019 N N   . PHE A 1 128 ? 4.299   7.258   -7.253  1.00 9.05  ? 128 PHE A N   1 
ATOM   1020 C CA  . PHE A 1 128 ? 3.125   7.520   -8.043  1.00 9.77  ? 128 PHE A CA  1 
ATOM   1021 C C   . PHE A 1 128 ? 3.099   8.973   -8.479  1.00 28.14 ? 128 PHE A C   1 
ATOM   1022 O O   . PHE A 1 128 ? 3.481   9.886   -7.744  1.00 12.95 ? 128 PHE A O   1 
ATOM   1023 C CB  . PHE A 1 128 ? 1.763   7.199   -7.369  1.00 8.64  ? 128 PHE A CB  1 
ATOM   1024 C CG  . PHE A 1 128 ? 1.614   5.795   -6.834  1.00 17.37 ? 128 PHE A CG  1 
ATOM   1025 C CD1 . PHE A 1 128 ? 0.700   4.916   -7.408  1.00 10.23 ? 128 PHE A CD1 1 
ATOM   1026 C CD2 . PHE A 1 128 ? 2.333   5.382   -5.710  1.00 18.72 ? 128 PHE A CD2 1 
ATOM   1027 C CE1 . PHE A 1 128 ? 0.554   3.628   -6.884  1.00 17.91 ? 128 PHE A CE1 1 
ATOM   1028 C CE2 . PHE A 1 128 ? 2.168   4.115   -5.143  1.00 14.76 ? 128 PHE A CE2 1 
ATOM   1029 C CZ  . PHE A 1 128 ? 1.293   3.223   -5.768  1.00 9.43  ? 128 PHE A CZ  1 
ATOM   1030 N N   . LYS A 1 129 ? 2.549   9.190   -9.661  1.00 16.42 ? 129 LYS A N   1 
ATOM   1031 C CA  . LYS A 1 129 ? 2.399   10.514  -10.242 1.00 18.73 ? 129 LYS A CA  1 
ATOM   1032 C C   . LYS A 1 129 ? 0.915   10.850  -10.314 1.00 21.74 ? 129 LYS A C   1 
ATOM   1033 O O   . LYS A 1 129 ? 0.130   9.993   -10.723 1.00 20.67 ? 129 LYS A O   1 
ATOM   1034 C CB  . LYS A 1 129 ? 2.893   10.364  -11.672 1.00 20.18 ? 129 LYS A CB  1 
ATOM   1035 C CG  . LYS A 1 129 ? 4.370   10.608  -11.837 1.00 41.67 ? 129 LYS A CG  1 
ATOM   1036 C CD  . LYS A 1 129 ? 4.665   11.526  -13.017 1.00 43.08 ? 129 LYS A CD  1 
ATOM   1037 C CE  . LYS A 1 129 ? 5.882   12.418  -12.745 1.00 67.43 ? 129 LYS A CE  1 
ATOM   1038 N NZ  . LYS A 1 129 ? 6.922   11.808  -11.882 1.00 68.45 ? 129 LYS A NZ  1 
ATOM   1039 N N   . LYS A 1 130 ? 0.553   12.098  -9.996  1.00 20.66 ? 130 LYS A N   1 
ATOM   1040 C CA  . LYS A 1 130 ? -0.814  12.595  -10.079 1.00 38.30 ? 130 LYS A CA  1 
ATOM   1041 C C   . LYS A 1 130 ? -1.379  12.520  -11.492 1.00 37.85 ? 130 LYS A C   1 
ATOM   1042 O O   . LYS A 1 130 ? -0.752  13.019  -12.422 1.00 53.63 ? 130 LYS A O   1 
ATOM   1043 C CB  . LYS A 1 130 ? -0.977  14.029  -9.556  1.00 26.76 ? 130 LYS A CB  1 
ATOM   1044 C CG  . LYS A 1 130 ? -1.954  14.093  -8.397  1.00 27.22 ? 130 LYS A CG  1 
ATOM   1045 C CD  . LYS A 1 130 ? -3.177  14.975  -8.604  1.00 41.55 ? 130 LYS A CD  1 
ATOM   1046 C CE  . LYS A 1 130 ? -3.391  16.096  -7.600  1.00 39.55 ? 130 LYS A CE  1 
ATOM   1047 N NZ  . LYS A 1 130 ? -2.447  16.132  -6.470  1.00 61.64 ? 130 LYS A NZ  1 
ATOM   1048 N N   . GLU A 1 131 ? -2.591  12.003  -11.680 1.00 29.17 ? 131 GLU A N   1 
ATOM   1049 C CA  . GLU A 1 131 ? -3.124  12.031  -13.018 1.00 33.23 ? 131 GLU A CA  1 
ATOM   1050 C C   . GLU A 1 131 ? -3.610  13.368  -13.535 1.00 54.98 ? 131 GLU A C   1 
ATOM   1051 O O   . GLU A 1 131 ? -3.029  14.431  -13.234 1.00 76.58 ? 131 GLU A O   1 
ATOM   1052 C CB  . GLU A 1 131 ? -3.705  10.789  -13.698 1.00 41.72 ? 131 GLU A CB  1 
ATOM   1053 C CG  . GLU A 1 131 ? -2.962  10.640  -15.037 1.00 63.20 ? 131 GLU A CG  1 
ATOM   1054 C CD  . GLU A 1 131 ? -3.505  9.536   -15.884 1.00 71.47 ? 131 GLU A CD  1 
ATOM   1055 O OE1 . GLU A 1 131 ? -2.870  9.004   -16.784 1.00 72.58 ? 131 GLU A OE1 1 
ATOM   1056 O OE2 . GLU A 1 131 ? -4.722  9.206   -15.489 1.00 78.35 ? 131 GLU A OE2 1 
ATOM   1057 O OXT . GLU A 1 131 ? -4.533  13.414  -14.368 1.00 68.81 ? 131 GLU A OXT 1 
HETATM 1058 C C1  . PLM B 2 .   ? -4.803  1.158   1.685   1.00 16.42 ? 133 PLM A C1  1 
HETATM 1059 O O1  . PLM B 2 .   ? -4.856  1.900   2.652   1.00 29.83 ? 133 PLM A O1  1 
HETATM 1060 O O2  . PLM B 2 .   ? -4.686  1.576   0.440   1.00 19.39 ? 133 PLM A O2  1 
HETATM 1061 C C2  . PLM B 2 .   ? -4.901  -0.355  1.817   1.00 19.31 ? 133 PLM A C2  1 
HETATM 1062 C C3  . PLM B 2 .   ? -3.848  -0.898  2.759   1.00 22.20 ? 133 PLM A C3  1 
HETATM 1063 C C4  . PLM B 2 .   ? -2.528  -1.164  2.037   1.00 20.10 ? 133 PLM A C4  1 
HETATM 1064 C C5  . PLM B 2 .   ? -1.404  -1.178  3.048   1.00 27.82 ? 133 PLM A C5  1 
HETATM 1065 C C6  . PLM B 2 .   ? -0.512  -2.380  2.834   1.00 26.49 ? 133 PLM A C6  1 
HETATM 1066 C C7  . PLM B 2 .   ? -0.119  -2.579  1.386   1.00 24.49 ? 133 PLM A C7  1 
HETATM 1067 C C8  . PLM B 2 .   ? 0.992   -3.622  1.315   1.00 20.75 ? 133 PLM A C8  1 
HETATM 1068 C C9  . PLM B 2 .   ? 1.425   -4.039  -0.079  1.00 19.93 ? 133 PLM A C9  1 
HETATM 1069 C CA  . PLM B 2 .   ? 2.449   -5.173  -0.021  1.00 48.12 ? 133 PLM A CA  1 
HETATM 1070 C CB  . PLM B 2 .   ? 2.989   -5.654  -1.363  1.00 26.54 ? 133 PLM A CB  1 
HETATM 1071 C CC  . PLM B 2 .   ? 1.965   -6.362  -2.230  1.00 32.72 ? 133 PLM A CC  1 
HETATM 1072 C CD  . PLM B 2 .   ? 2.501   -7.546  -3.023  1.00 40.39 ? 133 PLM A CD  1 
HETATM 1073 C CE  . PLM B 2 .   ? 1.546   -8.053  -4.101  1.00 31.59 ? 133 PLM A CE  1 
HETATM 1074 C CF  . PLM B 2 .   ? 1.148   -9.509  -3.908  1.00 24.70 ? 133 PLM A CF  1 
HETATM 1075 C CG  . PLM B 2 .   ? 0.894   -10.249 -5.219  1.00 51.03 ? 133 PLM A CG  1 
HETATM 1076 O O   . HOH C 3 .   ? -8.227  7.097   -14.121 1.00 34.60 ? 134 HOH A O   1 
HETATM 1077 O O   . HOH C 3 .   ? -6.725  13.385  1.544   1.00 30.29 ? 135 HOH A O   1 
HETATM 1078 O O   . HOH C 3 .   ? 2.865   14.014  2.886   1.00 24.45 ? 136 HOH A O   1 
HETATM 1079 O O   . HOH C 3 .   ? 8.533   -3.570  9.894   1.00 31.03 ? 137 HOH A O   1 
HETATM 1080 O O   . HOH C 3 .   ? 4.920   13.686  9.474   1.00 41.86 ? 138 HOH A O   1 
HETATM 1081 O O   . HOH C 3 .   ? -0.998  -0.009  -2.082  1.00 24.56 ? 139 HOH A O   1 
HETATM 1082 O O   . HOH C 3 .   ? -8.127  3.810   -9.263  1.00 20.51 ? 140 HOH A O   1 
HETATM 1083 O O   . HOH C 3 .   ? 17.820  3.572   -1.613  1.00 51.65 ? 141 HOH A O   1 
HETATM 1084 O O   . HOH C 3 .   ? -4.752  -0.244  -13.484 1.00 30.84 ? 142 HOH A O   1 
HETATM 1085 O O   . HOH C 3 .   ? 15.103  3.887   -2.005  1.00 33.01 ? 143 HOH A O   1 
HETATM 1086 O O   . HOH C 3 .   ? 14.561  10.565  -1.526  1.00 28.51 ? 144 HOH A O   1 
HETATM 1087 O O   . HOH C 3 .   ? 13.769  4.016   -7.553  1.00 34.87 ? 145 HOH A O   1 
HETATM 1088 O O   . HOH C 3 .   ? 11.030  4.626   -13.988 1.00 51.55 ? 146 HOH A O   1 
HETATM 1089 O O   . HOH C 3 .   ? 3.362   -1.513  -13.302 1.00 24.01 ? 147 HOH A O   1 
HETATM 1090 O O   . HOH C 3 .   ? 0.964   -6.441  -18.471 1.00 46.40 ? 148 HOH A O   1 
HETATM 1091 O O   . HOH C 3 .   ? -10.190 15.831  1.707   1.00 26.43 ? 149 HOH A O   1 
HETATM 1092 O O   . HOH C 3 .   ? 11.344  -4.240  9.783   1.00 24.84 ? 150 HOH A O   1 
HETATM 1093 O O   . HOH C 3 .   ? 6.501   4.519   11.346  1.00 45.29 ? 151 HOH A O   1 
HETATM 1094 O O   . HOH C 3 .   ? -9.181  18.487  -1.754  1.00 35.51 ? 152 HOH A O   1 
HETATM 1095 O O   . HOH C 3 .   ? 11.914  -2.286  -7.947  1.00 26.78 ? 153 HOH A O   1 
HETATM 1096 O O   . HOH C 3 .   ? -7.963  -5.597  -13.335 1.00 20.97 ? 154 HOH A O   1 
HETATM 1097 O O   . HOH C 3 .   ? 10.140  9.168   -8.726  1.00 48.37 ? 155 HOH A O   1 
HETATM 1098 O O   . HOH C 3 .   ? 12.299  13.060  -7.417  1.00 33.63 ? 156 HOH A O   1 
HETATM 1099 O O   . HOH C 3 .   ? 3.868   7.329   -14.398 1.00 46.23 ? 157 HOH A O   1 
HETATM 1100 O O   . HOH C 3 .   ? 5.186   -1.008  -11.514 1.00 31.56 ? 158 HOH A O   1 
HETATM 1101 O O   . HOH C 3 .   ? 15.342  1.091   -8.666  1.00 20.20 ? 159 HOH A O   1 
HETATM 1102 O O   . HOH C 3 .   ? 4.686   -13.799 -17.061 1.00 50.56 ? 160 HOH A O   1 
HETATM 1103 O O   . HOH C 3 .   ? -1.525  -9.280  -12.899 1.00 47.31 ? 161 HOH A O   1 
HETATM 1104 O O   . HOH C 3 .   ? 8.458   -6.950  10.259  1.00 10.16 ? 162 HOH A O   1 
HETATM 1105 O O   . HOH C 3 .   ? -1.312  -16.208 4.333   1.00 36.62 ? 163 HOH A O   1 
HETATM 1106 O O   . HOH C 3 .   ? 2.475   20.994  -5.448  1.00 45.06 ? 164 HOH A O   1 
HETATM 1107 O O   . HOH C 3 .   ? -13.826 8.778   1.644   1.00 23.03 ? 165 HOH A O   1 
HETATM 1108 O O   . HOH C 3 .   ? -11.999 15.986  4.861   1.00 34.05 ? 166 HOH A O   1 
HETATM 1109 O O   . HOH C 3 .   ? 2.190   -2.376  -3.925  1.00 11.24 ? 167 HOH A O   1 
HETATM 1110 O O   . HOH C 3 .   ? -2.194  -5.895  -2.721  1.00 32.32 ? 168 HOH A O   1 
HETATM 1111 O O   . HOH C 3 .   ? 0.784   -7.939  -13.428 1.00 31.10 ? 169 HOH A O   1 
HETATM 1112 O O   . HOH C 3 .   ? -4.089  -0.033  -2.211  1.00 23.90 ? 170 HOH A O   1 
HETATM 1113 O O   . HOH C 3 .   ? 4.688   20.270  -2.223  1.00 53.18 ? 171 HOH A O   1 
HETATM 1114 O O   . HOH C 3 .   ? 6.545   7.858   10.814  1.00 42.26 ? 172 HOH A O   1 
HETATM 1115 O O   . HOH C 3 .   ? 7.598   1.900   5.909   1.00 19.41 ? 173 HOH A O   1 
HETATM 1116 O O   . HOH C 3 .   ? -7.530  2.578   9.928   1.00 10.20 ? 174 HOH A O   1 
HETATM 1117 O O   . HOH C 3 .   ? -11.301 1.485   9.519   1.00 8.27  ? 175 HOH A O   1 
HETATM 1118 O O   . HOH C 3 .   ? -12.920 -1.966  2.949   1.00 36.06 ? 176 HOH A O   1 
HETATM 1119 O O   . HOH C 3 .   ? -9.852  -3.400  3.285   1.00 35.52 ? 177 HOH A O   1 
HETATM 1120 O O   . HOH C 3 .   ? -8.955  -6.512  0.714   1.00 25.56 ? 178 HOH A O   1 
HETATM 1121 O O   . HOH C 3 .   ? -6.399  -10.809 -5.843  1.00 41.52 ? 179 HOH A O   1 
HETATM 1122 O O   . HOH C 3 .   ? -11.885 7.245   -4.207  1.00 18.99 ? 180 HOH A O   1 
HETATM 1123 O O   . HOH C 3 .   ? 1.143   3.010   -13.876 1.00 30.63 ? 181 HOH A O   1 
HETATM 1124 O O   . HOH C 3 .   ? 14.048  -5.566  -6.096  1.00 22.71 ? 182 HOH A O   1 
HETATM 1125 O O   . HOH C 3 .   ? 2.179   -5.499  -6.526  1.00 11.34 ? 183 HOH A O   1 
HETATM 1126 O O   . HOH C 3 .   ? -4.148  -4.530  -6.963  1.00 25.77 ? 184 HOH A O   1 
HETATM 1127 O O   . HOH C 3 .   ? 7.276   -8.416  13.334  1.00 22.78 ? 185 HOH A O   1 
HETATM 1128 O O   . HOH C 3 .   ? 12.269  15.101  -10.052 1.00 22.92 ? 186 HOH A O   1 
HETATM 1129 O O   . HOH C 3 .   ? 9.264   5.866   -15.370 1.00 49.28 ? 187 HOH A O   1 
HETATM 1130 O O   . HOH C 3 .   ? 10.242  -3.287  -9.314  1.00 39.75 ? 188 HOH A O   1 
HETATM 1131 O O   . HOH C 3 .   ? 12.682  -4.863  -7.802  1.00 27.95 ? 189 HOH A O   1 
HETATM 1132 O O   . HOH C 3 .   ? 12.712  6.256   -6.945  1.00 38.53 ? 190 HOH A O   1 
HETATM 1133 O O   . HOH C 3 .   ? 6.646   7.158   2.097   1.00 21.93 ? 191 HOH A O   1 
HETATM 1134 O O   . HOH C 3 .   ? -1.546  -13.226 6.290   1.00 31.58 ? 192 HOH A O   1 
HETATM 1135 O O   . HOH C 3 .   ? -0.544  -3.217  -4.103  1.00 36.96 ? 193 HOH A O   1 
HETATM 1136 O O   . HOH C 3 .   ? -12.822 14.668  -2.580  1.00 51.68 ? 194 HOH A O   1 
# 
